data_7L0L
#
_entry.id   7L0L
#
_cell.length_a   1.00
_cell.length_b   1.00
_cell.length_c   1.00
_cell.angle_alpha   90.00
_cell.angle_beta   90.00
_cell.angle_gamma   90.00
#
_symmetry.space_group_name_H-M   'P 1'
#
loop_
_entity.id
_entity.type
_entity.pdbx_description
1 polymer '316-310-1B11 Light Chain'
2 polymer 'Hemagglutinin HA1 chain'
3 polymer 'Hemagglutinin HA2 chain'
4 polymer '316-310-1B11 Heavy Chain'
5 non-polymer 2-acetamido-2-deoxy-beta-D-glucopyranose
#
loop_
_entity_poly.entity_id
_entity_poly.type
_entity_poly.pdbx_seq_one_letter_code
_entity_poly.pdbx_strand_id
1 'polypeptide(L)'
;EIVLTQSPGTLSLSPGDRATLSCRASQSVPSSYLAWYRHKPGQAPRLLIYGASSRATGIPDRFSGSGSGTDFSLTISRVE
PEDFAVYYCQQYGSSPYTFGRGTKLDIKRTVAAPSVFIFPPSDEQLKSGTASVVCLLNNFYPREAKVQWKVDNALQSGNS
QESVTEQDSKDSTYSLSSTLTLSKADYEKHKVYACEVTHQGLSSPVTKSFNRGEC
;
L,J,K
2 'polypeptide(L)'
;MAIIYLILLFTAVRGDQICIGYHANNSTEKVDTICERNVTVTHAKDILEKTHNGKLCKLNGIPPLELGDCSIAGWLLGNP
ECDRLLSVPEWSYIMEKENPRDGLCYPGSFNDYEELKHLLSSVKHFEKVKILPKDRWTQHTTTGGSRACAVSGNPSFFRN
MVWLTKKGSNYPVAQGSYNNTSGEQMLIIWGVHHPNDETEQRTLYQNVGTYVSVGTSTLNKRSTPEIATRPKVNGQGGRM
EFSWTLLDMWDTINFESTGNLIAPEYGFKISKRGSSGIMKTEGTLENCETKCQTPLGAINTTLPFHNVHPLTIGECPKYV
KSEKLVLATGLRNVPQIESRRRRRR
;
A,C,D
3 'polypeptide(L)'
;GLFGAIAGFIEGGWQGMVDGWYGYHHSNDQGSGYAADKESTQKAFDCITNKVNSVIEKMNTQFEAVGKEFSNLERRLENL
NKKMEDGFLDVWTYNAELLVLMENERTLDFHDSNVKNLYDKVRMQLRDNVKELGNGCFEFYHKCDDECMNSVKNGTYDYP
KYEEESKLNRNEIKGVKGRLVPRGSPGSGYIPEAPRDGQAYVRKDGEWVLLSTFLGHHHHHH
;
B,E,F
4 'polypeptide(L)'
;QVQLVQSGAEVKKPGSSVKVSCKTSGGIFRSNAISWVRQAPGQGLEWMGGVVAIFGTTNYAQNFQGRVTITADESSSTVY
MELSRLRSEDTAVYYCARHSGYHITNTFFDYWGQGTLVTVSSASTKGPSVFPLAPSSKSTSGGTAALGCLVKDYFPEPVT
VSWNSGALTSGVHTFPAVLQSSGLYSLSSVVTVPSSSLGTQTYICNVNHKPSNTKVDKKVEPKSCDKGLEVLFQGP
;
H,G,I
#
# COMPACT_ATOMS: atom_id res chain seq x y z
N GLU A 1 34.46 -46.40 8.48
CA GLU A 1 33.40 -46.36 9.48
C GLU A 1 33.98 -46.17 10.87
N ILE A 2 33.70 -45.02 11.47
CA ILE A 2 34.21 -44.67 12.79
C ILE A 2 33.23 -45.19 13.84
N VAL A 3 33.72 -46.03 14.75
CA VAL A 3 32.91 -46.57 15.83
C VAL A 3 33.14 -45.73 17.08
N LEU A 4 32.06 -45.35 17.74
CA LEU A 4 32.12 -44.51 18.93
C LEU A 4 31.88 -45.37 20.16
N THR A 5 32.82 -45.34 21.10
CA THR A 5 32.78 -46.13 22.31
C THR A 5 32.56 -45.23 23.51
N GLN A 6 31.55 -45.54 24.31
CA GLN A 6 31.25 -44.80 25.52
C GLN A 6 31.57 -45.67 26.74
N SER A 7 32.44 -45.16 27.61
CA SER A 7 33.00 -45.95 28.70
C SER A 7 32.07 -46.09 29.91
N PRO A 8 31.46 -45.01 30.43
CA PRO A 8 30.66 -45.17 31.66
C PRO A 8 29.51 -46.16 31.53
N GLY A 9 28.63 -45.99 30.56
CA GLY A 9 27.53 -46.91 30.38
C GLY A 9 26.43 -46.71 31.40
N THR A 10 26.72 -47.04 32.66
CA THR A 10 25.80 -46.85 33.77
C THR A 10 26.44 -45.90 34.77
N LEU A 11 25.71 -44.84 35.14
CA LEU A 11 26.25 -43.83 36.05
C LEU A 11 25.13 -43.41 36.99
N SER A 12 25.10 -44.01 38.18
CA SER A 12 24.11 -43.65 39.18
C SER A 12 24.58 -42.41 39.95
N LEU A 13 23.72 -41.40 40.00
CA LEU A 13 24.06 -40.15 40.66
C LEU A 13 22.83 -39.62 41.38
N SER A 14 23.02 -38.53 42.11
CA SER A 14 21.97 -37.81 42.82
C SER A 14 22.04 -36.35 42.44
N PRO A 15 20.91 -35.61 42.53
CA PRO A 15 20.92 -34.19 42.15
C PRO A 15 21.98 -33.38 42.87
N GLY A 16 22.97 -32.89 42.13
CA GLY A 16 24.07 -32.15 42.71
C GLY A 16 25.42 -32.70 42.33
N ASP A 17 25.48 -34.00 42.08
CA ASP A 17 26.73 -34.63 41.67
C ASP A 17 27.14 -34.17 40.29
N ARG A 18 28.45 -34.05 40.08
CA ARG A 18 28.97 -33.72 38.75
C ARG A 18 28.89 -34.94 37.84
N ALA A 19 28.35 -34.75 36.65
CA ALA A 19 28.22 -35.81 35.65
C ALA A 19 29.19 -35.54 34.51
N THR A 20 30.07 -36.49 34.24
CA THR A 20 31.04 -36.38 33.16
C THR A 20 30.92 -37.60 32.27
N LEU A 21 30.50 -37.38 31.03
CA LEU A 21 30.26 -38.45 30.07
C LEU A 21 31.33 -38.40 28.99
N SER A 22 31.97 -39.52 28.73
CA SER A 22 33.10 -39.60 27.81
C SER A 22 32.72 -40.42 26.58
N CYS A 23 33.04 -39.88 25.40
CA CYS A 23 32.83 -40.56 24.14
C CYS A 23 34.17 -40.71 23.44
N ARG A 24 34.51 -41.94 23.06
CA ARG A 24 35.79 -42.25 22.43
C ARG A 24 35.55 -42.71 20.99
N ALA A 25 36.46 -42.32 20.10
CA ALA A 25 36.34 -42.60 18.67
C ALA A 25 37.54 -43.41 18.21
N SER A 26 37.28 -44.40 17.34
CA SER A 26 38.37 -45.22 16.81
C SER A 26 39.25 -44.43 15.86
N GLN A 27 38.71 -43.38 15.23
CA GLN A 27 39.46 -42.52 14.34
C GLN A 27 39.17 -41.07 14.68
N SER A 28 40.10 -40.19 14.29
CA SER A 28 39.91 -38.76 14.55
C SER A 28 38.72 -38.24 13.75
N VAL A 29 37.82 -37.56 14.44
CA VAL A 29 36.63 -36.99 13.80
C VAL A 29 37.02 -35.68 13.12
N PRO A 30 36.85 -35.57 11.80
CA PRO A 30 37.29 -34.34 11.12
C PRO A 30 36.47 -33.13 11.55
N SER A 31 37.16 -32.01 11.73
CA SER A 31 36.57 -30.71 12.07
C SER A 31 35.79 -30.75 13.38
N SER A 32 36.05 -31.74 14.22
CA SER A 32 35.39 -31.86 15.53
C SER A 32 33.87 -31.86 15.39
N TYR A 33 33.37 -32.59 14.39
CA TYR A 33 31.94 -32.72 14.15
C TYR A 33 31.39 -33.84 15.01
N LEU A 34 31.00 -33.49 16.25
CA LEU A 34 30.38 -34.44 17.15
C LEU A 34 29.26 -33.74 17.92
N ALA A 35 28.19 -34.47 18.19
CA ALA A 35 27.01 -33.92 18.85
C ALA A 35 26.54 -34.84 19.96
N TRP A 36 25.79 -34.28 20.90
CA TRP A 36 25.23 -35.01 22.02
C TRP A 36 23.72 -34.86 22.05
N TYR A 37 23.02 -35.97 22.24
CA TYR A 37 21.56 -36.00 22.24
C TYR A 37 21.06 -36.61 23.53
N ARG A 38 19.93 -36.08 24.01
CA ARG A 38 19.25 -36.60 25.19
C ARG A 38 17.96 -37.29 24.76
N HIS A 39 17.81 -38.55 25.15
CA HIS A 39 16.70 -39.39 24.69
C HIS A 39 16.00 -40.00 25.91
N LYS A 40 15.03 -39.28 26.44
CA LYS A 40 14.17 -39.84 27.47
C LYS A 40 13.23 -40.87 26.84
N PRO A 41 13.05 -42.04 27.45
CA PRO A 41 12.22 -43.08 26.81
C PRO A 41 10.80 -42.59 26.56
N GLY A 42 10.25 -42.97 25.41
CA GLY A 42 8.94 -42.56 25.01
C GLY A 42 8.86 -41.17 24.40
N GLN A 43 9.98 -40.49 24.21
CA GLN A 43 10.00 -39.14 23.67
C GLN A 43 11.08 -39.02 22.61
N ALA A 44 10.89 -38.06 21.70
CA ALA A 44 11.86 -37.84 20.64
C ALA A 44 13.18 -37.32 21.21
N PRO A 45 14.31 -37.81 20.70
CA PRO A 45 15.61 -37.31 21.17
C PRO A 45 15.77 -35.83 20.89
N ARG A 46 16.51 -35.16 21.76
CA ARG A 46 16.65 -33.71 21.71
C ARG A 46 18.13 -33.35 21.74
N LEU A 47 18.49 -32.34 20.95
CA LEU A 47 19.88 -31.96 20.74
C LEU A 47 20.37 -31.10 21.90
N LEU A 48 21.47 -31.52 22.53
CA LEU A 48 22.09 -30.76 23.61
C LEU A 48 23.25 -29.90 23.11
N ILE A 49 24.27 -30.52 22.54
CA ILE A 49 25.50 -29.85 22.14
C ILE A 49 25.84 -30.26 20.72
N TYR A 50 26.22 -29.29 19.89
CA TYR A 50 26.66 -29.56 18.54
C TYR A 50 28.06 -28.97 18.34
N GLY A 51 28.88 -29.67 17.57
CA GLY A 51 30.24 -29.23 17.34
C GLY A 51 31.19 -29.49 18.49
N ALA A 52 30.73 -30.17 19.55
CA ALA A 52 31.52 -30.57 20.71
C ALA A 52 31.89 -29.38 21.59
N SER A 53 31.58 -28.17 21.15
CA SER A 53 31.86 -26.98 21.94
C SER A 53 30.79 -25.90 21.86
N SER A 54 29.68 -26.14 21.17
CA SER A 54 28.64 -25.13 20.99
C SER A 54 27.34 -25.64 21.58
N ARG A 55 26.70 -24.80 22.39
CA ARG A 55 25.47 -25.17 23.07
C ARG A 55 24.26 -24.82 22.20
N ALA A 56 23.33 -25.77 22.09
CA ALA A 56 22.15 -25.57 21.28
C ALA A 56 21.20 -24.56 21.92
N THR A 57 20.32 -23.99 21.11
CA THR A 57 19.38 -22.99 21.58
C THR A 57 18.37 -23.61 22.54
N GLY A 58 18.10 -22.90 23.63
CA GLY A 58 17.17 -23.37 24.64
C GLY A 58 17.75 -24.33 25.64
N ILE A 59 19.01 -24.71 25.49
CA ILE A 59 19.63 -25.66 26.41
C ILE A 59 19.98 -24.93 27.71
N PRO A 60 19.67 -25.51 28.88
CA PRO A 60 20.11 -24.89 30.13
C PRO A 60 21.63 -24.83 30.23
N ASP A 61 22.11 -23.81 30.93
CA ASP A 61 23.55 -23.53 30.95
C ASP A 61 24.35 -24.67 31.57
N ARG A 62 23.71 -25.53 32.36
CA ARG A 62 24.44 -26.60 33.02
C ARG A 62 25.02 -27.59 32.03
N PHE A 63 24.44 -27.71 30.85
CA PHE A 63 24.95 -28.63 29.83
C PHE A 63 26.09 -27.98 29.06
N SER A 64 27.22 -28.66 29.01
CA SER A 64 28.37 -28.18 28.26
C SER A 64 29.29 -29.36 27.95
N GLY A 65 30.15 -29.18 26.95
CA GLY A 65 31.06 -30.22 26.54
C GLY A 65 32.26 -29.65 25.84
N SER A 66 33.30 -30.49 25.73
CA SER A 66 34.54 -30.10 25.07
C SER A 66 35.28 -31.35 24.63
N GLY A 67 36.22 -31.17 23.73
CA GLY A 67 37.03 -32.28 23.25
C GLY A 67 37.55 -31.99 21.85
N SER A 68 38.41 -32.89 21.39
CA SER A 68 39.00 -32.81 20.06
C SER A 68 39.63 -34.16 19.76
N GLY A 69 39.97 -34.36 18.49
CA GLY A 69 40.59 -35.61 18.09
C GLY A 69 39.65 -36.78 18.29
N THR A 70 40.13 -37.80 19.01
CA THR A 70 39.35 -38.99 19.30
C THR A 70 38.72 -38.97 20.69
N ASP A 71 38.93 -37.90 21.46
CA ASP A 71 38.43 -37.80 22.82
C ASP A 71 37.43 -36.67 22.91
N PHE A 72 36.21 -36.99 23.36
CA PHE A 72 35.17 -35.99 23.56
C PHE A 72 34.47 -36.27 24.89
N SER A 73 33.92 -35.23 25.49
CA SER A 73 33.30 -35.38 26.80
C SER A 73 32.12 -34.43 26.93
N LEU A 74 31.14 -34.83 27.73
CA LEU A 74 30.00 -34.01 28.10
C LEU A 74 30.00 -33.84 29.61
N THR A 75 29.86 -32.60 30.08
CA THR A 75 29.91 -32.29 31.49
C THR A 75 28.62 -31.61 31.92
N ILE A 76 28.02 -32.10 33.00
CA ILE A 76 26.85 -31.48 33.61
C ILE A 76 27.25 -31.11 35.03
N SER A 77 27.46 -29.81 35.26
CA SER A 77 27.96 -29.36 36.56
C SER A 77 26.97 -29.67 37.67
N ARG A 78 25.68 -29.41 37.44
CA ARG A 78 24.64 -29.64 38.43
C ARG A 78 23.56 -30.53 37.81
N VAL A 79 23.25 -31.63 38.49
CA VAL A 79 22.26 -32.58 38.00
C VAL A 79 20.89 -32.20 38.56
N GLU A 80 19.91 -32.16 37.68
CA GLU A 80 18.52 -31.86 38.01
C GLU A 80 17.71 -33.13 37.85
N PRO A 81 16.47 -33.15 38.36
CA PRO A 81 15.64 -34.34 38.21
C PRO A 81 15.33 -34.69 36.76
N GLU A 82 15.44 -33.74 35.83
CA GLU A 82 15.15 -34.00 34.43
C GLU A 82 16.38 -34.43 33.63
N ASP A 83 17.53 -34.61 34.29
CA ASP A 83 18.76 -35.03 33.62
C ASP A 83 19.01 -36.53 33.77
N PHE A 84 17.96 -37.33 33.84
CA PHE A 84 18.07 -38.78 33.95
C PHE A 84 17.47 -39.41 32.69
N ALA A 85 18.33 -39.75 31.75
CA ALA A 85 17.93 -40.33 30.46
C ALA A 85 19.18 -40.96 29.84
N VAL A 86 19.06 -41.39 28.59
CA VAL A 86 20.16 -42.00 27.87
C VAL A 86 20.80 -40.94 26.98
N TYR A 87 22.12 -40.83 27.04
CA TYR A 87 22.86 -39.82 26.30
C TYR A 87 23.72 -40.49 25.22
N TYR A 88 23.57 -40.01 23.99
CA TYR A 88 24.30 -40.55 22.84
C TYR A 88 25.26 -39.50 22.31
N CYS A 89 26.40 -39.97 21.80
CA CYS A 89 27.36 -39.14 21.10
C CYS A 89 27.36 -39.55 19.63
N GLN A 90 27.15 -38.58 18.75
CA GLN A 90 27.08 -38.82 17.31
C GLN A 90 28.12 -37.97 16.59
N GLN A 91 28.85 -38.58 15.67
CA GLN A 91 29.79 -37.88 14.81
C GLN A 91 29.17 -37.70 13.43
N TYR A 92 29.27 -36.49 12.90
CA TYR A 92 28.74 -36.18 11.57
C TYR A 92 29.82 -35.62 10.65
N GLY A 93 31.08 -36.04 10.85
CA GLY A 93 32.16 -35.63 9.98
C GLY A 93 32.54 -36.70 8.98
N SER A 94 31.99 -37.90 9.14
CA SER A 94 32.26 -39.02 8.25
C SER A 94 30.97 -39.46 7.60
N SER A 95 31.10 -40.19 6.49
CA SER A 95 29.93 -40.56 5.69
C SER A 95 28.90 -41.42 6.43
N PRO A 96 29.27 -42.50 7.11
CA PRO A 96 28.23 -43.40 7.66
C PRO A 96 27.32 -42.78 8.71
N TYR A 97 27.75 -41.71 9.39
CA TYR A 97 26.98 -41.09 10.47
C TYR A 97 26.68 -42.10 11.58
N THR A 98 27.73 -42.54 12.25
CA THR A 98 27.58 -43.51 13.32
C THR A 98 27.13 -42.84 14.61
N PHE A 99 26.61 -43.66 15.52
CA PHE A 99 26.12 -43.20 16.82
C PHE A 99 26.88 -43.89 17.95
N GLY A 100 26.76 -43.31 19.14
CA GLY A 100 27.37 -43.90 20.31
C GLY A 100 26.54 -45.01 20.91
N ARG A 101 27.15 -45.70 21.87
CA ARG A 101 26.47 -46.82 22.54
C ARG A 101 25.28 -46.33 23.36
N GLY A 102 25.44 -45.25 24.10
CA GLY A 102 24.40 -44.74 24.97
C GLY A 102 24.67 -45.07 26.43
N THR A 103 24.40 -44.10 27.31
CA THR A 103 24.66 -44.23 28.73
C THR A 103 23.41 -43.84 29.50
N LYS A 104 22.88 -44.76 30.29
CA LYS A 104 21.74 -44.48 31.15
C LYS A 104 22.20 -44.01 32.52
N LEU A 105 21.57 -42.95 33.01
CA LEU A 105 21.86 -42.40 34.34
C LEU A 105 20.76 -42.86 35.30
N ASP A 106 21.17 -43.48 36.40
CA ASP A 106 20.24 -44.01 37.38
C ASP A 106 20.18 -43.11 38.61
N ILE A 107 19.17 -43.34 39.45
CA ILE A 107 18.97 -42.60 40.68
C ILE A 107 19.52 -43.43 41.84
N LYS A 108 20.39 -42.84 42.64
CA LYS A 108 20.97 -43.53 43.78
C LYS A 108 19.94 -43.72 44.88
N ASP B 16 44.99 -29.19 -17.33
CA ASP B 16 44.19 -29.11 -16.12
C ASP B 16 43.35 -27.85 -16.12
N GLN B 17 42.05 -27.99 -15.85
CA GLN B 17 41.13 -26.85 -15.85
C GLN B 17 40.21 -26.93 -14.64
N ILE B 18 39.76 -25.75 -14.22
CA ILE B 18 38.73 -25.61 -13.19
C ILE B 18 37.70 -24.62 -13.73
N CYS B 19 36.43 -24.87 -13.43
CA CYS B 19 35.34 -24.08 -14.00
C CYS B 19 34.38 -23.67 -12.90
N ILE B 20 33.62 -22.61 -13.18
CA ILE B 20 32.55 -22.13 -12.30
C ILE B 20 31.24 -22.23 -13.06
N GLY B 21 30.25 -22.85 -12.45
CA GLY B 21 29.00 -23.07 -13.12
C GLY B 21 27.80 -23.07 -12.20
N TYR B 22 26.61 -23.24 -12.78
CA TYR B 22 25.37 -23.12 -12.02
C TYR B 22 24.41 -24.23 -12.44
N HIS B 23 23.51 -24.56 -11.52
CA HIS B 23 22.64 -25.73 -11.64
C HIS B 23 21.53 -25.50 -12.66
N ALA B 24 21.19 -26.55 -13.40
CA ALA B 24 20.09 -26.52 -14.35
C ALA B 24 19.39 -27.87 -14.34
N ASN B 25 18.12 -27.86 -14.73
CA ASN B 25 17.31 -29.08 -14.74
C ASN B 25 16.30 -28.99 -15.88
N ASN B 26 15.33 -29.90 -15.88
CA ASN B 26 14.32 -29.98 -16.92
C ASN B 26 13.02 -29.29 -16.53
N SER B 27 13.08 -28.28 -15.68
CA SER B 27 11.87 -27.60 -15.24
C SER B 27 11.32 -26.70 -16.34
N THR B 28 10.00 -26.48 -16.28
CA THR B 28 9.34 -25.53 -17.17
C THR B 28 8.51 -24.51 -16.39
N GLU B 29 8.67 -24.44 -15.07
CA GLU B 29 7.94 -23.49 -14.26
C GLU B 29 8.33 -22.06 -14.63
N LYS B 30 7.33 -21.19 -14.75
CA LYS B 30 7.55 -19.83 -15.23
C LYS B 30 7.06 -18.83 -14.19
N VAL B 31 7.84 -17.77 -14.00
CA VAL B 31 7.53 -16.71 -13.05
C VAL B 31 7.63 -15.37 -13.78
N ASP B 32 6.96 -14.37 -13.22
CA ASP B 32 6.91 -13.04 -13.79
C ASP B 32 7.77 -12.10 -12.96
N THR B 33 8.51 -11.22 -13.65
CA THR B 33 9.34 -10.22 -12.99
C THR B 33 9.00 -8.83 -13.52
N ILE B 34 9.80 -7.83 -13.18
CA ILE B 34 9.53 -6.47 -13.61
C ILE B 34 9.91 -6.29 -15.08
N CYS B 35 11.15 -6.61 -15.44
CA CYS B 35 11.58 -6.44 -16.82
C CYS B 35 11.03 -7.50 -17.76
N GLU B 36 10.87 -8.74 -17.29
CA GLU B 36 10.57 -9.84 -18.18
C GLU B 36 9.31 -10.57 -17.72
N ARG B 37 8.65 -11.21 -18.68
CA ARG B 37 7.49 -12.05 -18.44
C ARG B 37 7.80 -13.47 -18.89
N ASN B 38 7.22 -14.44 -18.19
CA ASN B 38 7.36 -15.86 -18.51
C ASN B 38 8.84 -16.27 -18.51
N VAL B 39 9.45 -16.18 -17.34
CA VAL B 39 10.85 -16.54 -17.14
C VAL B 39 10.90 -17.94 -16.55
N THR B 40 11.60 -18.84 -17.24
CA THR B 40 11.73 -20.21 -16.74
C THR B 40 12.70 -20.26 -15.57
N VAL B 41 12.32 -20.96 -14.50
CA VAL B 41 13.15 -21.10 -13.32
C VAL B 41 13.28 -22.58 -12.99
N THR B 42 14.38 -22.91 -12.31
CA THR B 42 14.64 -24.29 -11.93
C THR B 42 13.60 -24.80 -10.93
N HIS B 43 13.24 -23.97 -9.96
CA HIS B 43 12.23 -24.32 -8.97
C HIS B 43 11.36 -23.11 -8.69
N ALA B 44 10.08 -23.35 -8.43
CA ALA B 44 9.17 -22.27 -8.10
C ALA B 44 8.07 -22.81 -7.20
N LYS B 45 7.44 -21.91 -6.45
CA LYS B 45 6.37 -22.28 -5.53
C LYS B 45 5.18 -21.37 -5.76
N ASP B 46 4.02 -21.96 -5.99
CA ASP B 46 2.76 -21.21 -6.12
C ASP B 46 2.14 -21.08 -4.74
N ILE B 47 1.86 -19.85 -4.33
CA ILE B 47 1.32 -19.57 -3.01
C ILE B 47 -0.10 -19.03 -3.07
N LEU B 48 -0.88 -19.42 -4.08
CA LEU B 48 -2.28 -19.03 -4.21
C LEU B 48 -3.12 -20.30 -4.26
N GLU B 49 -4.15 -20.36 -3.43
CA GLU B 49 -5.05 -21.51 -3.42
C GLU B 49 -6.27 -21.24 -4.28
N LYS B 50 -6.53 -22.13 -5.24
CA LYS B 50 -7.62 -21.93 -6.18
C LYS B 50 -8.60 -23.09 -6.22
N THR B 51 -8.53 -24.03 -5.28
CA THR B 51 -9.30 -25.26 -5.33
C THR B 51 -10.23 -25.33 -4.12
N HIS B 52 -11.50 -25.62 -4.36
CA HIS B 52 -12.48 -25.83 -3.31
C HIS B 52 -13.28 -27.09 -3.64
N ASN B 53 -13.60 -27.88 -2.61
CA ASN B 53 -14.33 -29.11 -2.83
C ASN B 53 -15.75 -28.89 -3.32
N GLY B 54 -16.30 -27.70 -3.12
CA GLY B 54 -17.63 -27.38 -3.59
C GLY B 54 -18.77 -27.88 -2.72
N LYS B 55 -18.48 -28.33 -1.50
CA LYS B 55 -19.50 -28.85 -0.60
C LYS B 55 -19.53 -28.01 0.67
N LEU B 56 -20.73 -27.86 1.23
CA LEU B 56 -20.93 -27.11 2.47
C LEU B 56 -20.69 -28.05 3.64
N CYS B 57 -19.50 -28.00 4.22
CA CYS B 57 -19.11 -28.94 5.27
C CYS B 57 -19.47 -28.37 6.65
N LYS B 58 -19.00 -29.04 7.69
CA LYS B 58 -19.17 -28.58 9.05
C LYS B 58 -17.90 -27.92 9.54
N LEU B 59 -18.05 -26.79 10.22
CA LEU B 59 -16.91 -26.02 10.68
C LEU B 59 -16.50 -26.47 12.07
N ASN B 60 -15.28 -26.99 12.19
CA ASN B 60 -14.71 -27.45 13.46
C ASN B 60 -15.56 -28.55 14.10
N GLY B 61 -16.25 -29.34 13.28
CA GLY B 61 -17.06 -30.43 13.78
C GLY B 61 -18.43 -30.05 14.28
N ILE B 62 -18.78 -28.76 14.26
CA ILE B 62 -20.10 -28.30 14.70
C ILE B 62 -20.94 -28.05 13.45
N PRO B 63 -22.04 -28.77 13.25
CA PRO B 63 -22.81 -28.59 12.03
C PRO B 63 -23.41 -27.20 11.97
N PRO B 64 -23.56 -26.64 10.79
CA PRO B 64 -24.19 -25.31 10.66
C PRO B 64 -25.70 -25.38 10.82
N LEU B 65 -26.36 -24.23 10.85
CA LEU B 65 -27.81 -24.15 10.97
C LEU B 65 -28.39 -23.97 9.58
N GLU B 66 -29.11 -24.98 9.10
CA GLU B 66 -29.71 -24.96 7.77
C GLU B 66 -31.16 -24.49 7.88
N LEU B 67 -31.40 -23.23 7.51
CA LEU B 67 -32.77 -22.74 7.49
C LEU B 67 -33.55 -23.26 6.30
N GLY B 68 -32.90 -23.48 5.17
CA GLY B 68 -33.60 -23.94 3.99
C GLY B 68 -34.44 -22.83 3.39
N ASP B 69 -35.65 -23.18 2.96
CA ASP B 69 -36.58 -22.19 2.42
C ASP B 69 -37.07 -21.21 3.49
N CYS B 70 -36.86 -21.53 4.77
CA CYS B 70 -37.34 -20.67 5.85
C CYS B 70 -36.34 -19.56 6.13
N SER B 71 -36.86 -18.39 6.49
CA SER B 71 -36.03 -17.22 6.75
C SER B 71 -35.80 -17.04 8.24
N ILE B 72 -34.92 -16.09 8.57
CA ILE B 72 -34.60 -15.82 9.97
C ILE B 72 -35.82 -15.27 10.70
N ALA B 73 -36.55 -14.38 10.04
CA ALA B 73 -37.79 -13.89 10.63
C ALA B 73 -38.80 -15.03 10.79
N GLY B 74 -38.89 -15.90 9.80
CA GLY B 74 -39.79 -17.05 9.92
C GLY B 74 -39.38 -18.01 11.01
N TRP B 75 -38.07 -18.24 11.16
CA TRP B 75 -37.59 -19.15 12.20
C TRP B 75 -37.85 -18.57 13.58
N LEU B 76 -37.51 -17.30 13.78
CA LEU B 76 -37.65 -16.69 15.11
C LEU B 76 -39.13 -16.54 15.48
N LEU B 77 -39.96 -16.06 14.57
CA LEU B 77 -41.37 -15.89 14.90
C LEU B 77 -42.09 -17.23 15.02
N GLY B 78 -41.57 -18.28 14.40
CA GLY B 78 -42.19 -19.59 14.50
C GLY B 78 -43.20 -19.84 13.40
N ASN B 79 -42.77 -19.68 12.15
CA ASN B 79 -43.67 -19.91 11.02
C ASN B 79 -44.18 -21.35 11.05
N PRO B 80 -45.47 -21.57 10.78
CA PRO B 80 -46.00 -22.94 10.81
C PRO B 80 -45.29 -23.88 9.85
N GLU B 81 -44.67 -23.38 8.79
CA GLU B 81 -43.95 -24.23 7.87
C GLU B 81 -42.46 -24.34 8.21
N CYS B 82 -42.03 -23.76 9.33
CA CYS B 82 -40.67 -23.93 9.84
C CYS B 82 -40.66 -24.74 11.13
N ASP B 83 -41.51 -25.77 11.21
CA ASP B 83 -41.68 -26.51 12.46
C ASP B 83 -40.43 -27.28 12.83
N ARG B 84 -39.64 -27.70 11.84
CA ARG B 84 -38.43 -28.45 12.11
C ARG B 84 -37.36 -27.60 12.80
N LEU B 85 -37.52 -26.29 12.85
CA LEU B 85 -36.58 -25.40 13.51
C LEU B 85 -37.03 -24.99 14.91
N LEU B 86 -38.11 -25.59 15.43
CA LEU B 86 -38.61 -25.20 16.75
C LEU B 86 -37.60 -25.50 17.86
N SER B 87 -36.64 -26.39 17.62
CA SER B 87 -35.58 -26.64 18.58
C SER B 87 -34.32 -26.99 17.80
N VAL B 88 -33.29 -26.17 17.93
CA VAL B 88 -32.06 -26.36 17.17
C VAL B 88 -30.87 -26.42 18.12
N PRO B 89 -29.84 -27.22 17.81
CA PRO B 89 -28.66 -27.26 18.68
C PRO B 89 -27.65 -26.19 18.31
N GLU B 90 -26.48 -26.21 18.96
CA GLU B 90 -25.44 -25.24 18.67
C GLU B 90 -24.99 -25.34 17.22
N TRP B 91 -24.68 -24.20 16.62
CA TRP B 91 -24.28 -24.13 15.23
C TRP B 91 -22.99 -23.32 15.10
N SER B 92 -22.27 -23.57 14.01
CA SER B 92 -21.06 -22.81 13.72
C SER B 92 -21.36 -21.60 12.83
N TYR B 93 -22.28 -21.73 11.88
CA TYR B 93 -22.73 -20.62 11.07
C TYR B 93 -24.13 -20.92 10.56
N ILE B 94 -24.80 -19.89 10.06
CA ILE B 94 -26.17 -19.99 9.59
C ILE B 94 -26.19 -19.92 8.08
N MET B 95 -26.91 -20.84 7.45
CA MET B 95 -27.06 -20.86 6.00
C MET B 95 -28.45 -20.36 5.63
N GLU B 96 -28.51 -19.34 4.77
CA GLU B 96 -29.76 -18.75 4.34
C GLU B 96 -29.74 -18.55 2.84
N LYS B 97 -30.91 -18.57 2.23
CA LYS B 97 -31.03 -18.34 0.80
C LYS B 97 -31.12 -16.83 0.52
N GLU B 98 -30.79 -16.47 -0.73
CA GLU B 98 -30.86 -15.07 -1.12
C GLU B 98 -32.29 -14.55 -1.05
N ASN B 99 -33.26 -15.35 -1.49
CA ASN B 99 -34.67 -15.00 -1.46
C ASN B 99 -35.44 -16.14 -0.82
N PRO B 100 -35.44 -16.23 0.51
CA PRO B 100 -36.16 -17.31 1.18
C PRO B 100 -37.65 -17.26 0.88
N ARG B 101 -38.23 -18.44 0.63
CA ARG B 101 -39.65 -18.52 0.32
C ARG B 101 -40.51 -18.35 1.57
N ASP B 102 -40.04 -18.88 2.70
CA ASP B 102 -40.82 -18.90 3.94
C ASP B 102 -40.30 -17.80 4.86
N GLY B 103 -40.94 -16.64 4.79
CA GLY B 103 -40.59 -15.53 5.67
C GLY B 103 -41.73 -15.20 6.60
N LEU B 104 -42.33 -14.03 6.43
CA LEU B 104 -43.53 -13.67 7.17
C LEU B 104 -44.74 -14.17 6.40
N CYS B 105 -45.33 -15.26 6.87
CA CYS B 105 -46.54 -15.78 6.23
C CYS B 105 -47.67 -14.76 6.30
N TYR B 106 -47.84 -14.11 7.44
CA TYR B 106 -48.74 -12.96 7.50
C TYR B 106 -47.99 -11.72 7.00
N PRO B 107 -48.55 -10.97 6.05
CA PRO B 107 -47.84 -9.80 5.52
C PRO B 107 -47.53 -8.79 6.63
N GLY B 108 -46.39 -8.14 6.50
CA GLY B 108 -45.97 -7.17 7.48
C GLY B 108 -44.50 -6.83 7.31
N SER B 109 -43.96 -6.19 8.34
CA SER B 109 -42.57 -5.75 8.36
C SER B 109 -41.92 -6.16 9.67
N PHE B 110 -40.61 -5.97 9.74
CA PHE B 110 -39.81 -6.30 10.91
C PHE B 110 -38.88 -5.13 11.20
N ASN B 111 -39.18 -4.37 12.25
CA ASN B 111 -38.39 -3.19 12.56
C ASN B 111 -36.97 -3.57 12.96
N ASP B 112 -36.00 -2.86 12.38
CA ASP B 112 -34.58 -3.13 12.64
C ASP B 112 -34.24 -4.59 12.35
N TYR B 113 -34.76 -5.11 11.24
CA TYR B 113 -34.50 -6.50 10.87
C TYR B 113 -33.02 -6.70 10.55
N GLU B 114 -32.41 -5.76 9.84
CA GLU B 114 -31.01 -5.91 9.47
C GLU B 114 -30.10 -5.88 10.68
N GLU B 115 -30.48 -5.11 11.71
CA GLU B 115 -29.71 -5.12 12.96
C GLU B 115 -29.80 -6.46 13.65
N LEU B 116 -30.98 -7.09 13.63
CA LEU B 116 -31.15 -8.40 14.26
C LEU B 116 -30.29 -9.46 13.60
N LYS B 117 -30.20 -9.44 12.26
CA LYS B 117 -29.34 -10.39 11.56
C LYS B 117 -27.88 -10.14 11.89
N HIS B 118 -27.51 -8.90 12.23
CA HIS B 118 -26.15 -8.62 12.63
C HIS B 118 -25.85 -9.17 14.02
N LEU B 119 -26.87 -9.19 14.89
CA LEU B 119 -26.68 -9.75 16.22
C LEU B 119 -26.41 -11.24 16.16
N LEU B 120 -27.08 -11.95 15.25
CA LEU B 120 -26.92 -13.40 15.16
C LEU B 120 -25.54 -13.79 14.63
N SER B 121 -24.81 -12.85 14.01
CA SER B 121 -23.47 -13.15 13.51
C SER B 121 -22.47 -13.40 14.63
N SER B 122 -22.82 -13.08 15.88
CA SER B 122 -21.96 -13.32 17.02
C SER B 122 -22.62 -14.21 18.07
N VAL B 123 -23.69 -14.90 17.70
CA VAL B 123 -24.44 -15.76 18.61
C VAL B 123 -24.47 -17.16 18.03
N LYS B 124 -24.11 -18.16 18.84
CA LYS B 124 -24.01 -19.54 18.38
C LYS B 124 -25.12 -20.44 18.85
N HIS B 125 -25.90 -20.05 19.86
CA HIS B 125 -26.94 -20.94 20.37
C HIS B 125 -27.99 -20.15 21.13
N PHE B 126 -29.25 -20.53 20.91
CA PHE B 126 -30.41 -20.02 21.63
C PHE B 126 -31.02 -21.12 22.49
N GLU B 127 -31.38 -20.77 23.71
CA GLU B 127 -32.11 -21.64 24.61
C GLU B 127 -33.46 -21.00 24.87
N LYS B 128 -34.48 -21.48 24.18
CA LYS B 128 -35.82 -20.87 24.27
C LYS B 128 -36.36 -20.98 25.69
N VAL B 129 -36.91 -19.88 26.19
CA VAL B 129 -37.49 -19.80 27.52
C VAL B 129 -38.92 -19.33 27.39
N LYS B 130 -39.85 -20.07 28.01
CA LYS B 130 -41.25 -19.68 28.02
C LYS B 130 -41.45 -18.56 29.02
N ILE B 131 -41.55 -17.33 28.53
CA ILE B 131 -41.65 -16.16 29.40
C ILE B 131 -43.10 -15.78 29.69
N LEU B 132 -43.98 -15.94 28.71
CA LEU B 132 -45.40 -15.60 28.85
C LEU B 132 -46.22 -16.76 28.30
N PRO B 133 -46.56 -17.73 29.14
CA PRO B 133 -47.31 -18.90 28.65
C PRO B 133 -48.68 -18.49 28.11
N LYS B 134 -49.18 -19.29 27.17
CA LYS B 134 -50.45 -18.98 26.53
C LYS B 134 -51.64 -19.13 27.48
N ASP B 135 -51.46 -19.86 28.59
CA ASP B 135 -52.60 -20.14 29.45
C ASP B 135 -53.00 -18.94 30.31
N ARG B 136 -52.05 -18.06 30.63
CA ARG B 136 -52.35 -16.97 31.56
C ARG B 136 -53.27 -15.91 30.95
N TRP B 137 -53.38 -15.86 29.62
CA TRP B 137 -54.29 -14.92 28.96
C TRP B 137 -55.73 -15.41 29.06
N THR B 138 -56.19 -15.58 30.31
CA THR B 138 -57.50 -16.15 30.56
C THR B 138 -58.63 -15.17 30.29
N GLN B 139 -58.33 -13.88 30.18
CA GLN B 139 -59.35 -12.87 29.91
C GLN B 139 -59.50 -12.56 28.43
N HIS B 140 -58.78 -13.27 27.56
CA HIS B 140 -58.78 -12.98 26.14
C HIS B 140 -58.79 -14.28 25.35
N THR B 141 -59.18 -14.19 24.09
CA THR B 141 -59.13 -15.34 23.19
C THR B 141 -57.76 -15.44 22.53
N THR B 142 -57.13 -16.60 22.65
CA THR B 142 -55.80 -16.83 22.11
C THR B 142 -55.77 -17.81 20.95
N THR B 143 -56.93 -18.22 20.44
CA THR B 143 -57.01 -19.20 19.37
C THR B 143 -57.08 -18.56 17.98
N GLY B 144 -56.97 -17.24 17.90
CA GLY B 144 -57.05 -16.55 16.63
C GLY B 144 -56.03 -16.99 15.61
N GLY B 145 -56.48 -17.23 14.37
CA GLY B 145 -55.60 -17.65 13.31
C GLY B 145 -55.98 -16.97 12.01
N SER B 146 -55.14 -17.17 10.99
CA SER B 146 -55.33 -16.54 9.70
C SER B 146 -55.13 -17.57 8.60
N ARG B 147 -55.79 -17.34 7.46
CA ARG B 147 -55.60 -18.21 6.30
C ARG B 147 -54.20 -18.05 5.71
N ALA B 148 -53.56 -16.90 5.95
CA ALA B 148 -52.19 -16.71 5.48
C ALA B 148 -51.21 -17.61 6.21
N CYS B 149 -51.58 -18.10 7.40
CA CYS B 149 -50.75 -19.02 8.18
C CYS B 149 -51.32 -20.43 8.17
N ALA B 150 -52.10 -20.77 7.16
CA ALA B 150 -52.86 -22.02 7.17
C ALA B 150 -51.93 -23.24 7.16
N VAL B 151 -52.28 -24.24 7.98
CA VAL B 151 -51.62 -25.53 7.98
C VAL B 151 -52.70 -26.60 7.90
N SER B 152 -52.51 -27.58 7.01
CA SER B 152 -53.46 -28.66 6.80
C SER B 152 -54.84 -28.14 6.40
N GLY B 153 -54.88 -27.02 5.68
CA GLY B 153 -56.14 -26.48 5.22
C GLY B 153 -56.96 -25.76 6.28
N ASN B 154 -56.37 -25.48 7.44
CA ASN B 154 -57.07 -24.80 8.52
C ASN B 154 -56.28 -23.58 8.97
N PRO B 155 -56.95 -22.53 9.41
CA PRO B 155 -56.23 -21.34 9.86
C PRO B 155 -55.35 -21.64 11.06
N SER B 156 -54.18 -21.00 11.09
CA SER B 156 -53.23 -21.15 12.18
C SER B 156 -52.49 -19.83 12.36
N PHE B 157 -51.39 -19.88 13.08
CA PHE B 157 -50.62 -18.66 13.39
C PHE B 157 -49.21 -19.06 13.78
N PHE B 158 -48.37 -18.04 13.98
CA PHE B 158 -47.00 -18.27 14.41
C PHE B 158 -46.97 -19.05 15.72
N ARG B 159 -46.04 -20.00 15.82
CA ARG B 159 -45.97 -20.86 16.98
C ARG B 159 -45.50 -20.12 18.23
N ASN B 160 -44.59 -19.16 18.07
CA ASN B 160 -43.99 -18.46 19.20
C ASN B 160 -44.74 -17.20 19.60
N MET B 161 -45.84 -16.87 18.91
CA MET B 161 -46.57 -15.64 19.17
C MET B 161 -48.02 -15.94 19.47
N VAL B 162 -48.65 -15.04 20.22
CA VAL B 162 -50.04 -15.17 20.62
C VAL B 162 -50.82 -13.99 20.05
N TRP B 163 -51.90 -14.28 19.33
CA TRP B 163 -52.77 -13.26 18.74
C TRP B 163 -53.92 -13.01 19.72
N LEU B 164 -53.79 -11.95 20.52
CA LEU B 164 -54.82 -11.61 21.49
C LEU B 164 -56.08 -11.14 20.77
N THR B 165 -57.23 -11.58 21.26
CA THR B 165 -58.50 -11.27 20.61
C THR B 165 -59.57 -11.15 21.69
N LYS B 166 -60.67 -10.47 21.34
CA LYS B 166 -61.75 -10.25 22.28
C LYS B 166 -62.34 -11.58 22.75
N LYS B 167 -62.77 -11.61 24.01
CA LYS B 167 -63.39 -12.78 24.61
C LYS B 167 -64.76 -12.39 25.13
N GLY B 168 -65.80 -12.92 24.49
CA GLY B 168 -67.16 -12.60 24.89
C GLY B 168 -67.51 -11.14 24.72
N SER B 169 -67.11 -10.54 23.60
CA SER B 169 -67.36 -9.13 23.30
C SER B 169 -66.76 -8.21 24.36
N ASN B 170 -65.62 -8.60 24.92
CA ASN B 170 -64.91 -7.78 25.90
C ASN B 170 -63.41 -7.93 25.66
N TYR B 171 -62.70 -6.81 25.70
CA TYR B 171 -61.24 -6.78 25.57
C TYR B 171 -60.66 -5.98 26.72
N PRO B 172 -60.43 -6.62 27.86
CA PRO B 172 -59.77 -5.93 28.97
C PRO B 172 -58.32 -5.62 28.64
N VAL B 173 -57.74 -4.68 29.38
CA VAL B 173 -56.35 -4.28 29.18
C VAL B 173 -55.45 -5.50 29.35
N ALA B 174 -54.49 -5.66 28.44
CA ALA B 174 -53.59 -6.80 28.48
C ALA B 174 -52.37 -6.50 29.33
N GLN B 175 -52.32 -7.08 30.51
CA GLN B 175 -51.20 -6.92 31.42
C GLN B 175 -50.21 -8.05 31.19
N GLY B 176 -48.94 -7.71 31.02
CA GLY B 176 -47.91 -8.72 30.80
C GLY B 176 -46.54 -8.26 31.21
N SER B 177 -45.86 -9.07 32.04
CA SER B 177 -44.54 -8.70 32.53
C SER B 177 -43.71 -9.96 32.70
N TYR B 178 -42.39 -9.79 32.61
CA TYR B 178 -41.46 -10.88 32.86
C TYR B 178 -40.15 -10.30 33.36
N ASN B 179 -39.60 -10.90 34.41
CA ASN B 179 -38.33 -10.49 34.98
C ASN B 179 -37.24 -11.45 34.52
N ASN B 180 -36.18 -10.90 33.93
CA ASN B 180 -35.12 -11.72 33.34
C ASN B 180 -34.35 -12.40 34.46
N THR B 181 -34.62 -13.69 34.67
CA THR B 181 -33.88 -14.49 35.64
C THR B 181 -33.22 -15.70 34.99
N SER B 182 -33.06 -15.66 33.66
CA SER B 182 -32.45 -16.78 32.95
C SER B 182 -30.93 -16.76 33.00
N GLY B 183 -30.33 -15.73 33.57
CA GLY B 183 -28.89 -15.66 33.73
C GLY B 183 -28.12 -15.06 32.57
N GLU B 184 -28.80 -14.70 31.48
CA GLU B 184 -28.11 -14.08 30.35
C GLU B 184 -29.12 -13.26 29.55
N GLN B 185 -28.59 -12.41 28.68
CA GLN B 185 -29.43 -11.53 27.87
C GLN B 185 -30.42 -12.33 27.04
N MET B 186 -31.66 -11.85 27.01
CA MET B 186 -32.76 -12.52 26.33
C MET B 186 -33.34 -11.61 25.26
N LEU B 187 -33.64 -12.19 24.11
CA LEU B 187 -34.24 -11.46 22.99
C LEU B 187 -35.75 -11.69 23.00
N ILE B 188 -36.51 -10.61 22.90
CA ILE B 188 -37.97 -10.65 22.93
C ILE B 188 -38.52 -9.97 21.68
N ILE B 189 -39.49 -10.61 21.04
CA ILE B 189 -40.14 -10.06 19.86
C ILE B 189 -41.63 -9.96 20.13
N TRP B 190 -42.19 -8.77 19.92
CA TRP B 190 -43.63 -8.56 19.95
C TRP B 190 -44.06 -7.95 18.62
N GLY B 191 -45.37 -7.80 18.46
CA GLY B 191 -45.90 -7.29 17.20
C GLY B 191 -47.18 -6.52 17.38
N VAL B 192 -47.49 -5.70 16.38
CA VAL B 192 -48.69 -4.89 16.35
C VAL B 192 -49.45 -5.22 15.07
N HIS B 193 -50.76 -5.40 15.19
CA HIS B 193 -51.60 -5.73 14.06
C HIS B 193 -52.29 -4.49 13.52
N HIS B 194 -52.23 -4.31 12.20
CA HIS B 194 -52.85 -3.18 11.52
C HIS B 194 -54.04 -3.68 10.70
N PRO B 195 -55.28 -3.48 11.15
CA PRO B 195 -56.42 -3.95 10.38
C PRO B 195 -56.58 -3.21 9.06
N ASN B 196 -57.23 -3.88 8.10
CA ASN B 196 -57.42 -3.28 6.79
C ASN B 196 -58.47 -2.17 6.80
N ASP B 197 -59.55 -2.36 7.56
CA ASP B 197 -60.60 -1.35 7.65
C ASP B 197 -61.12 -1.29 9.07
N GLU B 198 -61.83 -0.20 9.38
CA GLU B 198 -62.33 0.02 10.73
C GLU B 198 -63.31 -1.07 11.15
N THR B 199 -63.99 -1.70 10.18
CA THR B 199 -64.88 -2.80 10.51
C THR B 199 -64.09 -3.98 11.06
N GLU B 200 -62.92 -4.25 10.50
CA GLU B 200 -62.06 -5.31 11.03
C GLU B 200 -61.62 -5.00 12.46
N GLN B 201 -61.40 -3.72 12.76
CA GLN B 201 -61.05 -3.33 14.12
C GLN B 201 -62.14 -3.68 15.11
N ARG B 202 -63.40 -3.39 14.74
CA ARG B 202 -64.52 -3.65 15.64
C ARG B 202 -64.73 -5.15 15.84
N THR B 203 -64.69 -5.93 14.77
CA THR B 203 -65.00 -7.35 14.85
C THR B 203 -63.87 -8.18 15.44
N LEU B 204 -62.68 -7.60 15.62
CA LEU B 204 -61.55 -8.34 16.15
C LEU B 204 -61.11 -7.88 17.54
N TYR B 205 -61.28 -6.60 17.85
CA TYR B 205 -60.90 -6.06 19.15
C TYR B 205 -61.96 -5.20 19.81
N GLN B 206 -62.92 -4.66 19.05
CA GLN B 206 -64.07 -3.88 19.51
C GLN B 206 -63.66 -2.51 20.06
N ASN B 207 -62.38 -2.22 20.18
CA ASN B 207 -61.91 -0.94 20.67
C ASN B 207 -61.15 -0.22 19.57
N VAL B 208 -61.41 1.07 19.44
CA VAL B 208 -60.75 1.90 18.42
C VAL B 208 -59.82 2.87 19.14
N GLY B 209 -58.73 3.21 18.46
CA GLY B 209 -57.69 4.00 19.08
C GLY B 209 -56.92 3.26 20.17
N THR B 210 -56.67 1.97 19.95
CA THR B 210 -55.92 1.17 20.90
C THR B 210 -54.43 1.50 20.80
N TYR B 211 -53.68 1.05 21.80
CA TYR B 211 -52.24 1.29 21.86
C TYR B 211 -51.54 0.02 22.29
N VAL B 212 -50.31 -0.14 21.82
CA VAL B 212 -49.44 -1.24 22.22
C VAL B 212 -48.15 -0.62 22.76
N SER B 213 -47.95 -0.71 24.07
CA SER B 213 -46.82 -0.08 24.73
C SER B 213 -45.92 -1.13 25.35
N VAL B 214 -44.62 -0.95 25.19
CA VAL B 214 -43.61 -1.85 25.74
C VAL B 214 -42.59 -1.01 26.49
N GLY B 215 -42.28 -1.40 27.72
CA GLY B 215 -41.34 -0.66 28.54
C GLY B 215 -40.39 -1.55 29.30
N THR B 216 -39.10 -1.20 29.23
CA THR B 216 -38.08 -1.82 30.06
C THR B 216 -37.31 -0.73 30.80
N SER B 217 -36.21 -1.10 31.46
CA SER B 217 -35.39 -0.12 32.14
C SER B 217 -34.66 0.82 31.18
N THR B 218 -34.55 0.43 29.90
CA THR B 218 -33.87 1.25 28.91
C THR B 218 -34.67 1.46 27.63
N LEU B 219 -35.88 0.90 27.54
CA LEU B 219 -36.71 1.02 26.36
C LEU B 219 -38.07 1.57 26.77
N ASN B 220 -38.59 2.51 25.97
CA ASN B 220 -39.93 3.06 26.18
C ASN B 220 -40.55 3.26 24.81
N LYS B 221 -41.56 2.46 24.49
CA LYS B 221 -42.20 2.51 23.19
C LYS B 221 -43.70 2.38 23.33
N ARG B 222 -44.43 3.20 22.58
CA ARG B 222 -45.87 3.09 22.45
C ARG B 222 -46.22 3.12 20.98
N SER B 223 -47.03 2.16 20.53
CA SER B 223 -47.40 2.05 19.13
C SER B 223 -48.91 1.99 19.01
N THR B 224 -49.41 2.47 17.87
CA THR B 224 -50.83 2.47 17.59
C THR B 224 -51.09 1.88 16.22
N PRO B 225 -52.19 1.15 16.04
CA PRO B 225 -52.50 0.59 14.72
C PRO B 225 -52.79 1.66 13.70
N GLU B 226 -52.44 1.36 12.44
CA GLU B 226 -52.67 2.26 11.31
C GLU B 226 -53.62 1.55 10.35
N ILE B 227 -54.91 1.91 10.43
CA ILE B 227 -55.92 1.31 9.57
C ILE B 227 -55.92 2.03 8.22
N ALA B 228 -55.67 1.28 7.15
CA ALA B 228 -55.63 1.85 5.82
C ALA B 228 -55.88 0.76 4.80
N THR B 229 -56.19 1.17 3.58
CA THR B 229 -56.44 0.24 2.48
C THR B 229 -55.13 -0.06 1.77
N ARG B 230 -54.77 -1.33 1.71
CA ARG B 230 -53.52 -1.78 1.13
C ARG B 230 -53.78 -2.91 0.14
N PRO B 231 -52.90 -3.09 -0.84
CA PRO B 231 -53.03 -4.25 -1.73
C PRO B 231 -52.92 -5.55 -0.94
N LYS B 232 -53.66 -6.55 -1.39
CA LYS B 232 -53.73 -7.83 -0.69
C LYS B 232 -52.47 -8.64 -0.97
N VAL B 233 -51.77 -9.02 0.10
CA VAL B 233 -50.59 -9.89 0.01
C VAL B 233 -50.91 -11.16 0.77
N ASN B 234 -50.69 -12.31 0.12
CA ASN B 234 -51.11 -13.62 0.64
C ASN B 234 -52.60 -13.65 0.92
N GLY B 235 -53.36 -12.81 0.21
CA GLY B 235 -54.79 -12.74 0.39
C GLY B 235 -55.25 -11.91 1.58
N GLN B 236 -54.34 -11.24 2.28
CA GLN B 236 -54.67 -10.47 3.46
C GLN B 236 -54.37 -9.00 3.23
N GLY B 237 -55.30 -8.13 3.60
CA GLY B 237 -55.12 -6.70 3.43
C GLY B 237 -54.44 -6.05 4.60
N GLY B 238 -54.44 -6.72 5.75
CA GLY B 238 -53.79 -6.19 6.94
C GLY B 238 -52.29 -6.40 6.92
N ARG B 239 -51.63 -5.84 7.93
CA ARG B 239 -50.20 -6.00 8.11
C ARG B 239 -49.88 -6.21 9.58
N MET B 240 -48.74 -6.83 9.83
CA MET B 240 -48.26 -7.07 11.19
C MET B 240 -46.84 -6.54 11.31
N GLU B 241 -46.65 -5.49 12.11
CA GLU B 241 -45.35 -4.91 12.34
C GLU B 241 -44.74 -5.51 13.59
N PHE B 242 -43.55 -6.09 13.45
CA PHE B 242 -42.90 -6.80 14.53
C PHE B 242 -41.65 -6.05 14.99
N SER B 243 -41.49 -5.94 16.30
CA SER B 243 -40.38 -5.22 16.91
C SER B 243 -39.70 -6.12 17.93
N TRP B 244 -38.44 -5.80 18.22
CA TRP B 244 -37.63 -6.64 19.09
C TRP B 244 -36.79 -5.78 20.02
N THR B 245 -36.27 -6.42 21.08
CA THR B 245 -35.39 -5.76 22.03
C THR B 245 -34.61 -6.83 22.79
N LEU B 246 -33.51 -6.40 23.40
CA LEU B 246 -32.71 -7.26 24.26
C LEU B 246 -32.96 -6.88 25.71
N LEU B 247 -33.35 -7.87 26.52
CA LEU B 247 -33.58 -7.69 27.94
C LEU B 247 -32.29 -7.99 28.69
N ASP B 248 -31.83 -7.06 29.51
CA ASP B 248 -30.54 -7.19 30.16
C ASP B 248 -30.61 -8.11 31.37
N MET B 249 -29.51 -8.13 32.12
CA MET B 249 -29.44 -8.94 33.34
C MET B 249 -30.41 -8.41 34.39
N TRP B 250 -31.24 -9.31 34.91
CA TRP B 250 -32.18 -9.02 36.00
C TRP B 250 -33.12 -7.87 35.70
N ASP B 251 -33.44 -7.63 34.44
CA ASP B 251 -34.31 -6.54 34.04
C ASP B 251 -35.74 -7.05 33.84
N THR B 252 -36.67 -6.11 33.91
CA THR B 252 -38.09 -6.40 33.77
C THR B 252 -38.64 -5.72 32.52
N ILE B 253 -39.52 -6.41 31.80
CA ILE B 253 -40.16 -5.89 30.60
C ILE B 253 -41.67 -5.98 30.80
N ASN B 254 -42.37 -4.87 30.56
CA ASN B 254 -43.79 -4.79 30.81
C ASN B 254 -44.55 -4.58 29.50
N PHE B 255 -45.55 -5.42 29.26
CA PHE B 255 -46.40 -5.33 28.08
C PHE B 255 -47.77 -4.79 28.49
N GLU B 256 -48.17 -3.69 27.88
CA GLU B 256 -49.46 -3.07 28.13
C GLU B 256 -50.11 -2.77 26.79
N SER B 257 -51.38 -3.16 26.62
CA SER B 257 -52.07 -2.94 25.36
C SER B 257 -53.57 -3.07 25.55
N THR B 258 -54.32 -2.18 24.90
CA THR B 258 -55.77 -2.27 24.83
C THR B 258 -56.26 -2.89 23.53
N GLY B 259 -55.35 -3.34 22.67
CA GLY B 259 -55.74 -3.96 21.42
C GLY B 259 -54.58 -4.00 20.45
N ASN B 260 -54.71 -4.89 19.47
CA ASN B 260 -53.74 -5.04 18.38
C ASN B 260 -52.36 -5.43 18.89
N LEU B 261 -52.30 -6.28 19.90
CA LEU B 261 -51.04 -6.77 20.46
C LEU B 261 -50.87 -8.24 20.10
N ILE B 262 -49.74 -8.56 19.47
CA ILE B 262 -49.34 -9.94 19.23
C ILE B 262 -48.26 -10.25 20.26
N ALA B 263 -48.70 -10.70 21.44
CA ALA B 263 -47.77 -10.91 22.53
C ALA B 263 -46.92 -12.15 22.29
N PRO B 264 -45.67 -12.14 22.74
CA PRO B 264 -44.81 -13.31 22.59
C PRO B 264 -45.11 -14.39 23.63
N GLU B 265 -44.74 -15.61 23.29
CA GLU B 265 -44.81 -16.73 24.22
C GLU B 265 -43.46 -17.24 24.66
N TYR B 266 -42.43 -17.12 23.83
CA TYR B 266 -41.11 -17.64 24.15
C TYR B 266 -40.07 -16.54 23.99
N GLY B 267 -39.10 -16.53 24.90
CA GLY B 267 -37.95 -15.68 24.77
C GLY B 267 -36.76 -16.48 24.28
N PHE B 268 -35.83 -15.82 23.59
CA PHE B 268 -34.67 -16.50 23.00
C PHE B 268 -33.43 -16.10 23.78
N LYS B 269 -33.15 -16.84 24.85
CA LYS B 269 -31.96 -16.57 25.66
C LYS B 269 -30.69 -16.91 24.89
N ILE B 270 -29.75 -15.98 24.88
CA ILE B 270 -28.42 -16.23 24.33
C ILE B 270 -27.66 -17.10 25.32
N SER B 271 -27.04 -18.17 24.81
CA SER B 271 -26.27 -19.08 25.65
C SER B 271 -24.79 -19.08 25.27
N LYS B 272 -24.48 -19.26 23.99
CA LYS B 272 -23.11 -19.30 23.50
C LYS B 272 -22.86 -18.12 22.56
N ARG B 273 -21.74 -17.44 22.77
CA ARG B 273 -21.31 -16.33 21.92
C ARG B 273 -19.96 -16.64 21.32
N GLY B 274 -19.74 -16.15 20.10
CA GLY B 274 -18.47 -16.36 19.43
C GLY B 274 -18.56 -15.98 17.97
N SER B 275 -17.44 -16.17 17.28
CA SER B 275 -17.37 -15.84 15.86
C SER B 275 -18.28 -16.75 15.05
N SER B 276 -19.13 -16.13 14.23
CA SER B 276 -20.06 -16.87 13.39
C SER B 276 -20.32 -16.03 12.15
N GLY B 277 -21.38 -16.36 11.42
CA GLY B 277 -21.74 -15.59 10.25
C GLY B 277 -22.93 -16.22 9.55
N ILE B 278 -23.36 -15.55 8.48
CA ILE B 278 -24.48 -16.01 7.67
C ILE B 278 -23.98 -16.24 6.25
N MET B 279 -24.18 -17.45 5.75
CA MET B 279 -23.92 -17.80 4.36
C MET B 279 -25.16 -17.52 3.53
N LYS B 280 -24.99 -16.82 2.41
CA LYS B 280 -26.04 -16.66 1.42
C LYS B 280 -25.79 -17.68 0.31
N THR B 281 -26.39 -18.86 0.44
CA THR B 281 -26.14 -19.94 -0.50
C THR B 281 -27.39 -20.79 -0.64
N GLU B 282 -27.50 -21.45 -1.79
CA GLU B 282 -28.61 -22.34 -2.09
C GLU B 282 -28.25 -23.81 -1.94
N GLY B 283 -27.06 -24.11 -1.44
CA GLY B 283 -26.62 -25.48 -1.30
C GLY B 283 -27.22 -26.17 -0.08
N THR B 284 -26.85 -27.44 0.08
CA THR B 284 -27.35 -28.27 1.17
C THR B 284 -26.18 -28.81 1.96
N LEU B 285 -26.37 -28.93 3.27
CA LEU B 285 -25.34 -29.49 4.13
C LEU B 285 -25.04 -30.93 3.76
N GLU B 286 -23.75 -31.27 3.71
CA GLU B 286 -23.30 -32.60 3.34
C GLU B 286 -22.33 -33.11 4.40
N ASN B 287 -22.21 -34.44 4.48
CA ASN B 287 -21.31 -35.06 5.45
C ASN B 287 -19.87 -34.74 5.07
N CYS B 288 -19.26 -33.81 5.80
CA CYS B 288 -17.92 -33.34 5.49
C CYS B 288 -17.38 -32.51 6.65
N GLU B 289 -16.06 -32.40 6.73
CA GLU B 289 -15.40 -31.64 7.80
C GLU B 289 -14.42 -30.67 7.18
N THR B 290 -14.38 -29.46 7.73
CA THR B 290 -13.48 -28.43 7.21
C THR B 290 -13.18 -27.43 8.31
N LYS B 291 -12.12 -26.65 8.09
CA LYS B 291 -11.74 -25.57 8.98
C LYS B 291 -11.96 -24.20 8.38
N CYS B 292 -12.38 -24.13 7.11
CA CYS B 292 -12.61 -22.85 6.45
C CYS B 292 -13.70 -23.06 5.41
N GLN B 293 -14.82 -22.35 5.58
CA GLN B 293 -15.98 -22.51 4.73
C GLN B 293 -16.27 -21.25 3.94
N THR B 294 -16.50 -21.41 2.65
CA THR B 294 -16.88 -20.34 1.74
C THR B 294 -18.22 -20.70 1.11
N PRO B 295 -18.97 -19.72 0.61
CA PRO B 295 -20.25 -20.04 -0.05
C PRO B 295 -20.09 -20.98 -1.23
N LEU B 296 -18.96 -20.92 -1.94
CA LEU B 296 -18.74 -21.83 -3.06
C LEU B 296 -18.36 -23.23 -2.58
N GLY B 297 -17.60 -23.31 -1.49
CA GLY B 297 -17.18 -24.61 -0.99
C GLY B 297 -16.22 -24.45 0.16
N ALA B 298 -15.57 -25.55 0.52
CA ALA B 298 -14.60 -25.58 1.61
C ALA B 298 -13.19 -25.48 1.06
N ILE B 299 -12.29 -24.90 1.86
CA ILE B 299 -10.91 -24.69 1.48
C ILE B 299 -10.02 -25.56 2.37
N ASN B 300 -9.18 -26.39 1.75
CA ASN B 300 -8.25 -27.29 2.44
C ASN B 300 -6.88 -27.02 1.84
N THR B 301 -6.11 -26.14 2.50
CA THR B 301 -4.80 -25.77 2.00
C THR B 301 -3.95 -25.22 3.13
N THR B 302 -2.65 -25.16 2.90
CA THR B 302 -1.70 -24.54 3.81
C THR B 302 -1.13 -23.25 3.26
N LEU B 303 -1.51 -22.86 2.04
CA LEU B 303 -0.98 -21.66 1.42
C LEU B 303 -1.54 -20.42 2.09
N PRO B 304 -0.80 -19.31 2.06
CA PRO B 304 -1.26 -18.08 2.73
C PRO B 304 -2.26 -17.25 1.95
N PHE B 305 -2.52 -17.56 0.68
CA PHE B 305 -3.42 -16.78 -0.15
C PHE B 305 -4.44 -17.70 -0.80
N HIS B 306 -5.58 -17.11 -1.16
CA HIS B 306 -6.61 -17.83 -1.92
C HIS B 306 -7.44 -16.81 -2.67
N ASN B 307 -8.15 -17.29 -3.70
CA ASN B 307 -9.01 -16.41 -4.49
C ASN B 307 -10.35 -17.07 -4.78
N VAL B 308 -10.87 -17.85 -3.83
CA VAL B 308 -12.12 -18.56 -4.05
C VAL B 308 -13.31 -17.63 -3.86
N HIS B 309 -13.40 -17.00 -2.69
CA HIS B 309 -14.52 -16.13 -2.39
C HIS B 309 -14.13 -15.16 -1.29
N PRO B 310 -14.47 -13.88 -1.39
CA PRO B 310 -14.09 -12.93 -0.34
C PRO B 310 -14.68 -13.24 1.03
N LEU B 311 -15.89 -13.81 1.06
CA LEU B 311 -16.58 -14.06 2.32
C LEU B 311 -16.24 -15.45 2.82
N THR B 312 -15.56 -15.53 3.96
CA THR B 312 -15.14 -16.81 4.54
C THR B 312 -15.44 -16.80 6.03
N ILE B 313 -15.60 -18.00 6.58
CA ILE B 313 -15.78 -18.20 8.01
C ILE B 313 -14.80 -19.25 8.49
N GLY B 314 -14.08 -18.97 9.58
CA GLY B 314 -13.11 -19.87 10.12
C GLY B 314 -11.69 -19.43 9.85
N GLU B 315 -10.76 -20.30 10.25
CA GLU B 315 -9.34 -20.05 10.02
C GLU B 315 -9.05 -20.20 8.54
N CYS B 316 -8.96 -19.08 7.84
CA CYS B 316 -8.86 -19.04 6.39
C CYS B 316 -7.64 -18.23 5.97
N PRO B 317 -7.09 -18.50 4.79
CA PRO B 317 -6.02 -17.66 4.25
C PRO B 317 -6.62 -16.36 3.71
N LYS B 318 -5.73 -15.43 3.37
CA LYS B 318 -6.15 -14.10 2.95
C LYS B 318 -6.54 -14.09 1.49
N TYR B 319 -7.66 -13.42 1.19
CA TYR B 319 -8.23 -13.41 -0.15
C TYR B 319 -7.64 -12.28 -0.97
N VAL B 320 -7.24 -12.60 -2.20
CA VAL B 320 -6.75 -11.62 -3.17
C VAL B 320 -7.41 -11.89 -4.51
N LYS B 321 -7.50 -10.85 -5.32
CA LYS B 321 -8.13 -10.95 -6.63
C LYS B 321 -7.16 -11.41 -7.72
N SER B 322 -5.90 -11.65 -7.39
CA SER B 322 -4.93 -12.06 -8.39
C SER B 322 -5.23 -13.46 -8.91
N GLU B 323 -4.91 -13.67 -10.19
CA GLU B 323 -5.10 -14.98 -10.79
C GLU B 323 -4.01 -15.97 -10.39
N LYS B 324 -2.79 -15.49 -10.16
CA LYS B 324 -1.69 -16.35 -9.78
C LYS B 324 -0.65 -15.55 -9.00
N LEU B 325 0.03 -16.23 -8.08
CA LEU B 325 1.13 -15.63 -7.33
C LEU B 325 2.17 -16.72 -7.15
N VAL B 326 3.20 -16.70 -8.00
CA VAL B 326 4.23 -17.72 -8.01
C VAL B 326 5.56 -17.08 -7.62
N LEU B 327 6.19 -17.63 -6.59
CA LEU B 327 7.51 -17.19 -6.15
C LEU B 327 8.58 -18.06 -6.78
N ALA B 328 9.66 -17.42 -7.22
CA ALA B 328 10.81 -18.13 -7.77
C ALA B 328 11.79 -18.43 -6.64
N THR B 329 11.88 -19.70 -6.24
CA THR B 329 12.81 -20.12 -5.21
C THR B 329 14.17 -20.49 -5.76
N GLY B 330 14.26 -20.87 -7.03
CA GLY B 330 15.51 -21.25 -7.64
C GLY B 330 15.98 -20.26 -8.68
N LEU B 331 17.17 -20.53 -9.22
CA LEU B 331 17.77 -19.65 -10.21
C LEU B 331 17.16 -19.89 -11.59
N ARG B 332 17.57 -19.06 -12.54
CA ARG B 332 17.01 -19.14 -13.88
C ARG B 332 17.43 -20.42 -14.58
N ASN B 333 16.53 -20.99 -15.36
CA ASN B 333 16.79 -22.22 -16.09
C ASN B 333 17.33 -21.90 -17.48
N VAL B 334 18.59 -22.21 -17.72
CA VAL B 334 19.25 -21.95 -19.00
C VAL B 334 19.62 -23.30 -19.61
N PRO B 335 19.28 -23.56 -20.87
CA PRO B 335 19.55 -24.87 -21.45
C PRO B 335 21.04 -25.18 -21.52
N GLN B 336 21.35 -26.47 -21.47
CA GLN B 336 22.73 -26.94 -21.61
C GLN B 336 23.29 -26.54 -22.97
N ILE B 337 24.57 -26.20 -22.98
CA ILE B 337 25.25 -25.87 -24.24
C ILE B 337 25.37 -27.13 -25.09
N GLY C 1 20.20 -10.69 -16.37
CA GLY C 1 21.63 -10.74 -16.13
C GLY C 1 22.19 -9.43 -15.63
N LEU C 2 21.77 -9.02 -14.43
CA LEU C 2 22.24 -7.77 -13.87
C LEU C 2 23.72 -7.81 -13.50
N PHE C 3 24.24 -8.98 -13.16
CA PHE C 3 25.65 -9.14 -12.82
C PHE C 3 26.44 -9.89 -13.90
N GLY C 4 25.80 -10.29 -14.98
CA GLY C 4 26.51 -10.82 -16.12
C GLY C 4 27.10 -12.22 -15.95
N ALA C 5 26.66 -12.97 -14.95
CA ALA C 5 27.16 -14.32 -14.74
C ALA C 5 26.24 -15.37 -15.35
N ILE C 6 24.98 -15.38 -14.94
CA ILE C 6 23.99 -16.30 -15.51
C ILE C 6 23.57 -15.77 -16.86
N ALA C 7 23.69 -16.61 -17.90
CA ALA C 7 23.42 -16.23 -19.28
C ALA C 7 24.30 -15.08 -19.76
N GLY C 8 25.44 -14.88 -19.10
CA GLY C 8 26.38 -13.85 -19.50
C GLY C 8 27.63 -14.46 -20.11
N PHE C 9 28.77 -14.36 -19.40
CA PHE C 9 29.96 -15.05 -19.88
C PHE C 9 29.91 -16.54 -19.57
N ILE C 10 28.96 -16.99 -18.77
CA ILE C 10 28.65 -18.41 -18.61
C ILE C 10 27.34 -18.67 -19.34
N GLU C 11 27.43 -19.19 -20.57
CA GLU C 11 26.28 -19.21 -21.46
C GLU C 11 25.21 -20.22 -21.06
N GLY C 12 25.57 -21.33 -20.43
CA GLY C 12 24.61 -22.36 -20.11
C GLY C 12 24.86 -22.96 -18.74
N GLY C 13 23.79 -23.50 -18.17
CA GLY C 13 23.87 -24.19 -16.90
C GLY C 13 24.41 -25.60 -17.06
N TRP C 14 24.47 -26.31 -15.95
CA TRP C 14 25.00 -27.66 -15.90
C TRP C 14 23.90 -28.61 -15.45
N GLN C 15 23.61 -29.62 -16.27
CA GLN C 15 22.67 -30.65 -15.88
C GLN C 15 23.28 -31.65 -14.90
N GLY C 16 24.60 -31.70 -14.81
CA GLY C 16 25.29 -32.58 -13.87
C GLY C 16 25.41 -32.04 -12.46
N MET C 17 24.98 -30.80 -12.22
CA MET C 17 24.93 -30.25 -10.86
C MET C 17 23.62 -30.66 -10.22
N VAL C 18 23.68 -31.71 -9.40
CA VAL C 18 22.49 -32.28 -8.78
C VAL C 18 22.46 -32.11 -7.27
N ASP C 19 23.53 -31.60 -6.65
CA ASP C 19 23.60 -31.48 -5.20
C ASP C 19 23.93 -30.06 -4.77
N GLY C 20 23.58 -29.07 -5.58
CA GLY C 20 23.77 -27.68 -5.19
C GLY C 20 23.49 -26.66 -6.27
N TRP C 21 23.23 -25.42 -5.86
CA TRP C 21 23.01 -24.35 -6.84
C TRP C 21 24.27 -24.06 -7.66
N TYR C 22 25.41 -23.99 -6.99
CA TYR C 22 26.64 -23.46 -7.56
C TYR C 22 27.76 -24.44 -7.30
N GLY C 23 28.68 -24.54 -8.24
CA GLY C 23 29.78 -25.47 -8.05
C GLY C 23 30.84 -25.36 -9.11
N TYR C 24 31.70 -26.36 -9.13
CA TYR C 24 32.89 -26.37 -9.97
C TYR C 24 32.91 -27.63 -10.82
N HIS C 25 33.62 -27.56 -11.93
CA HIS C 25 33.93 -28.72 -12.75
C HIS C 25 35.41 -28.73 -13.04
N HIS C 26 36.09 -29.83 -12.72
CA HIS C 26 37.52 -29.95 -12.89
C HIS C 26 37.83 -31.10 -13.82
N SER C 27 38.99 -31.01 -14.49
CA SER C 27 39.41 -32.04 -15.43
C SER C 27 40.93 -32.04 -15.48
N ASN C 28 41.53 -33.14 -15.02
CA ASN C 28 42.98 -33.30 -15.02
C ASN C 28 43.32 -34.73 -15.39
N ASP C 29 44.57 -35.13 -15.16
CA ASP C 29 45.01 -36.47 -15.54
C ASP C 29 44.25 -37.55 -14.78
N GLN C 30 44.00 -37.34 -13.48
CA GLN C 30 43.32 -38.36 -12.69
C GLN C 30 41.89 -38.58 -13.16
N GLY C 31 41.18 -37.51 -13.51
CA GLY C 31 39.82 -37.66 -13.98
C GLY C 31 39.11 -36.31 -14.01
N SER C 32 37.77 -36.39 -14.06
CA SER C 32 36.96 -35.19 -14.13
C SER C 32 35.64 -35.45 -13.40
N GLY C 33 34.98 -34.37 -13.01
CA GLY C 33 33.71 -34.49 -12.32
C GLY C 33 33.26 -33.15 -11.79
N TYR C 34 32.02 -33.14 -11.29
CA TYR C 34 31.40 -31.96 -10.73
C TYR C 34 31.46 -31.97 -9.21
N ALA C 35 31.29 -30.79 -8.62
CA ALA C 35 31.30 -30.65 -7.17
C ALA C 35 30.53 -29.39 -6.81
N ALA C 36 29.51 -29.53 -5.98
CA ALA C 36 28.68 -28.39 -5.61
C ALA C 36 29.33 -27.59 -4.48
N ASP C 37 29.05 -26.29 -4.47
CA ASP C 37 29.55 -25.38 -3.43
C ASP C 37 28.48 -25.32 -2.34
N LYS C 38 28.68 -26.10 -1.28
CA LYS C 38 27.67 -26.18 -0.23
C LYS C 38 27.54 -24.88 0.53
N GLU C 39 28.66 -24.19 0.78
CA GLU C 39 28.62 -22.98 1.59
C GLU C 39 27.83 -21.87 0.90
N SER C 40 28.09 -21.64 -0.38
CA SER C 40 27.36 -20.60 -1.11
C SER C 40 25.89 -21.00 -1.29
N THR C 41 25.63 -22.28 -1.53
CA THR C 41 24.26 -22.74 -1.65
C THR C 41 23.50 -22.58 -0.35
N GLN C 42 24.16 -22.88 0.79
CA GLN C 42 23.51 -22.74 2.08
C GLN C 42 23.17 -21.29 2.37
N LYS C 43 24.06 -20.36 2.01
CA LYS C 43 23.75 -18.94 2.19
C LYS C 43 22.56 -18.53 1.35
N ALA C 44 22.47 -19.03 0.11
CA ALA C 44 21.34 -18.73 -0.74
C ALA C 44 20.05 -19.29 -0.16
N PHE C 45 20.11 -20.48 0.44
CA PHE C 45 18.92 -21.07 1.04
C PHE C 45 18.43 -20.23 2.21
N ASP C 46 19.33 -19.69 3.01
CA ASP C 46 18.93 -18.88 4.15
C ASP C 46 18.19 -17.61 3.71
N CYS C 47 18.70 -16.95 2.67
CA CYS C 47 18.06 -15.73 2.19
C CYS C 47 16.66 -16.03 1.63
N ILE C 48 16.53 -17.11 0.86
CA ILE C 48 15.23 -17.44 0.28
C ILE C 48 14.26 -17.92 1.38
N THR C 49 14.76 -18.69 2.34
CA THR C 49 13.91 -19.15 3.43
C THR C 49 13.39 -17.98 4.25
N ASN C 50 14.24 -17.00 4.51
CA ASN C 50 13.81 -15.81 5.24
C ASN C 50 12.96 -14.89 4.37
N LYS C 51 13.22 -14.86 3.06
CA LYS C 51 12.46 -14.00 2.16
C LYS C 51 11.00 -14.39 2.13
N VAL C 52 10.72 -15.69 2.07
CA VAL C 52 9.34 -16.17 2.03
C VAL C 52 8.66 -15.97 3.38
N ASN C 53 9.38 -16.26 4.48
CA ASN C 53 8.80 -16.13 5.81
C ASN C 53 8.42 -14.68 6.10
N SER C 54 9.26 -13.73 5.67
CA SER C 54 8.92 -12.33 5.83
C SER C 54 7.69 -11.95 5.01
N VAL C 55 7.52 -12.55 3.84
CA VAL C 55 6.35 -12.26 3.01
C VAL C 55 5.07 -12.73 3.69
N ILE C 56 5.11 -13.91 4.31
CA ILE C 56 3.90 -14.44 4.94
C ILE C 56 3.47 -13.56 6.11
N GLU C 57 4.44 -13.13 6.92
CA GLU C 57 4.10 -12.40 8.15
C GLU C 57 3.44 -11.05 7.83
N LYS C 58 3.88 -10.38 6.76
CA LYS C 58 3.37 -9.04 6.48
C LYS C 58 1.89 -9.06 6.13
N MET C 59 1.47 -9.98 5.26
CA MET C 59 0.06 -10.11 4.91
C MET C 59 -0.71 -11.00 5.88
N ASN C 60 -0.12 -11.36 7.01
CA ASN C 60 -0.85 -12.08 8.05
C ASN C 60 -1.97 -11.22 8.62
N THR C 61 -1.80 -9.89 8.64
CA THR C 61 -2.78 -8.97 9.18
C THR C 61 -3.55 -8.26 8.05
N GLN C 62 -3.87 -9.01 7.00
CA GLN C 62 -4.59 -8.47 5.86
C GLN C 62 -6.07 -8.28 6.19
N PHE C 63 -6.69 -7.32 5.51
CA PHE C 63 -8.09 -6.98 5.73
C PHE C 63 -9.00 -8.19 5.49
N GLU C 64 -10.02 -8.30 6.32
CA GLU C 64 -10.99 -9.40 6.27
C GLU C 64 -12.38 -8.84 6.00
N ALA C 65 -13.13 -9.52 5.13
CA ALA C 65 -14.44 -9.06 4.71
C ALA C 65 -15.54 -9.77 5.49
N VAL C 66 -16.52 -8.99 5.96
CA VAL C 66 -17.67 -9.50 6.70
C VAL C 66 -18.93 -9.07 5.99
N GLY C 67 -19.82 -10.04 5.77
CA GLY C 67 -21.09 -9.78 5.11
C GLY C 67 -22.03 -8.98 5.99
N LYS C 68 -22.75 -8.04 5.37
CA LYS C 68 -23.73 -7.22 6.06
C LYS C 68 -24.98 -7.11 5.22
N GLU C 69 -26.10 -6.80 5.89
CA GLU C 69 -27.37 -6.62 5.24
C GLU C 69 -27.89 -5.22 5.50
N PHE C 70 -28.36 -4.55 4.45
CA PHE C 70 -28.91 -3.21 4.53
C PHE C 70 -30.26 -3.18 3.86
N SER C 71 -31.19 -2.38 4.40
CA SER C 71 -32.52 -2.28 3.85
C SER C 71 -32.49 -1.45 2.56
N ASN C 72 -33.65 -1.35 1.92
CA ASN C 72 -33.76 -0.60 0.68
C ASN C 72 -33.74 0.91 0.89
N LEU C 73 -33.82 1.39 2.13
CA LEU C 73 -33.65 2.80 2.43
C LEU C 73 -32.25 3.13 2.91
N GLU C 74 -31.32 2.20 2.81
CA GLU C 74 -29.93 2.42 3.22
C GLU C 74 -28.98 2.20 2.04
N ARG C 75 -29.34 2.75 0.88
CA ARG C 75 -28.51 2.62 -0.31
C ARG C 75 -27.16 3.31 -0.12
N ARG C 76 -27.16 4.49 0.50
CA ARG C 76 -25.90 5.21 0.71
C ARG C 76 -24.99 4.44 1.67
N LEU C 77 -25.56 3.90 2.74
CA LEU C 77 -24.77 3.08 3.66
C LEU C 77 -24.29 1.80 3.00
N GLU C 78 -25.16 1.16 2.20
CA GLU C 78 -24.76 -0.06 1.51
C GLU C 78 -23.65 0.21 0.49
N ASN C 79 -23.76 1.30 -0.25
CA ASN C 79 -22.71 1.66 -1.20
C ASN C 79 -21.41 2.01 -0.48
N LEU C 80 -21.52 2.68 0.67
CA LEU C 80 -20.33 3.00 1.46
C LEU C 80 -19.63 1.74 1.93
N ASN C 81 -20.39 0.75 2.42
CA ASN C 81 -19.79 -0.50 2.85
C ASN C 81 -19.20 -1.26 1.67
N LYS C 82 -19.87 -1.23 0.52
CA LYS C 82 -19.38 -1.96 -0.65
C LYS C 82 -18.06 -1.38 -1.15
N LYS C 83 -17.94 -0.06 -1.20
CA LYS C 83 -16.72 0.55 -1.72
C LYS C 83 -15.56 0.38 -0.75
N MET C 84 -15.83 0.34 0.55
CA MET C 84 -14.76 0.13 1.53
C MET C 84 -14.14 -1.25 1.37
N GLU C 85 -14.98 -2.28 1.33
CA GLU C 85 -14.48 -3.65 1.21
C GLU C 85 -13.81 -3.86 -0.15
N ASP C 86 -14.40 -3.33 -1.22
CA ASP C 86 -13.76 -3.43 -2.53
C ASP C 86 -12.46 -2.64 -2.57
N GLY C 87 -12.43 -1.47 -1.94
CA GLY C 87 -11.22 -0.67 -1.95
C GLY C 87 -10.07 -1.33 -1.21
N PHE C 88 -10.36 -1.90 -0.04
CA PHE C 88 -9.31 -2.58 0.73
C PHE C 88 -8.80 -3.80 -0.02
N LEU C 89 -9.69 -4.54 -0.68
CA LEU C 89 -9.26 -5.72 -1.42
C LEU C 89 -8.36 -5.33 -2.59
N ASP C 90 -8.65 -4.21 -3.23
CA ASP C 90 -7.79 -3.74 -4.32
C ASP C 90 -6.41 -3.36 -3.81
N VAL C 91 -6.34 -2.73 -2.62
CA VAL C 91 -5.07 -2.32 -2.07
C VAL C 91 -4.21 -3.54 -1.74
N TRP C 92 -4.81 -4.54 -1.11
CA TRP C 92 -4.05 -5.72 -0.71
C TRP C 92 -3.73 -6.63 -1.89
N THR C 93 -4.60 -6.65 -2.91
CA THR C 93 -4.28 -7.39 -4.12
C THR C 93 -3.08 -6.76 -4.84
N TYR C 94 -3.03 -5.43 -4.87
CA TYR C 94 -1.89 -4.75 -5.47
C TYR C 94 -0.60 -5.06 -4.71
N ASN C 95 -0.67 -5.06 -3.37
CA ASN C 95 0.52 -5.33 -2.57
C ASN C 95 1.03 -6.75 -2.78
N ALA C 96 0.11 -7.72 -2.83
CA ALA C 96 0.51 -9.11 -3.00
C ALA C 96 1.16 -9.34 -4.36
N GLU C 97 0.59 -8.76 -5.42
CA GLU C 97 1.17 -8.90 -6.75
C GLU C 97 2.51 -8.17 -6.84
N LEU C 98 2.59 -6.97 -6.29
CA LEU C 98 3.83 -6.18 -6.39
C LEU C 98 4.96 -6.82 -5.61
N LEU C 99 4.66 -7.37 -4.42
CA LEU C 99 5.70 -8.00 -3.63
C LEU C 99 6.27 -9.22 -4.33
N VAL C 100 5.42 -10.00 -4.99
CA VAL C 100 5.88 -11.18 -5.72
C VAL C 100 6.73 -10.78 -6.92
N LEU C 101 6.29 -9.75 -7.65
CA LEU C 101 7.02 -9.30 -8.83
C LEU C 101 8.40 -8.76 -8.45
N MET C 102 8.49 -7.99 -7.37
CA MET C 102 9.77 -7.39 -7.00
C MET C 102 10.70 -8.41 -6.37
N GLU C 103 10.15 -9.34 -5.58
CA GLU C 103 10.99 -10.38 -4.98
C GLU C 103 11.52 -11.35 -6.02
N ASN C 104 10.76 -11.63 -7.07
CA ASN C 104 11.27 -12.47 -8.15
C ASN C 104 12.44 -11.83 -8.85
N GLU C 105 12.37 -10.51 -9.08
CA GLU C 105 13.50 -9.80 -9.66
C GLU C 105 14.70 -9.81 -8.72
N ARG C 106 14.45 -9.65 -7.43
CA ARG C 106 15.54 -9.67 -6.45
C ARG C 106 16.16 -11.06 -6.34
N THR C 107 15.34 -12.10 -6.35
CA THR C 107 15.85 -13.46 -6.20
C THR C 107 16.70 -13.86 -7.39
N LEU C 108 16.23 -13.57 -8.61
CA LEU C 108 17.01 -13.92 -9.80
C LEU C 108 18.31 -13.14 -9.85
N ASP C 109 18.28 -11.86 -9.46
CA ASP C 109 19.50 -11.05 -9.44
C ASP C 109 20.43 -11.49 -8.32
N PHE C 110 19.86 -11.92 -7.19
CA PHE C 110 20.70 -12.45 -6.11
C PHE C 110 21.42 -13.71 -6.55
N HIS C 111 20.74 -14.58 -7.30
CA HIS C 111 21.39 -15.78 -7.83
C HIS C 111 22.47 -15.43 -8.84
N ASP C 112 22.25 -14.36 -9.61
CA ASP C 112 23.26 -13.92 -10.58
C ASP C 112 24.50 -13.39 -9.88
N SER C 113 24.33 -12.79 -8.71
CA SER C 113 25.47 -12.22 -7.99
C SER C 113 26.38 -13.30 -7.44
N ASN C 114 25.81 -14.42 -6.97
CA ASN C 114 26.60 -15.44 -6.29
C ASN C 114 27.62 -16.08 -7.23
N VAL C 115 27.27 -16.26 -8.51
CA VAL C 115 28.22 -16.86 -9.44
C VAL C 115 29.34 -15.88 -9.76
N LYS C 116 29.00 -14.60 -9.95
CA LYS C 116 30.03 -13.60 -10.18
C LYS C 116 30.99 -13.50 -9.00
N ASN C 117 30.46 -13.57 -7.78
CA ASN C 117 31.32 -13.61 -6.60
C ASN C 117 32.12 -14.90 -6.55
N LEU C 118 31.50 -16.03 -6.87
CA LEU C 118 32.21 -17.30 -6.87
C LEU C 118 33.27 -17.32 -7.97
N TYR C 119 32.97 -16.74 -9.12
CA TYR C 119 33.97 -16.64 -10.19
C TYR C 119 35.13 -15.74 -9.78
N ASP C 120 34.83 -14.62 -9.11
CA ASP C 120 35.87 -13.68 -8.72
C ASP C 120 36.71 -14.23 -7.58
N LYS C 121 36.10 -14.96 -6.65
CA LYS C 121 36.85 -15.51 -5.52
C LYS C 121 37.92 -16.48 -6.01
N VAL C 122 37.60 -17.32 -6.99
CA VAL C 122 38.60 -18.22 -7.54
C VAL C 122 39.63 -17.45 -8.37
N ARG C 123 39.18 -16.46 -9.14
CA ARG C 123 40.11 -15.69 -9.96
C ARG C 123 41.11 -14.93 -9.10
N MET C 124 40.63 -14.29 -8.03
CA MET C 124 41.52 -13.56 -7.13
C MET C 124 42.41 -14.48 -6.31
N GLN C 125 42.14 -15.79 -6.34
CA GLN C 125 42.93 -16.78 -5.61
C GLN C 125 43.93 -17.51 -6.49
N LEU C 126 43.65 -17.62 -7.78
CA LEU C 126 44.58 -18.15 -8.79
C LEU C 126 45.18 -17.05 -9.63
N ARG C 127 45.55 -15.94 -8.98
CA ARG C 127 45.84 -14.66 -9.64
C ARG C 127 46.59 -14.80 -10.96
N ASP C 128 47.73 -15.49 -10.94
CA ASP C 128 48.64 -15.46 -12.07
C ASP C 128 49.03 -16.84 -12.58
N ASN C 129 48.70 -17.91 -11.85
CA ASN C 129 49.10 -19.26 -12.23
C ASN C 129 48.14 -19.90 -13.23
N VAL C 130 47.08 -19.20 -13.63
CA VAL C 130 46.08 -19.75 -14.53
C VAL C 130 45.81 -18.77 -15.66
N LYS C 131 45.17 -19.26 -16.71
CA LYS C 131 44.65 -18.42 -17.78
C LYS C 131 43.16 -18.21 -17.58
N GLU C 132 42.70 -17.00 -17.86
CA GLU C 132 41.27 -16.68 -17.79
C GLU C 132 40.69 -16.81 -19.19
N LEU C 133 40.07 -17.96 -19.48
CA LEU C 133 39.59 -18.23 -20.83
C LEU C 133 38.39 -17.37 -21.21
N GLY C 134 37.72 -16.75 -20.24
CA GLY C 134 36.59 -15.90 -20.52
C GLY C 134 35.25 -16.58 -20.58
N ASN C 135 35.20 -17.92 -20.50
CA ASN C 135 33.95 -18.66 -20.49
C ASN C 135 33.67 -19.29 -19.13
N GLY C 136 34.21 -18.70 -18.06
CA GLY C 136 34.02 -19.22 -16.72
C GLY C 136 34.97 -20.31 -16.30
N CYS C 137 35.95 -20.66 -17.15
CA CYS C 137 36.89 -21.73 -16.86
C CYS C 137 38.32 -21.19 -16.84
N PHE C 138 39.12 -21.71 -15.92
CA PHE C 138 40.52 -21.35 -15.78
C PHE C 138 41.39 -22.53 -16.16
N GLU C 139 42.45 -22.27 -16.91
CA GLU C 139 43.40 -23.31 -17.32
C GLU C 139 44.72 -23.07 -16.63
N PHE C 140 45.19 -24.07 -15.89
CA PHE C 140 46.39 -23.93 -15.08
C PHE C 140 47.65 -23.98 -15.94
N TYR C 141 48.65 -23.19 -15.54
CA TYR C 141 49.96 -23.25 -16.17
C TYR C 141 50.83 -24.36 -15.59
N HIS C 142 50.42 -24.98 -14.48
CA HIS C 142 51.17 -26.05 -13.83
C HIS C 142 50.30 -27.30 -13.76
N LYS C 143 50.79 -28.31 -13.04
CA LYS C 143 50.05 -29.54 -12.81
C LYS C 143 49.27 -29.43 -11.51
N CYS C 144 47.95 -29.56 -11.60
CA CYS C 144 47.06 -29.41 -10.45
C CYS C 144 46.27 -30.71 -10.29
N ASP C 145 46.71 -31.54 -9.35
CA ASP C 145 46.08 -32.85 -9.13
C ASP C 145 44.83 -32.67 -8.28
N ASP C 146 44.26 -33.78 -7.81
CA ASP C 146 43.02 -33.72 -7.04
C ASP C 146 43.20 -32.95 -5.75
N GLU C 147 44.33 -33.15 -5.05
CA GLU C 147 44.58 -32.39 -3.84
C GLU C 147 44.73 -30.90 -4.14
N CYS C 148 45.36 -30.57 -5.27
CA CYS C 148 45.47 -29.17 -5.68
C CYS C 148 44.12 -28.59 -6.04
N MET C 149 43.29 -29.36 -6.75
CA MET C 149 41.95 -28.88 -7.10
C MET C 149 41.11 -28.61 -5.86
N ASN C 150 41.16 -29.53 -4.88
CA ASN C 150 40.34 -29.37 -3.69
C ASN C 150 40.73 -28.14 -2.89
N SER C 151 42.00 -27.74 -2.95
CA SER C 151 42.42 -26.52 -2.28
C SER C 151 41.75 -25.30 -2.90
N VAL C 152 41.60 -25.30 -4.23
CA VAL C 152 40.94 -24.19 -4.91
C VAL C 152 39.47 -24.10 -4.50
N LYS C 153 38.81 -25.26 -4.38
CA LYS C 153 37.38 -25.27 -4.08
C LYS C 153 37.10 -24.73 -2.68
N ASN C 154 37.94 -25.05 -1.70
CA ASN C 154 37.74 -24.59 -0.34
C ASN C 154 38.61 -23.39 0.01
N GLY C 155 39.16 -22.71 -0.98
CA GLY C 155 39.87 -21.46 -0.74
C GLY C 155 41.15 -21.59 0.05
N THR C 156 41.99 -22.58 -0.27
CA THR C 156 43.28 -22.75 0.39
C THR C 156 44.36 -23.01 -0.65
N TYR C 157 44.30 -22.29 -1.77
CA TYR C 157 45.30 -22.46 -2.81
C TYR C 157 46.64 -21.87 -2.36
N ASP C 158 47.70 -22.64 -2.53
CA ASP C 158 49.04 -22.22 -2.13
C ASP C 158 49.72 -21.62 -3.37
N TYR C 159 49.49 -20.32 -3.57
CA TYR C 159 50.08 -19.64 -4.72
C TYR C 159 51.60 -19.66 -4.70
N PRO C 160 52.29 -19.37 -3.58
CA PRO C 160 53.76 -19.43 -3.61
C PRO C 160 54.30 -20.80 -3.95
N LYS C 161 53.55 -21.88 -3.65
CA LYS C 161 54.04 -23.22 -3.94
C LYS C 161 54.22 -23.44 -5.44
N TYR C 162 53.27 -22.98 -6.24
CA TYR C 162 53.32 -23.15 -7.69
C TYR C 162 53.75 -21.87 -8.41
N GLU C 163 54.18 -20.84 -7.68
CA GLU C 163 54.54 -19.58 -8.30
C GLU C 163 55.72 -19.74 -9.27
N GLU C 164 56.75 -20.48 -8.84
CA GLU C 164 57.92 -20.65 -9.68
C GLU C 164 57.62 -21.50 -10.90
N GLU C 165 56.92 -22.61 -10.72
CA GLU C 165 56.63 -23.51 -11.83
C GLU C 165 55.76 -22.86 -12.88
N SER C 166 54.75 -22.10 -12.44
CA SER C 166 53.78 -21.53 -13.38
C SER C 166 54.43 -20.56 -14.35
N LYS C 167 55.34 -19.72 -13.87
CA LYS C 167 55.92 -18.69 -14.72
C LYS C 167 56.88 -19.28 -15.76
N LEU C 168 57.47 -20.44 -15.47
CA LEU C 168 58.34 -21.08 -16.46
C LEU C 168 57.56 -21.50 -17.69
N ASN C 169 56.39 -22.10 -17.50
CA ASN C 169 55.57 -22.51 -18.63
C ASN C 169 54.88 -21.32 -19.29
N ARG C 170 54.51 -20.31 -18.50
CA ARG C 170 53.86 -19.13 -19.06
C ARG C 170 54.78 -18.37 -20.01
N ASN C 171 56.05 -18.21 -19.61
CA ASN C 171 56.99 -17.48 -20.45
C ASN C 171 57.23 -18.20 -21.76
N GLU C 172 57.36 -19.52 -21.73
CA GLU C 172 57.59 -20.30 -22.94
C GLU C 172 56.95 -21.67 -22.84
N GLN D 1 9.79 -22.94 16.49
CA GLN D 1 8.56 -23.74 16.47
C GLN D 1 8.50 -24.61 15.22
N VAL D 2 9.26 -25.70 15.23
CA VAL D 2 9.28 -26.67 14.14
C VAL D 2 9.03 -28.04 14.71
N GLN D 3 8.04 -28.75 14.15
CA GLN D 3 7.68 -30.08 14.59
C GLN D 3 7.56 -31.02 13.40
N LEU D 4 7.94 -32.26 13.60
CA LEU D 4 7.83 -33.29 12.58
C LEU D 4 6.82 -34.35 13.04
N VAL D 5 5.81 -34.61 12.22
CA VAL D 5 4.78 -35.59 12.52
C VAL D 5 4.98 -36.78 11.59
N GLN D 6 4.88 -37.98 12.15
CA GLN D 6 5.07 -39.22 11.41
C GLN D 6 3.76 -40.00 11.35
N SER D 7 3.83 -41.15 10.70
CA SER D 7 2.68 -42.04 10.63
C SER D 7 2.48 -42.76 11.96
N GLY D 8 1.47 -43.62 12.01
CA GLY D 8 1.20 -44.42 13.19
C GLY D 8 2.02 -45.70 13.21
N ALA D 9 1.86 -46.43 14.31
CA ALA D 9 2.52 -47.72 14.43
C ALA D 9 1.94 -48.72 13.44
N GLU D 10 2.78 -49.61 12.94
CA GLU D 10 2.38 -50.58 11.93
C GLU D 10 2.85 -51.97 12.33
N VAL D 11 2.08 -52.98 11.91
CA VAL D 11 2.43 -54.38 12.06
C VAL D 11 2.51 -54.98 10.67
N LYS D 12 3.57 -55.74 10.41
CA LYS D 12 3.80 -56.31 9.09
C LYS D 12 4.26 -57.76 9.25
N LYS D 13 4.44 -58.42 8.11
CA LYS D 13 4.88 -59.80 8.03
C LYS D 13 6.09 -59.87 7.10
N PRO D 14 7.04 -60.78 7.37
CA PRO D 14 8.20 -60.91 6.49
C PRO D 14 7.79 -61.11 5.04
N GLY D 15 8.50 -60.41 4.15
CA GLY D 15 8.18 -60.40 2.74
C GLY D 15 7.40 -59.20 2.26
N SER D 16 6.86 -58.40 3.16
CA SER D 16 6.10 -57.21 2.82
C SER D 16 6.99 -55.98 2.93
N SER D 17 6.39 -54.82 2.69
CA SER D 17 7.07 -53.54 2.76
C SER D 17 6.44 -52.66 3.84
N VAL D 18 7.14 -51.58 4.18
CA VAL D 18 6.66 -50.60 5.14
C VAL D 18 6.79 -49.22 4.53
N LYS D 19 5.77 -48.39 4.76
CA LYS D 19 5.68 -47.07 4.13
C LYS D 19 5.48 -46.03 5.23
N VAL D 20 6.58 -45.42 5.68
CA VAL D 20 6.54 -44.47 6.79
C VAL D 20 6.70 -43.06 6.22
N SER D 21 5.82 -42.15 6.62
CA SER D 21 5.87 -40.78 6.18
C SER D 21 6.37 -39.86 7.30
N CYS D 22 6.74 -38.65 6.93
CA CYS D 22 7.21 -37.65 7.90
C CYS D 22 6.92 -36.27 7.31
N LYS D 23 5.86 -35.62 7.79
CA LYS D 23 5.49 -34.29 7.35
C LYS D 23 6.18 -33.25 8.21
N THR D 24 6.78 -32.25 7.59
CA THR D 24 7.48 -31.18 8.27
C THR D 24 6.74 -29.87 8.09
N SER D 25 6.48 -29.18 9.20
CA SER D 25 5.79 -27.89 9.19
C SER D 25 6.80 -26.77 9.41
N GLY D 26 6.30 -25.55 9.56
CA GLY D 26 7.15 -24.40 9.80
C GLY D 26 7.53 -23.61 8.58
N GLY D 27 7.04 -23.97 7.40
CA GLY D 27 7.35 -23.24 6.19
C GLY D 27 6.59 -23.80 5.02
N ILE D 28 6.59 -23.03 3.94
CA ILE D 28 5.88 -23.45 2.73
C ILE D 28 6.56 -24.65 2.09
N PHE D 29 7.88 -24.61 1.97
CA PHE D 29 8.64 -25.67 1.31
C PHE D 29 9.77 -26.13 2.22
N ARG D 30 10.14 -27.39 2.07
CA ARG D 30 11.21 -27.96 2.88
C ARG D 30 12.55 -27.34 2.47
N SER D 31 13.29 -26.86 3.47
CA SER D 31 14.59 -26.25 3.24
C SER D 31 15.74 -27.00 3.91
N ASN D 32 15.44 -28.04 4.68
CA ASN D 32 16.45 -28.80 5.39
C ASN D 32 16.36 -30.27 5.01
N ALA D 33 17.52 -30.92 4.94
CA ALA D 33 17.56 -32.33 4.64
C ALA D 33 16.97 -33.15 5.78
N ILE D 34 16.29 -34.23 5.42
CA ILE D 34 15.65 -35.11 6.40
C ILE D 34 16.24 -36.51 6.24
N SER D 35 16.65 -37.10 7.36
CA SER D 35 17.27 -38.41 7.38
C SER D 35 16.44 -39.35 8.23
N TRP D 36 16.67 -40.65 8.06
CA TRP D 36 15.95 -41.70 8.77
C TRP D 36 16.94 -42.50 9.60
N VAL D 37 16.64 -42.67 10.88
CA VAL D 37 17.44 -43.48 11.79
C VAL D 37 16.51 -44.38 12.59
N ARG D 38 16.94 -45.60 12.85
CA ARG D 38 16.13 -46.61 13.53
C ARG D 38 16.85 -47.11 14.78
N GLN D 39 16.06 -47.58 15.75
CA GLN D 39 16.59 -48.13 16.99
C GLN D 39 15.84 -49.43 17.30
N ALA D 40 16.50 -50.55 17.08
CA ALA D 40 15.95 -51.84 17.48
C ALA D 40 16.13 -52.01 18.98
N PRO D 41 15.10 -52.40 19.73
CA PRO D 41 15.26 -52.58 21.18
C PRO D 41 16.39 -53.56 21.49
N GLY D 42 17.24 -53.17 22.44
CA GLY D 42 18.46 -53.89 22.71
C GLY D 42 19.61 -53.54 21.78
N GLN D 43 19.42 -52.62 20.85
CA GLN D 43 20.44 -52.23 19.89
C GLN D 43 20.44 -50.71 19.77
N GLY D 44 21.59 -50.17 19.36
CA GLY D 44 21.75 -48.73 19.25
C GLY D 44 21.17 -48.17 17.97
N LEU D 45 21.13 -46.84 17.91
CA LEU D 45 20.61 -46.15 16.75
C LEU D 45 21.52 -46.37 15.54
N GLU D 46 20.90 -46.53 14.38
CA GLU D 46 21.62 -46.74 13.12
C GLU D 46 21.12 -45.75 12.08
N TRP D 47 22.05 -45.25 11.27
CA TRP D 47 21.69 -44.33 10.19
C TRP D 47 21.29 -45.12 8.96
N MET D 48 20.11 -44.79 8.41
CA MET D 48 19.55 -45.49 7.26
C MET D 48 19.79 -44.73 5.97
N GLY D 49 19.40 -43.47 5.91
CA GLY D 49 19.62 -42.67 4.72
C GLY D 49 19.02 -41.30 4.89
N GLY D 50 19.13 -40.49 3.85
CA GLY D 50 18.59 -39.15 3.87
C GLY D 50 18.37 -38.62 2.47
N VAL D 51 17.70 -37.47 2.39
CA VAL D 51 17.37 -36.83 1.13
C VAL D 51 17.71 -35.35 1.24
N VAL D 52 18.31 -34.79 0.18
CA VAL D 52 18.65 -33.38 0.15
C VAL D 52 17.36 -32.55 0.03
N ALA D 53 17.44 -31.28 0.46
CA ALA D 53 16.24 -30.47 0.66
C ALA D 53 15.46 -30.27 -0.64
N ILE D 54 16.04 -29.55 -1.59
CA ILE D 54 15.32 -29.18 -2.80
C ILE D 54 15.64 -30.11 -3.97
N PHE D 55 16.90 -30.45 -4.19
CA PHE D 55 17.32 -31.21 -5.36
C PHE D 55 16.93 -32.68 -5.29
N GLY D 56 16.57 -33.20 -4.12
CA GLY D 56 16.07 -34.55 -4.00
C GLY D 56 17.12 -35.64 -4.10
N THR D 57 18.40 -35.30 -4.09
CA THR D 57 19.44 -36.32 -4.10
C THR D 57 19.39 -37.11 -2.80
N THR D 58 19.57 -38.42 -2.91
CA THR D 58 19.43 -39.33 -1.79
C THR D 58 20.74 -40.08 -1.54
N ASN D 59 21.03 -40.31 -0.26
CA ASN D 59 22.18 -41.10 0.15
C ASN D 59 21.69 -42.20 1.09
N TYR D 60 22.31 -43.38 0.99
CA TYR D 60 21.93 -44.52 1.81
C TYR D 60 23.17 -45.15 2.43
N ALA D 61 22.98 -45.73 3.61
CA ALA D 61 24.05 -46.46 4.26
C ALA D 61 24.32 -47.77 3.53
N GLN D 62 25.58 -48.18 3.50
CA GLN D 62 25.97 -49.38 2.75
C GLN D 62 25.25 -50.62 3.27
N ASN D 63 24.85 -50.61 4.54
CA ASN D 63 24.14 -51.75 5.11
C ASN D 63 22.77 -51.93 4.46
N PHE D 64 22.09 -50.83 4.16
CA PHE D 64 20.72 -50.88 3.68
C PHE D 64 20.57 -50.50 2.22
N GLN D 65 21.66 -50.47 1.45
CA GLN D 65 21.53 -50.19 0.03
C GLN D 65 20.79 -51.33 -0.67
N GLY D 66 19.85 -50.95 -1.53
CA GLY D 66 19.03 -51.91 -2.24
C GLY D 66 17.77 -52.35 -1.52
N ARG D 67 17.58 -51.95 -0.27
CA ARG D 67 16.38 -52.29 0.48
C ARG D 67 15.58 -51.09 0.95
N VAL D 68 16.16 -49.90 1.00
CA VAL D 68 15.48 -48.70 1.45
C VAL D 68 15.41 -47.71 0.30
N THR D 69 14.28 -47.02 0.19
CA THR D 69 14.06 -46.03 -0.86
C THR D 69 13.38 -44.81 -0.23
N ILE D 70 14.12 -43.71 -0.13
CA ILE D 70 13.61 -42.47 0.45
C ILE D 70 13.21 -41.54 -0.67
N THR D 71 11.95 -41.12 -0.68
CA THR D 71 11.43 -40.21 -1.68
C THR D 71 10.67 -39.09 -0.99
N ALA D 72 10.66 -37.92 -1.61
CA ALA D 72 9.97 -36.77 -1.07
C ALA D 72 9.22 -36.06 -2.18
N ASP D 73 8.10 -35.43 -1.83
CA ASP D 73 7.32 -34.62 -2.75
C ASP D 73 7.45 -33.15 -2.38
N GLU D 74 7.82 -32.32 -3.36
CA GLU D 74 8.03 -30.91 -3.10
C GLU D 74 6.71 -30.18 -2.85
N SER D 75 5.61 -30.69 -3.40
CA SER D 75 4.32 -30.02 -3.25
C SER D 75 3.83 -30.07 -1.81
N SER D 76 3.94 -31.23 -1.17
CA SER D 76 3.39 -31.43 0.18
C SER D 76 4.44 -31.38 1.27
N SER D 77 5.72 -31.24 0.92
CA SER D 77 6.82 -31.20 1.89
C SER D 77 6.80 -32.43 2.80
N THR D 78 6.54 -33.60 2.20
CA THR D 78 6.48 -34.86 2.92
C THR D 78 7.62 -35.76 2.47
N VAL D 79 8.19 -36.47 3.42
CA VAL D 79 9.29 -37.40 3.17
C VAL D 79 8.81 -38.81 3.47
N TYR D 80 9.07 -39.72 2.55
CA TYR D 80 8.60 -41.10 2.66
C TYR D 80 9.80 -42.04 2.70
N MET D 81 9.65 -43.12 3.46
CA MET D 81 10.67 -44.16 3.56
C MET D 81 10.02 -45.50 3.28
N GLU D 82 10.62 -46.27 2.38
CA GLU D 82 10.08 -47.56 1.94
C GLU D 82 11.17 -48.62 2.12
N LEU D 83 11.04 -49.43 3.15
CA LEU D 83 11.95 -50.55 3.38
C LEU D 83 11.26 -51.84 2.94
N SER D 84 11.84 -52.51 1.95
CA SER D 84 11.27 -53.70 1.35
C SER D 84 12.04 -54.94 1.79
N ARG D 85 11.49 -56.10 1.42
CA ARG D 85 12.07 -57.40 1.77
C ARG D 85 12.28 -57.51 3.27
N LEU D 86 11.21 -57.26 4.03
CA LEU D 86 11.27 -57.33 5.48
C LEU D 86 11.63 -58.75 5.92
N ARG D 87 12.49 -58.84 6.93
CA ARG D 87 12.90 -60.12 7.49
C ARG D 87 12.96 -59.99 9.00
N SER D 88 13.51 -61.00 9.66
CA SER D 88 13.67 -60.96 11.10
C SER D 88 14.66 -59.87 11.50
N GLU D 89 14.52 -59.39 12.73
CA GLU D 89 15.35 -58.34 13.31
C GLU D 89 15.18 -57.01 12.60
N ASP D 90 14.09 -56.82 11.86
CA ASP D 90 13.74 -55.53 11.30
C ASP D 90 12.77 -54.76 12.18
N THR D 91 12.43 -55.30 13.35
CA THR D 91 11.60 -54.58 14.31
C THR D 91 12.42 -53.50 15.00
N ALA D 92 11.97 -52.26 14.88
CA ALA D 92 12.71 -51.12 15.43
C ALA D 92 11.79 -49.92 15.43
N VAL D 93 12.25 -48.85 16.07
CA VAL D 93 11.55 -47.56 16.08
C VAL D 93 12.25 -46.64 15.11
N TYR D 94 11.50 -46.12 14.14
CA TYR D 94 12.05 -45.30 13.07
C TYR D 94 11.73 -43.84 13.32
N TYR D 95 12.76 -43.00 13.34
CA TYR D 95 12.61 -41.57 13.50
C TYR D 95 13.05 -40.85 12.22
N CYS D 96 12.40 -39.73 11.94
CA CYS D 96 12.82 -38.84 10.87
C CYS D 96 13.48 -37.61 11.50
N ALA D 97 14.73 -37.35 11.13
CA ALA D 97 15.52 -36.29 11.73
C ALA D 97 15.79 -35.21 10.69
N ARG D 98 15.67 -33.95 11.12
CA ARG D 98 15.88 -32.80 10.25
C ARG D 98 17.29 -32.28 10.43
N HIS D 99 18.02 -32.14 9.32
CA HIS D 99 19.39 -31.66 9.37
C HIS D 99 19.42 -30.15 9.61
N SER D 100 20.61 -29.66 9.98
CA SER D 100 20.81 -28.23 10.20
C SER D 100 20.95 -27.45 8.90
N GLY D 101 21.13 -28.13 7.77
CA GLY D 101 21.28 -27.46 6.50
C GLY D 101 20.50 -28.12 5.39
N TYR D 102 20.69 -27.64 4.16
CA TYR D 102 19.98 -28.22 3.02
C TYR D 102 20.55 -29.56 2.58
N HIS D 103 21.77 -29.89 2.99
CA HIS D 103 22.46 -31.09 2.54
C HIS D 103 22.70 -32.04 3.70
N ILE D 104 22.90 -33.31 3.34
CA ILE D 104 23.13 -34.33 4.35
C ILE D 104 24.51 -34.16 4.99
N THR D 105 25.52 -33.88 4.18
CA THR D 105 26.89 -33.85 4.67
C THR D 105 27.13 -32.65 5.57
N ASN D 106 27.93 -32.86 6.62
CA ASN D 106 28.38 -31.82 7.54
C ASN D 106 27.22 -31.12 8.23
N THR D 107 26.13 -31.86 8.50
CA THR D 107 24.99 -31.29 9.21
C THR D 107 24.56 -32.24 10.31
N PHE D 108 24.04 -31.67 11.40
CA PHE D 108 23.55 -32.43 12.54
C PHE D 108 22.04 -32.36 12.60
N PHE D 109 21.45 -33.27 13.37
CA PHE D 109 20.00 -33.39 13.46
C PHE D 109 19.46 -32.35 14.44
N ASP D 110 18.87 -31.28 13.91
CA ASP D 110 18.29 -30.26 14.78
C ASP D 110 17.10 -30.82 15.55
N TYR D 111 16.14 -31.43 14.85
CA TYR D 111 14.92 -31.90 15.47
C TYR D 111 14.68 -33.35 15.05
N TRP D 112 13.94 -34.07 15.88
CA TRP D 112 13.65 -35.48 15.65
C TRP D 112 12.15 -35.70 15.67
N GLY D 113 11.72 -36.72 14.91
CA GLY D 113 10.34 -37.12 14.94
C GLY D 113 10.01 -37.93 16.19
N GLN D 114 8.72 -37.97 16.51
CA GLN D 114 8.29 -38.65 17.74
C GLN D 114 8.56 -40.15 17.66
N GLY D 115 8.48 -40.73 16.46
CA GLY D 115 8.88 -42.11 16.27
C GLY D 115 7.74 -43.06 15.92
N THR D 116 8.03 -44.07 15.12
CA THR D 116 7.05 -45.07 14.73
C THR D 116 7.59 -46.45 15.05
N LEU D 117 6.75 -47.30 15.62
CA LEU D 117 7.13 -48.67 15.95
C LEU D 117 6.59 -49.61 14.89
N VAL D 118 7.48 -50.38 14.28
CA VAL D 118 7.13 -51.31 13.20
C VAL D 118 7.58 -52.70 13.61
N THR D 119 6.67 -53.66 13.53
CA THR D 119 6.94 -55.05 13.90
C THR D 119 6.77 -55.95 12.70
N VAL D 120 7.60 -56.99 12.63
CA VAL D 120 7.53 -57.96 11.54
C VAL D 120 7.29 -59.35 12.11
N GLU E 1 49.69 29.04 9.17
CA GLU E 1 48.56 29.88 9.51
C GLU E 1 48.47 31.08 8.57
N ILE E 2 47.44 31.10 7.74
CA ILE E 2 47.24 32.17 6.78
C ILE E 2 46.56 33.34 7.47
N VAL E 3 47.19 34.51 7.40
CA VAL E 3 46.60 35.73 7.92
C VAL E 3 45.97 36.49 6.77
N LEU E 4 44.72 36.91 6.96
CA LEU E 4 43.96 37.58 5.92
C LEU E 4 43.85 39.07 6.24
N THR E 5 44.30 39.90 5.32
CA THR E 5 44.34 41.35 5.49
C THR E 5 43.31 41.96 4.56
N GLN E 6 42.29 42.60 5.14
CA GLN E 6 41.28 43.30 4.36
C GLN E 6 41.65 44.77 4.29
N SER E 7 41.87 45.28 3.06
CA SER E 7 42.49 46.59 2.92
C SER E 7 41.54 47.74 3.20
N PRO E 8 40.36 47.84 2.56
CA PRO E 8 39.57 49.08 2.69
C PRO E 8 39.23 49.47 4.13
N GLY E 9 38.89 48.51 4.98
CA GLY E 9 38.60 48.80 6.36
C GLY E 9 37.26 49.50 6.55
N THR E 10 37.18 50.75 6.09
CA THR E 10 35.96 51.53 6.14
C THR E 10 35.66 52.07 4.76
N LEU E 11 34.43 51.89 4.30
CA LEU E 11 34.05 52.31 2.95
C LEU E 11 32.65 52.91 3.02
N SER E 12 32.60 54.25 3.09
CA SER E 12 31.32 54.95 3.09
C SER E 12 30.84 55.13 1.66
N LEU E 13 29.60 54.73 1.41
CA LEU E 13 29.02 54.81 0.06
C LEU E 13 27.56 55.21 0.18
N SER E 14 26.93 55.38 -0.97
CA SER E 14 25.51 55.67 -1.10
C SER E 14 24.89 54.68 -2.06
N PRO E 15 23.58 54.42 -1.93
CA PRO E 15 22.93 53.43 -2.81
C PRO E 15 23.13 53.72 -4.28
N GLY E 16 23.85 52.84 -4.97
CA GLY E 16 24.16 53.03 -6.37
C GLY E 16 25.65 52.95 -6.66
N ASP E 17 26.47 53.31 -5.68
CA ASP E 17 27.91 53.28 -5.85
C ASP E 17 28.39 51.83 -5.95
N ARG E 18 29.43 51.62 -6.76
CA ARG E 18 30.04 50.30 -6.84
C ARG E 18 30.90 50.04 -5.61
N ALA E 19 30.71 48.87 -5.00
CA ALA E 19 31.46 48.47 -3.82
C ALA E 19 32.40 47.33 -4.20
N THR E 20 33.69 47.51 -3.94
CA THR E 20 34.70 46.51 -4.22
C THR E 20 35.51 46.28 -2.96
N LEU E 21 35.45 45.06 -2.43
CA LEU E 21 36.13 44.70 -1.19
C LEU E 21 37.26 43.74 -1.50
N SER E 22 38.46 44.04 -1.01
CA SER E 22 39.66 43.28 -1.31
C SER E 22 40.11 42.50 -0.09
N CYS E 23 40.37 41.21 -0.27
CA CYS E 23 40.87 40.33 0.78
C CYS E 23 42.21 39.77 0.34
N ARG E 24 43.24 39.99 1.15
CA ARG E 24 44.60 39.59 0.82
C ARG E 24 45.07 38.50 1.78
N ALA E 25 45.84 37.56 1.25
CA ALA E 25 46.33 36.41 2.01
C ALA E 25 47.85 36.40 2.03
N SER E 26 48.42 36.01 3.17
CA SER E 26 49.88 35.95 3.28
C SER E 26 50.46 34.92 2.33
N GLN E 27 49.86 33.74 2.27
CA GLN E 27 50.27 32.68 1.36
C GLN E 27 49.07 32.22 0.55
N SER E 28 49.35 31.58 -0.59
CA SER E 28 48.30 31.18 -1.50
C SER E 28 47.33 30.21 -0.83
N VAL E 29 46.04 30.48 -1.00
CA VAL E 29 44.98 29.63 -0.45
C VAL E 29 44.78 28.45 -1.39
N PRO E 30 44.96 27.21 -0.93
CA PRO E 30 44.82 26.07 -1.83
C PRO E 30 43.40 25.91 -2.34
N SER E 31 43.28 25.53 -3.61
CA SER E 31 42.02 25.22 -4.27
C SER E 31 41.04 26.40 -4.26
N SER E 32 41.54 27.61 -4.02
CA SER E 32 40.72 28.82 -4.00
C SER E 32 39.54 28.68 -3.03
N TYR E 33 39.82 28.15 -1.85
CA TYR E 33 38.81 28.00 -0.80
C TYR E 33 38.73 29.28 0.01
N LEU E 34 37.84 30.17 -0.41
CA LEU E 34 37.60 31.41 0.32
C LEU E 34 36.12 31.75 0.24
N ALA E 35 35.60 32.33 1.33
CA ALA E 35 34.18 32.63 1.45
C ALA E 35 33.98 34.04 1.99
N TRP E 36 32.82 34.60 1.72
CA TRP E 36 32.45 35.93 2.19
C TRP E 36 31.14 35.85 2.98
N TYR E 37 31.09 36.61 4.07
CA TYR E 37 29.93 36.60 4.96
C TYR E 37 29.48 38.02 5.24
N ARG E 38 28.16 38.18 5.39
CA ARG E 38 27.55 39.45 5.77
C ARG E 38 27.03 39.32 7.20
N HIS E 39 27.54 40.18 8.09
CA HIS E 39 27.25 40.11 9.52
C HIS E 39 26.69 41.45 9.98
N LYS E 40 25.37 41.60 9.88
CA LYS E 40 24.72 42.76 10.45
C LYS E 40 24.70 42.61 11.97
N PRO E 41 25.03 43.67 12.72
CA PRO E 41 25.10 43.54 14.18
C PRO E 41 23.78 43.04 14.76
N GLY E 42 23.88 42.16 15.75
CA GLY E 42 22.72 41.57 16.37
C GLY E 42 22.08 40.43 15.61
N GLN E 43 22.69 39.98 14.52
CA GLN E 43 22.13 38.92 13.68
C GLN E 43 23.21 37.91 13.33
N ALA E 44 22.78 36.68 13.06
CA ALA E 44 23.71 35.63 12.67
C ALA E 44 24.28 35.93 11.28
N PRO E 45 25.58 35.72 11.09
CA PRO E 45 26.18 35.97 9.78
C PRO E 45 25.59 35.06 8.70
N ARG E 46 25.55 35.58 7.48
CA ARG E 46 24.97 34.88 6.35
C ARG E 46 26.03 34.69 5.28
N LEU E 47 26.00 33.54 4.63
CA LEU E 47 26.97 33.19 3.60
C LEU E 47 26.57 33.82 2.28
N LEU E 48 27.45 34.65 1.72
CA LEU E 48 27.21 35.28 0.43
C LEU E 48 27.85 34.51 -0.72
N ILE E 49 29.17 34.33 -0.68
CA ILE E 49 29.93 33.69 -1.74
C ILE E 49 30.81 32.61 -1.12
N TYR E 50 30.84 31.45 -1.76
CA TYR E 50 31.73 30.36 -1.36
C TYR E 50 32.55 29.90 -2.56
N GLY E 51 33.82 29.59 -2.32
CA GLY E 51 34.72 29.21 -3.38
C GLY E 51 35.27 30.36 -4.18
N ALA E 52 34.95 31.61 -3.81
CA ALA E 52 35.45 32.83 -4.42
C ALA E 52 34.88 33.06 -5.82
N SER E 53 34.11 32.09 -6.33
CA SER E 53 33.50 32.23 -7.64
C SER E 53 32.08 31.68 -7.73
N SER E 54 31.50 31.20 -6.64
CA SER E 54 30.19 30.58 -6.65
C SER E 54 29.28 31.31 -5.67
N ARG E 55 28.07 31.63 -6.12
CA ARG E 55 27.10 32.35 -5.31
C ARG E 55 26.29 31.37 -4.47
N ALA E 56 26.06 31.73 -3.22
CA ALA E 56 25.24 30.91 -2.33
C ALA E 56 23.77 31.01 -2.73
N THR E 57 23.01 29.99 -2.33
CA THR E 57 21.59 29.96 -2.67
C THR E 57 20.84 31.08 -1.95
N GLY E 58 19.85 31.64 -2.65
CA GLY E 58 19.04 32.72 -2.11
C GLY E 58 19.71 34.08 -2.10
N ILE E 59 20.97 34.16 -2.50
CA ILE E 59 21.70 35.42 -2.49
C ILE E 59 21.29 36.25 -3.71
N PRO E 60 21.02 37.54 -3.55
CA PRO E 60 20.68 38.38 -4.71
C PRO E 60 21.83 38.45 -5.70
N ASP E 61 21.47 38.65 -6.97
CA ASP E 61 22.43 38.58 -8.07
C ASP E 61 23.51 39.65 -7.95
N ARG E 62 23.25 40.75 -7.25
CA ARG E 62 24.23 41.83 -7.18
C ARG E 62 25.51 41.39 -6.49
N PHE E 63 25.44 40.35 -5.65
CA PHE E 63 26.64 39.86 -4.96
C PHE E 63 27.41 38.92 -5.86
N SER E 64 28.69 39.22 -6.07
CA SER E 64 29.56 38.37 -6.87
C SER E 64 31.01 38.66 -6.49
N GLY E 65 31.88 37.70 -6.78
CA GLY E 65 33.28 37.84 -6.45
C GLY E 65 34.15 36.98 -7.33
N SER E 66 35.45 37.29 -7.31
CA SER E 66 36.41 36.55 -8.09
C SER E 66 37.80 36.74 -7.47
N GLY E 67 38.72 35.87 -7.85
CA GLY E 67 40.08 35.96 -7.38
C GLY E 67 40.75 34.61 -7.40
N SER E 68 42.05 34.62 -7.12
CA SER E 68 42.85 33.41 -7.07
C SER E 68 44.16 33.75 -6.38
N GLY E 69 44.90 32.71 -6.01
CA GLY E 69 46.18 32.92 -5.35
C GLY E 69 46.00 33.61 -4.01
N THR E 70 46.73 34.71 -3.82
CA THR E 70 46.66 35.49 -2.59
C THR E 70 45.75 36.70 -2.71
N ASP E 71 45.11 36.91 -3.86
CA ASP E 71 44.27 38.09 -4.10
C ASP E 71 42.84 37.64 -4.37
N PHE E 72 41.92 38.13 -3.55
CA PHE E 72 40.49 37.85 -3.72
C PHE E 72 39.72 39.15 -3.55
N SER E 73 38.56 39.22 -4.18
CA SER E 73 37.77 40.44 -4.15
C SER E 73 36.29 40.11 -4.18
N LEU E 74 35.50 40.98 -3.56
CA LEU E 74 34.05 40.92 -3.58
C LEU E 74 33.52 42.21 -4.21
N THR E 75 32.62 42.06 -5.18
CA THR E 75 32.07 43.20 -5.92
C THR E 75 30.56 43.24 -5.77
N ILE E 76 30.04 44.41 -5.43
CA ILE E 76 28.60 44.67 -5.38
C ILE E 76 28.32 45.78 -6.39
N SER E 77 27.71 45.41 -7.52
CA SER E 77 27.50 46.39 -8.59
C SER E 77 26.57 47.51 -8.14
N ARG E 78 25.48 47.17 -7.47
CA ARG E 78 24.49 48.14 -7.01
C ARG E 78 24.29 47.97 -5.51
N VAL E 79 24.45 49.03 -4.75
CA VAL E 79 24.30 49.01 -3.31
C VAL E 79 22.87 49.31 -2.94
N GLU E 80 22.30 48.48 -2.07
CA GLU E 80 20.95 48.63 -1.56
C GLU E 80 21.01 49.03 -0.09
N PRO E 81 19.89 49.48 0.49
CA PRO E 81 19.92 49.84 1.92
C PRO E 81 20.29 48.69 2.84
N GLU E 82 20.12 47.45 2.41
CA GLU E 82 20.45 46.29 3.23
C GLU E 82 21.89 45.82 3.05
N ASP E 83 22.68 46.51 2.23
CA ASP E 83 24.07 46.14 1.97
C ASP E 83 25.04 46.93 2.85
N PHE E 84 24.62 47.33 4.04
CA PHE E 84 25.45 48.07 4.97
C PHE E 84 25.66 47.21 6.22
N ALA E 85 26.81 46.55 6.27
CA ALA E 85 27.17 45.65 7.37
C ALA E 85 28.67 45.42 7.29
N VAL E 86 29.16 44.48 8.11
CA VAL E 86 30.57 44.13 8.14
C VAL E 86 30.77 42.86 7.32
N TYR E 87 31.76 42.86 6.44
CA TYR E 87 32.01 41.76 5.52
C TYR E 87 33.34 41.10 5.88
N TYR E 88 33.30 39.78 6.08
CA TYR E 88 34.48 39.01 6.42
C TYR E 88 34.84 38.04 5.29
N CYS E 89 36.12 37.70 5.21
CA CYS E 89 36.61 36.68 4.29
C CYS E 89 37.38 35.65 5.11
N GLN E 90 37.05 34.37 4.93
CA GLN E 90 37.78 33.28 5.57
C GLN E 90 38.39 32.40 4.50
N GLN E 91 39.47 31.71 4.87
CA GLN E 91 40.03 30.64 4.06
C GLN E 91 39.76 29.31 4.76
N TYR E 92 39.20 28.35 4.01
CA TYR E 92 38.94 27.03 4.54
C TYR E 92 39.74 25.95 3.80
N GLY E 93 40.91 26.31 3.29
CA GLY E 93 41.80 25.36 2.64
C GLY E 93 42.94 24.94 3.53
N SER E 94 43.03 25.54 4.72
CA SER E 94 44.08 25.23 5.67
C SER E 94 43.46 24.86 7.02
N SER E 95 44.25 24.18 7.85
CA SER E 95 43.74 23.66 9.11
C SER E 95 43.25 24.74 10.07
N PRO E 96 43.98 25.84 10.31
CA PRO E 96 43.52 26.80 11.34
C PRO E 96 42.17 27.43 11.08
N TYR E 97 41.74 27.54 9.82
CA TYR E 97 40.47 28.18 9.46
C TYR E 97 40.42 29.62 9.98
N THR E 98 41.35 30.44 9.47
CA THR E 98 41.44 31.82 9.92
C THR E 98 40.36 32.68 9.29
N PHE E 99 40.21 33.89 9.84
CA PHE E 99 39.14 34.81 9.47
C PHE E 99 39.73 36.16 9.09
N GLY E 100 38.95 36.93 8.33
CA GLY E 100 39.39 38.25 7.93
C GLY E 100 39.15 39.31 8.99
N ARG E 101 39.72 40.49 8.73
CA ARG E 101 39.57 41.60 9.67
C ARG E 101 38.14 42.11 9.73
N GLY E 102 37.50 42.26 8.58
CA GLY E 102 36.16 42.79 8.50
C GLY E 102 36.14 44.26 8.12
N THR E 103 35.16 44.64 7.32
CA THR E 103 35.04 46.01 6.81
C THR E 103 33.60 46.47 6.97
N LYS E 104 33.39 47.54 7.73
CA LYS E 104 32.08 48.14 7.89
C LYS E 104 31.84 49.17 6.80
N LEU E 105 30.63 49.15 6.24
CA LEU E 105 30.21 50.11 5.22
C LEU E 105 29.31 51.14 5.87
N ASP E 106 29.67 52.41 5.71
CA ASP E 106 28.93 53.51 6.31
C ASP E 106 28.05 54.19 5.27
N ILE E 107 27.14 55.03 5.76
CA ILE E 107 26.22 55.79 4.92
C ILE E 107 26.77 57.20 4.78
N LYS E 108 26.95 57.65 3.55
CA LYS E 108 27.47 59.00 3.30
C LYS E 108 26.43 60.06 3.67
N ASP F 16 56.37 -1.60 -0.44
CA ASP F 16 55.33 -0.59 -0.35
C ASP F 16 53.98 -1.17 -0.73
N GLN F 17 52.96 -0.88 0.08
CA GLN F 17 51.62 -1.40 -0.15
C GLN F 17 50.59 -0.29 0.05
N ILE F 18 49.47 -0.44 -0.63
CA ILE F 18 48.27 0.36 -0.40
C ILE F 18 47.08 -0.59 -0.35
N CYS F 19 46.13 -0.29 0.53
CA CYS F 19 45.00 -1.17 0.76
C CYS F 19 43.71 -0.37 0.78
N ILE F 20 42.62 -1.04 0.45
CA ILE F 20 41.28 -0.45 0.48
C ILE F 20 40.49 -1.15 1.57
N GLY F 21 39.85 -0.37 2.44
CA GLY F 21 39.16 -0.93 3.58
C GLY F 21 38.01 -0.05 3.99
N TYR F 22 37.26 -0.53 4.98
CA TYR F 22 36.01 0.08 5.39
C TYR F 22 35.90 0.18 6.91
N HIS F 23 35.10 1.15 7.34
CA HIS F 23 35.04 1.54 8.75
C HIS F 23 34.32 0.51 9.59
N ALA F 24 34.81 0.31 10.82
CA ALA F 24 34.17 -0.57 11.79
C ALA F 24 34.37 0.02 13.18
N ASN F 25 33.48 -0.35 14.10
CA ASN F 25 33.55 0.15 15.47
C ASN F 25 33.03 -0.92 16.41
N ASN F 26 32.73 -0.53 17.65
CA ASN F 26 32.27 -1.44 18.70
C ASN F 26 30.77 -1.41 18.88
N SER F 27 30.02 -1.01 17.85
CA SER F 27 28.58 -0.94 17.96
C SER F 27 27.96 -2.33 17.94
N THR F 28 26.80 -2.45 18.58
CA THR F 28 26.01 -3.68 18.57
C THR F 28 24.60 -3.45 18.08
N GLU F 29 24.31 -2.30 17.47
CA GLU F 29 22.98 -2.03 16.96
C GLU F 29 22.65 -2.99 15.82
N LYS F 30 21.43 -3.52 15.84
CA LYS F 30 21.03 -4.55 14.90
C LYS F 30 19.77 -4.12 14.15
N VAL F 31 19.76 -4.40 12.84
CA VAL F 31 18.64 -4.06 11.97
C VAL F 31 18.27 -5.30 11.16
N ASP F 32 17.03 -5.29 10.66
CA ASP F 32 16.50 -6.39 9.87
C ASP F 32 16.43 -5.98 8.41
N THR F 33 16.85 -6.88 7.52
CA THR F 33 16.82 -6.66 6.09
C THR F 33 15.74 -7.55 5.47
N ILE F 34 15.68 -7.53 4.14
CA ILE F 34 14.61 -8.24 3.43
C ILE F 34 14.74 -9.75 3.61
N CYS F 35 15.98 -10.26 3.68
CA CYS F 35 16.19 -11.69 3.83
C CYS F 35 17.29 -12.00 4.84
N GLU F 36 17.52 -11.10 5.78
CA GLU F 36 18.43 -11.37 6.89
C GLU F 36 17.92 -10.64 8.12
N ARG F 37 18.11 -11.26 9.27
CA ARG F 37 17.62 -10.72 10.53
C ARG F 37 18.76 -10.57 11.51
N ASN F 38 18.66 -9.53 12.35
CA ASN F 38 19.67 -9.23 13.36
C ASN F 38 21.05 -9.03 12.73
N VAL F 39 21.13 -8.03 11.85
CA VAL F 39 22.37 -7.66 11.17
C VAL F 39 23.00 -6.51 11.94
N THR F 40 24.23 -6.71 12.40
CA THR F 40 24.92 -5.66 13.13
C THR F 40 25.37 -4.57 12.15
N VAL F 41 25.12 -3.32 12.51
CA VAL F 41 25.53 -2.17 11.70
C VAL F 41 26.34 -1.22 12.57
N THR F 42 27.20 -0.45 11.91
CA THR F 42 28.04 0.51 12.62
C THR F 42 27.21 1.60 13.28
N HIS F 43 26.22 2.13 12.57
CA HIS F 43 25.34 3.17 13.09
C HIS F 43 23.92 2.89 12.64
N ALA F 44 22.96 3.11 13.53
CA ALA F 44 21.56 2.90 13.22
C ALA F 44 20.72 3.95 13.94
N LYS F 45 19.52 4.17 13.43
CA LYS F 45 18.60 5.14 14.02
C LYS F 45 17.24 4.50 14.18
N ASP F 46 16.68 4.59 15.38
CA ASP F 46 15.33 4.11 15.65
C ASP F 46 14.36 5.26 15.47
N ILE F 47 13.36 5.08 14.59
CA ILE F 47 12.41 6.13 14.26
C ILE F 47 11.00 5.79 14.73
N LEU F 48 10.88 5.03 15.81
CA LEU F 48 9.59 4.72 16.43
C LEU F 48 9.60 5.21 17.87
N GLU F 49 8.58 5.96 18.25
CA GLU F 49 8.47 6.46 19.62
C GLU F 49 7.61 5.53 20.45
N LYS F 50 8.15 5.10 21.60
CA LYS F 50 7.45 4.15 22.44
C LYS F 50 7.30 4.61 23.89
N THR F 51 7.56 5.88 24.18
CA THR F 51 7.59 6.37 25.55
C THR F 51 6.57 7.48 25.73
N HIS F 52 5.81 7.40 26.82
CA HIS F 52 4.85 8.43 27.20
C HIS F 52 4.98 8.71 28.68
N ASN F 53 4.83 9.97 29.07
CA ASN F 53 4.99 10.34 30.47
C ASN F 53 3.89 9.78 31.35
N GLY F 54 2.77 9.35 30.77
CA GLY F 54 1.70 8.75 31.54
C GLY F 54 0.78 9.72 32.24
N LYS F 55 0.87 11.01 31.94
CA LYS F 55 0.06 12.03 32.60
C LYS F 55 -0.75 12.79 31.56
N LEU F 56 -1.95 13.20 31.98
CA LEU F 56 -2.84 13.99 31.11
C LEU F 56 -2.47 15.46 31.28
N CYS F 57 -1.69 15.99 30.34
CA CYS F 57 -1.20 17.36 30.44
C CYS F 57 -2.17 18.31 29.75
N LYS F 58 -1.81 19.59 29.72
CA LYS F 58 -2.56 20.60 28.99
C LYS F 58 -2.02 20.70 27.56
N LEU F 59 -2.91 20.96 26.61
CA LEU F 59 -2.55 21.03 25.21
C LEU F 59 -2.37 22.48 24.80
N ASN F 60 -1.16 22.83 24.36
CA ASN F 60 -0.82 24.17 23.91
C ASN F 60 -1.09 25.22 24.99
N GLY F 61 -0.99 24.83 26.26
CA GLY F 61 -1.22 25.73 27.36
C GLY F 61 -2.66 25.95 27.73
N ILE F 62 -3.60 25.32 27.02
CA ILE F 62 -5.03 25.45 27.32
C ILE F 62 -5.45 24.22 28.10
N PRO F 63 -5.90 24.34 29.34
CA PRO F 63 -6.27 23.16 30.12
C PRO F 63 -7.47 22.48 29.50
N PRO F 64 -7.56 21.15 29.64
CA PRO F 64 -8.74 20.44 29.11
C PRO F 64 -9.96 20.61 29.99
N LEU F 65 -11.11 20.12 29.53
CA LEU F 65 -12.35 20.15 30.30
C LEU F 65 -12.52 18.79 30.96
N GLU F 66 -12.38 18.74 32.28
CA GLU F 66 -12.46 17.49 33.03
C GLU F 66 -13.87 17.37 33.61
N LEU F 67 -14.67 16.50 33.01
CA LEU F 67 -16.02 16.25 33.52
C LEU F 67 -15.99 15.40 34.79
N GLY F 68 -15.04 14.48 34.90
CA GLY F 68 -14.99 13.61 36.06
C GLY F 68 -16.11 12.59 36.02
N ASP F 69 -16.75 12.38 37.18
CA ASP F 69 -17.87 11.46 37.26
C ASP F 69 -19.10 11.96 36.50
N CYS F 70 -19.12 13.23 36.11
CA CYS F 70 -20.27 13.80 35.43
C CYS F 70 -20.17 13.53 33.94
N SER F 71 -21.32 13.39 33.28
CA SER F 71 -21.38 13.06 31.87
C SER F 71 -21.63 14.31 31.03
N ILE F 72 -21.55 14.13 29.70
CA ILE F 72 -21.78 15.24 28.78
C ILE F 72 -23.22 15.71 28.87
N ALA F 73 -24.17 14.77 28.93
CA ALA F 73 -25.56 15.14 29.11
C ALA F 73 -25.79 15.78 30.47
N GLY F 74 -25.13 15.28 31.51
CA GLY F 74 -25.28 15.87 32.83
C GLY F 74 -24.77 17.29 32.89
N TRP F 75 -23.62 17.56 32.25
CA TRP F 75 -23.07 18.91 32.25
C TRP F 75 -24.00 19.87 31.50
N LEU F 76 -24.45 19.48 30.30
CA LEU F 76 -25.31 20.34 29.50
C LEU F 76 -26.69 20.51 30.13
N LEU F 77 -27.26 19.45 30.70
CA LEU F 77 -28.57 19.56 31.33
C LEU F 77 -28.53 20.32 32.64
N GLY F 78 -27.35 20.49 33.23
CA GLY F 78 -27.24 21.16 34.50
C GLY F 78 -27.58 20.24 35.66
N ASN F 79 -26.93 19.09 35.70
CA ASN F 79 -27.20 18.13 36.76
C ASN F 79 -26.83 18.73 38.12
N PRO F 80 -27.66 18.54 39.14
CA PRO F 80 -27.35 19.12 40.45
C PRO F 80 -26.02 18.66 41.03
N GLU F 81 -25.54 17.48 40.64
CA GLU F 81 -24.25 16.98 41.11
C GLU F 81 -23.09 17.47 40.26
N CYS F 82 -23.36 18.23 39.20
CA CYS F 82 -22.32 18.80 38.34
C CYS F 82 -22.28 20.32 38.46
N ASP F 83 -22.49 20.84 39.68
CA ASP F 83 -22.58 22.29 39.86
C ASP F 83 -21.25 22.98 39.57
N ARG F 84 -20.13 22.27 39.72
CA ARG F 84 -18.83 22.88 39.45
C ARG F 84 -18.62 23.15 37.97
N LEU F 85 -19.45 22.58 37.10
CA LEU F 85 -19.36 22.82 35.67
C LEU F 85 -20.35 23.87 35.17
N LEU F 86 -21.04 24.58 36.07
CA LEU F 86 -22.02 25.57 35.65
C LEU F 86 -21.37 26.71 34.87
N SER F 87 -20.07 26.92 35.03
CA SER F 87 -19.33 27.91 34.25
C SER F 87 -17.94 27.37 34.01
N VAL F 88 -17.61 27.14 32.73
CA VAL F 88 -16.32 26.56 32.38
C VAL F 88 -15.61 27.47 31.38
N PRO F 89 -14.28 27.57 31.44
CA PRO F 89 -13.56 28.38 30.46
C PRO F 89 -13.22 27.61 29.20
N GLU F 90 -12.46 28.24 28.30
CA GLU F 90 -12.05 27.58 27.07
C GLU F 90 -11.24 26.33 27.36
N TRP F 91 -11.45 25.30 26.55
CA TRP F 91 -10.79 24.01 26.74
C TRP F 91 -10.17 23.55 25.43
N SER F 92 -9.14 22.70 25.56
CA SER F 92 -8.49 22.12 24.39
C SER F 92 -9.11 20.78 24.00
N TYR F 93 -9.50 19.97 24.98
CA TYR F 93 -10.21 18.73 24.73
C TYR F 93 -11.03 18.38 25.97
N ILE F 94 -11.97 17.46 25.79
CA ILE F 94 -12.89 17.07 26.84
C ILE F 94 -12.49 15.69 27.36
N MET F 95 -12.41 15.56 28.68
CA MET F 95 -12.07 14.30 29.33
C MET F 95 -13.33 13.68 29.91
N GLU F 96 -13.62 12.43 29.51
CA GLU F 96 -14.81 11.74 29.94
C GLU F 96 -14.47 10.30 30.30
N LYS F 97 -15.28 9.72 31.17
CA LYS F 97 -15.08 8.34 31.60
C LYS F 97 -15.85 7.38 30.68
N GLU F 98 -15.45 6.11 30.72
CA GLU F 98 -16.13 5.10 29.93
C GLU F 98 -17.58 4.94 30.37
N ASN F 99 -17.83 4.92 31.67
CA ASN F 99 -19.18 4.80 32.22
C ASN F 99 -19.36 5.88 33.28
N PRO F 100 -19.67 7.12 32.86
CA PRO F 100 -19.86 8.19 33.84
C PRO F 100 -20.99 7.86 34.81
N ARG F 101 -20.74 8.14 36.09
CA ARG F 101 -21.73 7.85 37.12
C ARG F 101 -22.86 8.88 37.12
N ASP F 102 -22.53 10.14 36.84
CA ASP F 102 -23.49 11.24 36.93
C ASP F 102 -23.90 11.65 35.52
N GLY F 103 -25.00 11.06 35.04
CA GLY F 103 -25.54 11.41 33.75
C GLY F 103 -26.89 12.06 33.87
N LEU F 104 -27.94 11.35 33.45
CA LEU F 104 -29.31 11.80 33.66
C LEU F 104 -29.74 11.34 35.04
N CYS F 105 -29.80 12.27 35.99
CA CYS F 105 -30.29 11.93 37.32
C CYS F 105 -31.74 11.45 37.28
N TYR F 106 -32.58 12.15 36.53
CA TYR F 106 -33.92 11.65 36.25
C TYR F 106 -33.86 10.65 35.11
N PRO F 107 -34.43 9.46 35.27
CA PRO F 107 -34.34 8.45 34.19
C PRO F 107 -34.96 8.96 32.90
N GLY F 108 -34.36 8.58 31.79
CA GLY F 108 -34.85 9.01 30.49
C GLY F 108 -33.81 8.75 29.41
N SER F 109 -34.02 9.39 28.28
CA SER F 109 -33.17 9.24 27.11
C SER F 109 -32.80 10.61 26.56
N PHE F 110 -31.92 10.59 25.55
CA PHE F 110 -31.43 11.80 24.91
C PHE F 110 -31.39 11.54 23.41
N ASN F 111 -32.30 12.17 22.67
CA ASN F 111 -32.38 11.95 21.23
C ASN F 111 -31.14 12.50 20.53
N ASP F 112 -30.59 11.71 19.62
CA ASP F 112 -29.38 12.07 18.88
C ASP F 112 -28.24 12.44 19.83
N TYR F 113 -28.09 11.63 20.88
CA TYR F 113 -27.03 11.89 21.87
C TYR F 113 -25.65 11.74 21.24
N GLU F 114 -25.46 10.72 20.40
CA GLU F 114 -24.16 10.50 19.79
C GLU F 114 -23.83 11.60 18.79
N GLU F 115 -24.85 12.12 18.09
CA GLU F 115 -24.63 13.24 17.19
C GLU F 115 -24.18 14.48 17.94
N LEU F 116 -24.78 14.72 19.11
CA LEU F 116 -24.39 15.87 19.92
C LEU F 116 -22.94 15.76 20.37
N LYS F 117 -22.51 14.56 20.76
CA LYS F 117 -21.12 14.38 21.18
C LYS F 117 -20.16 14.57 20.01
N HIS F 118 -20.63 14.33 18.78
CA HIS F 118 -19.80 14.59 17.62
C HIS F 118 -19.69 16.09 17.35
N LEU F 119 -20.72 16.85 17.70
CA LEU F 119 -20.67 18.30 17.53
C LEU F 119 -19.62 18.92 18.44
N LEU F 120 -19.50 18.41 19.68
CA LEU F 120 -18.55 18.98 20.63
C LEU F 120 -17.10 18.71 20.24
N SER F 121 -16.86 17.76 19.34
CA SER F 121 -15.49 17.47 18.92
C SER F 121 -14.87 18.59 18.10
N SER F 122 -15.67 19.55 17.63
CA SER F 122 -15.17 20.70 16.89
C SER F 122 -15.53 22.02 17.56
N VAL F 123 -15.86 21.99 18.84
CA VAL F 123 -16.29 23.17 19.59
C VAL F 123 -15.40 23.32 20.82
N LYS F 124 -14.89 24.53 21.03
CA LYS F 124 -13.92 24.79 22.09
C LYS F 124 -14.47 25.57 23.27
N HIS F 125 -15.61 26.26 23.14
CA HIS F 125 -16.10 27.07 24.24
C HIS F 125 -17.59 27.37 24.06
N PHE F 126 -18.30 27.34 25.18
CA PHE F 126 -19.69 27.77 25.28
C PHE F 126 -19.82 29.01 26.15
N GLU F 127 -20.63 29.96 25.70
CA GLU F 127 -21.00 31.14 26.48
C GLU F 127 -22.50 31.04 26.73
N LYS F 128 -22.87 30.59 27.93
CA LYS F 128 -24.27 30.37 28.25
C LYS F 128 -25.06 31.67 28.16
N VAL F 129 -26.20 31.61 27.49
CA VAL F 129 -27.08 32.76 27.29
C VAL F 129 -28.44 32.43 27.87
N LYS F 130 -28.93 33.30 28.75
CA LYS F 130 -30.26 33.13 29.34
C LYS F 130 -31.30 33.56 28.31
N ILE F 131 -31.95 32.58 27.68
CA ILE F 131 -32.89 32.85 26.60
C ILE F 131 -34.33 32.90 27.10
N LEU F 132 -34.67 32.04 28.06
CA LEU F 132 -36.02 31.96 28.62
C LEU F 132 -35.92 32.02 30.14
N PRO F 133 -35.86 33.23 30.70
CA PRO F 133 -35.69 33.34 32.16
C PRO F 133 -36.85 32.70 32.91
N LYS F 134 -36.53 32.14 34.08
CA LYS F 134 -37.50 31.36 34.83
C LYS F 134 -38.64 32.23 35.38
N ASP F 135 -38.43 33.54 35.50
CA ASP F 135 -39.46 34.40 36.08
C ASP F 135 -40.58 34.72 35.10
N ARG F 136 -40.41 34.41 33.80
CA ARG F 136 -41.46 34.72 32.84
C ARG F 136 -42.64 33.75 32.93
N TRP F 137 -42.43 32.53 33.41
CA TRP F 137 -43.50 31.54 33.52
C TRP F 137 -44.38 31.84 34.74
N THR F 138 -44.97 33.03 34.73
CA THR F 138 -45.79 33.47 35.86
C THR F 138 -47.15 32.78 35.90
N GLN F 139 -47.55 32.12 34.82
CA GLN F 139 -48.81 31.41 34.77
C GLN F 139 -48.69 29.95 35.18
N HIS F 140 -47.51 29.51 35.59
CA HIS F 140 -47.27 28.10 35.88
C HIS F 140 -46.35 28.00 37.10
N THR F 141 -46.33 26.81 37.70
CA THR F 141 -45.41 26.53 38.80
C THR F 141 -44.11 25.96 38.25
N THR F 142 -43.00 26.58 38.64
CA THR F 142 -41.68 26.21 38.14
C THR F 142 -40.80 25.58 39.22
N THR F 143 -41.35 25.30 40.40
CA THR F 143 -40.58 24.77 41.51
C THR F 143 -40.58 23.25 41.58
N GLY F 144 -41.19 22.58 40.59
CA GLY F 144 -41.27 21.13 40.61
C GLY F 144 -39.93 20.42 40.67
N GLY F 145 -39.82 19.45 41.57
CA GLY F 145 -38.60 18.69 41.72
C GLY F 145 -38.90 17.21 41.92
N SER F 146 -37.85 16.41 41.95
CA SER F 146 -37.98 14.97 42.10
C SER F 146 -36.95 14.45 43.10
N ARG F 147 -37.27 13.31 43.70
CA ARG F 147 -36.32 12.67 44.61
C ARG F 147 -35.11 12.14 43.86
N ALA F 148 -35.27 11.82 42.57
CA ALA F 148 -34.12 11.36 41.78
C ALA F 148 -33.07 12.45 41.60
N CYS F 149 -33.45 13.71 41.78
CA CYS F 149 -32.53 14.84 41.70
C CYS F 149 -32.26 15.46 43.07
N ALA F 150 -32.27 14.65 44.13
CA ALA F 150 -32.24 15.17 45.49
C ALA F 150 -30.93 15.90 45.77
N VAL F 151 -31.05 17.02 46.48
CA VAL F 151 -29.90 17.78 46.97
C VAL F 151 -30.12 18.09 48.44
N SER F 152 -29.17 17.68 49.28
CA SER F 152 -29.24 17.89 50.73
C SER F 152 -30.52 17.30 51.32
N GLY F 153 -30.96 16.16 50.80
CA GLY F 153 -32.17 15.53 51.31
C GLY F 153 -33.45 16.19 50.90
N ASN F 154 -33.42 17.05 49.88
CA ASN F 154 -34.60 17.73 49.40
C ASN F 154 -34.74 17.55 47.89
N PRO F 155 -35.96 17.47 47.39
CA PRO F 155 -36.14 17.33 45.93
C PRO F 155 -35.62 18.56 45.19
N SER F 156 -35.04 18.31 44.02
CA SER F 156 -34.51 19.37 43.18
C SER F 156 -34.68 18.93 41.73
N PHE F 157 -33.99 19.62 40.82
CA PHE F 157 -34.12 19.35 39.40
C PHE F 157 -32.89 19.89 38.69
N PHE F 158 -32.84 19.67 37.37
CA PHE F 158 -31.74 20.18 36.56
C PHE F 158 -31.63 21.69 36.69
N ARG F 159 -30.40 22.18 36.78
CA ARG F 159 -30.18 23.61 36.96
C ARG F 159 -30.55 24.42 35.73
N ASN F 160 -30.32 23.87 34.54
CA ASN F 160 -30.56 24.57 33.28
C ASN F 160 -31.95 24.34 32.71
N MET F 161 -32.82 23.63 33.43
CA MET F 161 -34.11 23.24 32.90
C MET F 161 -35.22 23.64 33.85
N VAL F 162 -36.40 23.90 33.29
CA VAL F 162 -37.57 24.32 34.05
C VAL F 162 -38.65 23.25 33.87
N TRP F 163 -39.17 22.75 34.98
CA TRP F 163 -40.24 21.75 34.98
C TRP F 163 -41.56 22.48 35.14
N LEU F 164 -42.23 22.72 34.02
CA LEU F 164 -43.52 23.40 34.06
C LEU F 164 -44.56 22.51 34.72
N THR F 165 -45.32 23.10 35.64
CA THR F 165 -46.33 22.36 36.40
C THR F 165 -47.56 23.25 36.56
N LYS F 166 -48.72 22.61 36.74
CA LYS F 166 -49.96 23.34 36.87
C LYS F 166 -49.93 24.26 38.10
N LYS F 167 -50.56 25.42 37.96
CA LYS F 167 -50.60 26.43 39.01
C LYS F 167 -52.05 26.67 39.40
N GLY F 168 -52.40 26.35 40.64
CA GLY F 168 -53.77 26.54 41.10
C GLY F 168 -54.79 25.72 40.34
N SER F 169 -54.47 24.45 40.07
CA SER F 169 -55.34 23.55 39.32
C SER F 169 -55.66 24.09 37.93
N ASN F 170 -54.70 24.78 37.32
CA ASN F 170 -54.84 25.32 35.97
C ASN F 170 -53.50 25.24 35.26
N TYR F 171 -53.52 24.80 34.01
CA TYR F 171 -52.33 24.72 33.16
C TYR F 171 -52.62 25.44 31.86
N PRO F 172 -52.39 26.75 31.81
CA PRO F 172 -52.58 27.47 30.54
C PRO F 172 -51.54 27.05 29.52
N VAL F 173 -51.85 27.30 28.25
CA VAL F 173 -50.94 26.94 27.17
C VAL F 173 -49.63 27.68 27.35
N ALA F 174 -48.52 26.95 27.28
CA ALA F 174 -47.21 27.53 27.53
C ALA F 174 -46.65 28.13 26.25
N GLN F 175 -46.56 29.45 26.22
CA GLN F 175 -46.00 30.18 25.09
C GLN F 175 -44.57 30.60 25.42
N GLY F 176 -43.64 30.22 24.56
CA GLY F 176 -42.25 30.59 24.75
C GLY F 176 -41.50 30.70 23.44
N SER F 177 -40.84 31.84 23.23
CA SER F 177 -40.12 32.07 21.98
C SER F 177 -38.83 32.81 22.29
N TYR F 178 -37.85 32.66 21.39
CA TYR F 178 -36.59 33.37 21.51
C TYR F 178 -36.02 33.60 20.12
N ASN F 179 -35.50 34.80 19.90
CA ASN F 179 -34.87 35.17 18.64
C ASN F 179 -33.36 35.20 18.82
N ASN F 180 -32.64 34.45 17.98
CA ASN F 180 -31.19 34.32 18.11
C ASN F 180 -30.53 35.63 17.70
N THR F 181 -30.11 36.42 18.69
CA THR F 181 -29.38 37.67 18.44
C THR F 181 -28.01 37.64 19.11
N SER F 182 -27.48 36.47 19.41
CA SER F 182 -26.18 36.34 20.05
C SER F 182 -25.02 36.44 19.08
N GLY F 183 -25.28 36.48 17.77
CA GLY F 183 -24.23 36.64 16.79
C GLY F 183 -23.61 35.36 16.28
N GLU F 184 -24.00 34.20 16.81
CA GLU F 184 -23.46 32.93 16.35
C GLU F 184 -24.45 31.83 16.73
N GLN F 185 -24.28 30.67 16.11
CA GLN F 185 -25.19 29.55 16.31
C GLN F 185 -25.30 29.19 17.79
N MET F 186 -26.52 28.91 18.22
CA MET F 186 -26.81 28.60 19.61
C MET F 186 -27.44 27.22 19.71
N LEU F 187 -27.06 26.48 20.75
CA LEU F 187 -27.60 25.15 21.01
C LEU F 187 -28.70 25.25 22.06
N ILE F 188 -29.84 24.63 21.77
CA ILE F 188 -30.99 24.64 22.67
C ILE F 188 -31.42 23.20 22.93
N ILE F 189 -31.63 22.86 24.19
CA ILE F 189 -32.10 21.54 24.59
C ILE F 189 -33.41 21.71 25.34
N TRP F 190 -34.42 20.94 24.94
CA TRP F 190 -35.68 20.86 25.65
C TRP F 190 -36.00 19.39 25.88
N GLY F 191 -37.07 19.14 26.65
CA GLY F 191 -37.43 17.78 26.98
C GLY F 191 -38.92 17.63 27.22
N VAL F 192 -39.38 16.40 27.12
CA VAL F 192 -40.78 16.05 27.35
C VAL F 192 -40.84 14.94 28.39
N HIS F 193 -41.80 15.04 29.30
CA HIS F 193 -41.93 14.11 30.42
C HIS F 193 -43.00 13.07 30.13
N HIS F 194 -42.67 11.79 30.41
CA HIS F 194 -43.60 10.68 30.23
C HIS F 194 -44.05 10.18 31.61
N PRO F 195 -45.25 10.48 32.05
CA PRO F 195 -45.68 10.03 33.38
C PRO F 195 -45.84 8.51 33.42
N ASN F 196 -45.76 7.97 34.64
CA ASN F 196 -45.87 6.52 34.81
C ASN F 196 -47.31 6.05 34.59
N ASP F 197 -48.28 6.75 35.18
CA ASP F 197 -49.67 6.37 35.06
C ASP F 197 -50.53 7.61 34.87
N GLU F 198 -51.77 7.38 34.40
CA GLU F 198 -52.67 8.49 34.12
C GLU F 198 -53.00 9.28 35.37
N THR F 199 -52.91 8.66 36.54
CA THR F 199 -53.11 9.40 37.78
C THR F 199 -52.03 10.46 37.97
N GLU F 200 -50.80 10.15 37.59
CA GLU F 200 -49.72 11.14 37.66
C GLU F 200 -49.96 12.28 36.68
N GLN F 201 -50.66 12.00 35.58
CA GLN F 201 -50.97 13.03 34.60
C GLN F 201 -51.86 14.11 35.20
N ARG F 202 -52.89 13.70 35.95
CA ARG F 202 -53.83 14.66 36.52
C ARG F 202 -53.16 15.51 37.59
N THR F 203 -52.45 14.87 38.52
CA THR F 203 -51.87 15.58 39.66
C THR F 203 -50.68 16.46 39.27
N LEU F 204 -50.18 16.34 38.05
CA LEU F 204 -49.02 17.11 37.62
C LEU F 204 -49.35 18.12 36.54
N TYR F 205 -50.25 17.81 35.62
CA TYR F 205 -50.63 18.71 34.53
C TYR F 205 -52.12 18.88 34.34
N GLN F 206 -52.95 17.95 34.82
CA GLN F 206 -54.41 17.99 34.81
C GLN F 206 -54.99 17.90 33.40
N ASN F 207 -54.15 17.83 32.37
CA ASN F 207 -54.61 17.77 31.00
C ASN F 207 -54.14 16.46 30.36
N VAL F 208 -54.99 15.89 29.52
CA VAL F 208 -54.69 14.62 28.86
C VAL F 208 -54.60 14.87 27.36
N GLY F 209 -53.74 14.09 26.71
CA GLY F 209 -53.45 14.31 25.30
C GLY F 209 -52.69 15.59 25.06
N THR F 210 -51.77 15.93 25.95
CA THR F 210 -50.96 17.13 25.80
C THR F 210 -49.90 16.93 24.72
N TYR F 211 -49.34 18.04 24.25
CA TYR F 211 -48.34 18.01 23.20
C TYR F 211 -47.21 18.96 23.56
N VAL F 212 -46.02 18.67 23.05
CA VAL F 212 -44.85 19.54 23.18
C VAL F 212 -44.33 19.78 21.77
N SER F 213 -44.57 20.97 21.24
CA SER F 213 -44.22 21.31 19.87
C SER F 213 -43.12 22.37 19.87
N VAL F 214 -42.12 22.16 19.01
CA VAL F 214 -41.02 23.09 18.83
C VAL F 214 -40.86 23.36 17.35
N GLY F 215 -40.77 24.63 16.99
CA GLY F 215 -40.67 25.02 15.58
C GLY F 215 -39.66 26.12 15.36
N THR F 216 -38.80 25.91 14.37
CA THR F 216 -37.88 26.95 13.90
C THR F 216 -38.07 27.13 12.40
N SER F 217 -37.18 27.88 11.76
CA SER F 217 -37.26 28.08 10.32
C SER F 217 -36.95 26.80 9.55
N THR F 218 -36.30 25.82 10.18
CA THR F 218 -35.94 24.59 9.52
C THR F 218 -36.27 23.34 10.32
N LEU F 219 -36.91 23.49 11.49
CA LEU F 219 -37.26 22.36 12.34
C LEU F 219 -38.73 22.44 12.70
N ASN F 220 -39.43 21.30 12.59
CA ASN F 220 -40.83 21.21 12.96
C ASN F 220 -41.02 19.87 13.67
N LYS F 221 -41.31 19.92 14.97
CA LYS F 221 -41.41 18.71 15.77
C LYS F 221 -42.55 18.87 16.77
N ARG F 222 -43.38 17.83 16.87
CA ARG F 222 -44.43 17.76 17.88
C ARG F 222 -44.35 16.40 18.56
N SER F 223 -44.35 16.40 19.88
CA SER F 223 -44.21 15.18 20.66
C SER F 223 -45.37 15.05 21.63
N THR F 224 -45.68 13.81 21.99
CA THR F 224 -46.77 13.49 22.89
C THR F 224 -46.28 12.53 23.97
N PRO F 225 -46.60 12.79 25.22
CA PRO F 225 -46.19 11.88 26.29
C PRO F 225 -46.76 10.49 26.10
N GLU F 226 -45.95 9.49 26.46
CA GLU F 226 -46.32 8.08 26.33
C GLU F 226 -46.42 7.49 27.74
N ILE F 227 -47.62 7.48 28.29
CA ILE F 227 -47.86 6.94 29.63
C ILE F 227 -47.83 5.41 29.55
N ALA F 228 -46.97 4.79 30.33
CA ALA F 228 -46.84 3.33 30.33
C ALA F 228 -46.20 2.89 31.65
N THR F 229 -46.32 1.59 31.92
CA THR F 229 -45.74 1.01 33.12
C THR F 229 -44.32 0.54 32.82
N ARG F 230 -43.35 1.08 33.54
CA ARG F 230 -41.94 0.79 33.35
C ARG F 230 -41.30 0.43 34.67
N PRO F 231 -40.21 -0.33 34.65
CA PRO F 231 -39.47 -0.61 35.89
C PRO F 231 -38.90 0.66 36.49
N LYS F 232 -38.83 0.69 37.81
CA LYS F 232 -38.37 1.87 38.54
C LYS F 232 -36.85 2.00 38.40
N VAL F 233 -36.39 3.12 37.86
CA VAL F 233 -34.98 3.45 37.77
C VAL F 233 -34.76 4.72 38.58
N ASN F 234 -33.81 4.69 39.50
CA ASN F 234 -33.58 5.74 40.49
C ASN F 234 -34.82 6.01 41.33
N GLY F 235 -35.69 5.00 41.46
CA GLY F 235 -36.92 5.16 42.22
C GLY F 235 -38.04 5.84 41.50
N GLN F 236 -37.89 6.14 40.21
CA GLN F 236 -38.91 6.84 39.43
C GLN F 236 -39.35 5.96 38.28
N GLY F 237 -40.67 5.82 38.12
CA GLY F 237 -41.22 5.02 37.05
C GLY F 237 -41.38 5.79 35.76
N GLY F 238 -41.34 7.12 35.83
CA GLY F 238 -41.45 7.93 34.64
C GLY F 238 -40.13 8.04 33.89
N ARG F 239 -40.20 8.70 32.73
CA ARG F 239 -39.02 8.95 31.92
C ARG F 239 -39.08 10.35 31.35
N MET F 240 -37.92 10.88 30.99
CA MET F 240 -37.81 12.21 30.38
C MET F 240 -37.01 12.08 29.09
N GLU F 241 -37.62 12.44 27.97
CA GLU F 241 -36.96 12.40 26.68
C GLU F 241 -36.50 13.80 26.29
N PHE F 242 -35.19 13.97 26.14
CA PHE F 242 -34.59 15.26 25.88
C PHE F 242 -34.14 15.36 24.43
N SER F 243 -34.49 16.47 23.79
CA SER F 243 -34.18 16.71 22.39
C SER F 243 -33.42 18.03 22.26
N TRP F 244 -32.68 18.16 21.17
CA TRP F 244 -31.83 19.32 20.96
C TRP F 244 -31.90 19.76 19.50
N THR F 245 -31.45 21.00 19.26
CA THR F 245 -31.35 21.54 17.92
C THR F 245 -30.38 22.71 17.92
N LEU F 246 -29.86 23.02 16.74
CA LEU F 246 -28.96 24.14 16.55
C LEU F 246 -29.73 25.29 15.91
N LEU F 247 -29.75 26.44 16.58
CA LEU F 247 -30.49 27.61 16.13
C LEU F 247 -29.55 28.53 15.36
N ASP F 248 -29.86 28.79 14.10
CA ASP F 248 -29.01 29.63 13.27
C ASP F 248 -29.10 31.09 13.70
N MET F 249 -28.17 31.89 13.19
CA MET F 249 -28.16 33.31 13.49
C MET F 249 -29.42 33.98 12.95
N TRP F 250 -29.98 34.91 13.73
CA TRP F 250 -31.16 35.69 13.41
C TRP F 250 -32.39 34.83 13.19
N ASP F 251 -32.43 33.61 13.74
CA ASP F 251 -33.56 32.72 13.62
C ASP F 251 -34.36 32.69 14.93
N THR F 252 -35.63 32.33 14.81
CA THR F 252 -36.55 32.32 15.94
C THR F 252 -36.97 30.88 16.23
N ILE F 253 -37.10 30.56 17.51
CA ILE F 253 -37.54 29.24 17.97
C ILE F 253 -38.73 29.43 18.89
N ASN F 254 -39.79 28.66 18.67
CA ASN F 254 -41.04 28.80 19.41
C ASN F 254 -41.36 27.52 20.16
N PHE F 255 -41.61 27.65 21.45
CA PHE F 255 -41.98 26.54 22.32
C PHE F 255 -43.46 26.66 22.67
N GLU F 256 -44.24 25.66 22.28
CA GLU F 256 -45.67 25.61 22.58
C GLU F 256 -46.01 24.26 23.17
N SER F 257 -46.76 24.25 24.26
CA SER F 257 -47.11 22.99 24.91
C SER F 257 -48.30 23.21 25.83
N THR F 258 -49.21 22.22 25.86
CA THR F 258 -50.28 22.18 26.84
C THR F 258 -49.94 21.31 28.04
N GLY F 259 -48.73 20.78 28.10
CA GLY F 259 -48.30 19.97 29.22
C GLY F 259 -47.07 19.17 28.87
N ASN F 260 -46.44 18.63 29.92
CA ASN F 260 -45.29 17.74 29.81
C ASN F 260 -44.09 18.38 29.11
N LEU F 261 -43.86 19.67 29.30
CA LEU F 261 -42.74 20.36 28.68
C LEU F 261 -41.70 20.69 29.74
N ILE F 262 -40.47 20.24 29.52
CA ILE F 262 -39.33 20.64 30.35
C ILE F 262 -38.63 21.75 29.58
N ALA F 263 -39.07 22.99 29.79
CA ALA F 263 -38.57 24.10 29.03
C ALA F 263 -37.15 24.47 29.48
N PRO F 264 -36.28 24.87 28.56
CA PRO F 264 -34.95 25.31 28.93
C PRO F 264 -34.93 26.73 29.48
N GLU F 265 -33.85 27.04 30.19
CA GLU F 265 -33.61 28.39 30.68
C GLU F 265 -32.39 29.05 30.08
N TYR F 266 -31.40 28.28 29.63
CA TYR F 266 -30.18 28.83 29.05
C TYR F 266 -29.91 28.19 27.70
N GLY F 267 -29.37 28.98 26.78
CA GLY F 267 -28.88 28.48 25.52
C GLY F 267 -27.37 28.42 25.53
N PHE F 268 -26.80 27.50 24.77
CA PHE F 268 -25.35 27.27 24.77
C PHE F 268 -24.78 27.81 23.47
N LYS F 269 -24.42 29.09 23.47
CA LYS F 269 -23.85 29.71 22.28
C LYS F 269 -22.46 29.15 22.00
N ILE F 270 -22.22 28.77 20.74
CA ILE F 270 -20.89 28.38 20.31
C ILE F 270 -20.09 29.67 20.12
N SER F 271 -18.93 29.76 20.77
CA SER F 271 -18.08 30.93 20.67
C SER F 271 -16.79 30.67 19.91
N LYS F 272 -16.06 29.62 20.31
CA LYS F 272 -14.81 29.26 19.66
C LYS F 272 -14.95 27.89 18.99
N ARG F 273 -14.50 27.80 17.75
CA ARG F 273 -14.49 26.55 17.00
C ARG F 273 -13.06 26.17 16.63
N GLY F 274 -12.80 24.88 16.55
CA GLY F 274 -11.48 24.41 16.19
C GLY F 274 -11.35 22.92 16.45
N SER F 275 -10.16 22.42 16.13
CA SER F 275 -9.89 21.00 16.32
C SER F 275 -9.86 20.66 17.81
N SER F 276 -10.64 19.65 18.18
CA SER F 276 -10.73 19.22 19.57
C SER F 276 -11.05 17.73 19.57
N GLY F 277 -11.49 17.21 20.72
CA GLY F 277 -11.90 15.82 20.79
C GLY F 277 -12.42 15.50 22.17
N ILE F 278 -12.97 14.30 22.28
CA ILE F 278 -13.45 13.77 23.56
C ILE F 278 -12.53 12.62 23.97
N MET F 279 -11.94 12.74 25.15
CA MET F 279 -10.95 11.79 25.63
C MET F 279 -11.63 10.81 26.59
N LYS F 280 -11.48 9.52 26.31
CA LYS F 280 -12.05 8.46 27.14
C LYS F 280 -10.95 7.95 28.07
N THR F 281 -10.93 8.44 29.30
CA THR F 281 -9.92 8.05 30.26
C THR F 281 -10.45 8.25 31.67
N GLU F 282 -9.85 7.52 32.61
CA GLU F 282 -10.19 7.62 34.02
C GLU F 282 -9.17 8.43 34.82
N GLY F 283 -8.20 9.05 34.14
CA GLY F 283 -7.17 9.81 34.80
C GLY F 283 -7.64 11.17 35.25
N THR F 284 -6.70 11.92 35.83
CA THR F 284 -6.98 13.25 36.36
C THR F 284 -5.96 14.23 35.79
N LEU F 285 -6.43 15.46 35.54
CA LEU F 285 -5.55 16.49 35.02
C LEU F 285 -4.44 16.80 36.02
N GLU F 286 -3.23 16.98 35.50
CA GLU F 286 -2.06 17.25 36.32
C GLU F 286 -1.28 18.40 35.71
N ASN F 287 -0.50 19.07 36.56
CA ASN F 287 0.29 20.21 36.11
C ASN F 287 1.38 19.75 35.14
N CYS F 288 1.18 20.00 33.85
CA CYS F 288 2.05 19.51 32.81
C CYS F 288 1.67 20.17 31.50
N GLU F 289 2.64 20.24 30.59
CA GLU F 289 2.43 20.86 29.28
C GLU F 289 2.89 19.91 28.19
N THR F 290 2.11 19.84 27.11
CA THR F 290 2.44 18.95 26.01
C THR F 290 1.79 19.47 24.74
N LYS F 291 2.25 18.96 23.60
CA LYS F 291 1.70 19.27 22.30
C LYS F 291 0.99 18.08 21.66
N CYS F 292 0.99 16.92 22.33
CA CYS F 292 0.36 15.72 21.78
C CYS F 292 -0.14 14.88 22.95
N GLN F 293 -1.44 14.61 22.98
CA GLN F 293 -2.06 13.92 24.11
C GLN F 293 -2.71 12.62 23.64
N THR F 294 -2.47 11.56 24.39
CA THR F 294 -3.05 10.24 24.17
C THR F 294 -3.73 9.81 25.46
N PRO F 295 -4.68 8.87 25.38
CA PRO F 295 -5.33 8.40 26.62
C PRO F 295 -4.35 7.82 27.62
N LEU F 296 -3.27 7.20 27.15
CA LEU F 296 -2.26 6.66 28.05
C LEU F 296 -1.40 7.77 28.66
N GLY F 297 -1.06 8.79 27.87
CA GLY F 297 -0.23 9.86 28.37
C GLY F 297 0.16 10.80 27.24
N ALA F 298 1.07 11.71 27.55
CA ALA F 298 1.56 12.68 26.59
C ALA F 298 2.78 12.13 25.85
N ILE F 299 3.01 12.65 24.65
CA ILE F 299 4.10 12.24 23.80
C ILE F 299 5.04 13.42 23.58
N ASN F 300 6.31 13.23 23.89
CA ASN F 300 7.35 14.26 23.73
C ASN F 300 8.46 13.62 22.89
N THR F 301 8.42 13.84 21.58
CA THR F 301 9.40 13.25 20.70
C THR F 301 9.47 14.04 19.40
N THR F 302 10.55 13.83 18.66
CA THR F 302 10.72 14.37 17.32
C THR F 302 10.65 13.31 16.24
N LEU F 303 10.52 12.04 16.62
CA LEU F 303 10.47 10.96 15.65
C LEU F 303 9.15 10.99 14.88
N PRO F 304 9.14 10.47 13.65
CA PRO F 304 7.92 10.53 12.83
C PRO F 304 6.92 9.41 13.07
N PHE F 305 7.23 8.42 13.89
CA PHE F 305 6.33 7.31 14.15
C PHE F 305 6.18 7.12 15.65
N HIS F 306 5.06 6.53 16.05
CA HIS F 306 4.83 6.16 17.44
C HIS F 306 3.85 5.01 17.47
N ASN F 307 3.83 4.28 18.60
CA ASN F 307 2.92 3.17 18.77
C ASN F 307 2.28 3.17 20.15
N VAL F 308 1.99 4.35 20.69
CA VAL F 308 1.43 4.44 22.03
C VAL F 308 -0.07 4.15 22.02
N HIS F 309 -0.83 4.94 21.25
CA HIS F 309 -2.28 4.79 21.20
C HIS F 309 -2.78 5.35 19.89
N PRO F 310 -3.71 4.67 19.21
CA PRO F 310 -4.20 5.20 17.92
C PRO F 310 -4.88 6.55 18.04
N LEU F 311 -5.57 6.81 19.15
CA LEU F 311 -6.32 8.04 19.33
C LEU F 311 -5.41 9.11 19.93
N THR F 312 -5.12 10.14 19.16
CA THR F 312 -4.25 11.23 19.60
C THR F 312 -4.91 12.56 19.29
N ILE F 313 -4.56 13.57 20.08
CA ILE F 313 -5.07 14.92 19.91
C ILE F 313 -3.89 15.87 19.83
N GLY F 314 -3.90 16.74 18.83
CA GLY F 314 -2.84 17.72 18.65
C GLY F 314 -1.86 17.33 17.56
N GLU F 315 -0.74 18.05 17.56
CA GLU F 315 0.34 17.78 16.60
C GLU F 315 1.08 16.53 17.05
N CYS F 316 0.76 15.41 16.42
CA CYS F 316 1.25 14.10 16.82
C CYS F 316 1.88 13.40 15.63
N PRO F 317 2.80 12.49 15.87
CA PRO F 317 3.37 11.68 14.78
C PRO F 317 2.39 10.59 14.38
N LYS F 318 2.74 9.88 13.31
CA LYS F 318 1.87 8.85 12.75
C LYS F 318 1.96 7.57 13.55
N TYR F 319 0.81 6.96 13.82
CA TYR F 319 0.72 5.76 14.64
C TYR F 319 0.80 4.53 13.77
N VAL F 320 1.62 3.57 14.18
CA VAL F 320 1.74 2.27 13.52
C VAL F 320 1.74 1.19 14.58
N LYS F 321 1.36 -0.02 14.16
CA LYS F 321 1.29 -1.17 15.06
C LYS F 321 2.61 -1.91 15.19
N SER F 322 3.65 -1.46 14.49
CA SER F 322 4.93 -2.16 14.51
C SER F 322 5.59 -2.02 15.89
N GLU F 323 6.31 -3.06 16.28
CA GLU F 323 7.05 -3.04 17.54
C GLU F 323 8.32 -2.21 17.46
N LYS F 324 8.97 -2.18 16.29
CA LYS F 324 10.20 -1.43 16.12
C LYS F 324 10.37 -1.06 14.66
N LEU F 325 11.07 0.07 14.43
CA LEU F 325 11.36 0.53 13.07
C LEU F 325 12.73 1.20 13.12
N VAL F 326 13.77 0.44 12.81
CA VAL F 326 15.14 0.91 12.90
C VAL F 326 15.75 0.94 11.51
N LEU F 327 16.26 2.10 11.11
CA LEU F 327 16.93 2.27 9.84
C LEU F 327 18.45 2.20 10.03
N ALA F 328 19.13 1.60 9.07
CA ALA F 328 20.58 1.48 9.10
C ALA F 328 21.18 2.66 8.35
N THR F 329 21.86 3.53 9.08
CA THR F 329 22.53 4.68 8.47
C THR F 329 23.97 4.36 8.09
N GLY F 330 24.59 3.39 8.76
CA GLY F 330 25.95 3.00 8.48
C GLY F 330 26.05 1.64 7.82
N LEU F 331 27.28 1.29 7.44
CA LEU F 331 27.53 0.03 6.79
C LEU F 331 27.54 -1.12 7.81
N ARG F 332 27.71 -2.34 7.30
CA ARG F 332 27.69 -3.50 8.16
C ARG F 332 28.92 -3.54 9.06
N ASN F 333 28.75 -4.05 10.27
CA ASN F 333 29.82 -4.15 11.25
C ASN F 333 30.46 -5.53 11.17
N VAL F 334 31.71 -5.57 10.72
CA VAL F 334 32.47 -6.81 10.60
C VAL F 334 33.65 -6.71 11.55
N PRO F 335 33.87 -7.70 12.42
CA PRO F 335 34.96 -7.60 13.39
C PRO F 335 36.32 -7.53 12.73
N GLN F 336 37.25 -6.84 13.41
CA GLN F 336 38.62 -6.74 12.93
C GLN F 336 39.27 -8.11 12.85
N ILE F 337 40.12 -8.29 11.86
CA ILE F 337 40.88 -9.54 11.71
C ILE F 337 41.76 -9.77 12.92
N GLY G 1 26.46 -9.66 1.02
CA GLY G 1 27.50 -9.23 0.10
C GLY G 1 27.08 -9.33 -1.35
N LEU G 2 26.23 -8.41 -1.79
CA LEU G 2 25.76 -8.41 -3.17
C LEU G 2 26.87 -8.07 -4.15
N PHE G 3 27.82 -7.20 -3.75
CA PHE G 3 28.92 -6.82 -4.62
C PHE G 3 30.24 -7.44 -4.21
N GLY G 4 30.27 -8.23 -3.13
CA GLY G 4 31.44 -9.01 -2.80
C GLY G 4 32.60 -8.23 -2.20
N ALA G 5 32.39 -6.98 -1.78
CA ALA G 5 33.45 -6.18 -1.17
C ALA G 5 33.45 -6.31 0.34
N ILE G 6 32.34 -5.97 0.99
CA ILE G 6 32.21 -6.11 2.44
C ILE G 6 31.98 -7.57 2.78
N ALA G 7 32.80 -8.11 3.67
CA ALA G 7 32.77 -9.52 4.06
C ALA G 7 33.06 -10.45 2.89
N GLY G 8 33.62 -9.92 1.80
CA GLY G 8 33.99 -10.72 0.65
C GLY G 8 35.49 -10.89 0.57
N PHE G 9 36.12 -10.29 -0.44
CA PHE G 9 37.58 -10.33 -0.50
C PHE G 9 38.21 -9.33 0.46
N ILE G 10 37.42 -8.46 1.08
CA ILE G 10 37.86 -7.67 2.22
C ILE G 10 37.12 -8.17 3.45
N GLU G 11 37.71 -9.13 4.15
CA GLU G 11 36.98 -9.90 5.15
C GLU G 11 36.84 -9.20 6.49
N GLY G 12 37.57 -8.10 6.72
CA GLY G 12 37.51 -7.42 7.99
C GLY G 12 37.52 -5.92 7.83
N GLY G 13 36.78 -5.24 8.71
CA GLY G 13 36.78 -3.81 8.78
C GLY G 13 37.99 -3.27 9.53
N TRP G 14 38.09 -1.96 9.57
CA TRP G 14 39.21 -1.28 10.20
C TRP G 14 38.72 -0.47 11.39
N GLN G 15 39.31 -0.72 12.55
CA GLN G 15 38.97 0.06 13.74
C GLN G 15 39.70 1.39 13.79
N GLY G 16 40.85 1.51 13.12
CA GLY G 16 41.58 2.76 13.06
C GLY G 16 41.05 3.74 12.03
N MET G 17 40.02 3.37 11.28
CA MET G 17 39.40 4.25 10.29
C MET G 17 38.26 4.98 11.00
N VAL G 18 38.56 6.19 11.48
CA VAL G 18 37.68 6.90 12.39
C VAL G 18 37.13 8.18 11.81
N ASP G 19 37.55 8.58 10.61
CA ASP G 19 37.11 9.86 10.04
C ASP G 19 36.45 9.66 8.69
N GLY G 20 35.79 8.52 8.48
CA GLY G 20 35.07 8.27 7.26
C GLY G 20 34.66 6.84 7.09
N TRP G 21 33.63 6.59 6.28
CA TRP G 21 33.23 5.21 6.00
C TRP G 21 34.35 4.42 5.34
N TYR G 22 34.98 5.00 4.31
CA TYR G 22 35.80 4.27 3.38
C TYR G 22 37.12 5.01 3.20
N GLY G 23 38.18 4.27 2.90
CA GLY G 23 39.46 4.90 2.70
C GLY G 23 40.57 3.89 2.56
N TYR G 24 41.80 4.38 2.72
CA TYR G 24 43.00 3.66 2.35
C TYR G 24 43.90 3.44 3.56
N HIS G 25 44.79 2.45 3.43
CA HIS G 25 45.89 2.24 4.36
C HIS G 25 47.14 1.98 3.53
N HIS G 26 48.25 2.60 3.91
CA HIS G 26 49.49 2.48 3.17
C HIS G 26 50.64 2.21 4.15
N SER G 27 51.71 1.63 3.63
CA SER G 27 52.88 1.31 4.43
C SER G 27 54.11 1.30 3.54
N ASN G 28 55.05 2.20 3.82
CA ASN G 28 56.28 2.30 3.05
C ASN G 28 57.42 2.61 4.02
N ASP G 29 58.56 3.03 3.46
CA ASP G 29 59.73 3.30 4.30
C ASP G 29 59.48 4.44 5.28
N GLN G 30 58.82 5.51 4.81
CA GLN G 30 58.60 6.66 5.67
C GLN G 30 57.69 6.32 6.86
N GLY G 31 56.64 5.55 6.63
CA GLY G 31 55.75 5.20 7.71
C GLY G 31 54.49 4.54 7.18
N SER G 32 53.46 4.52 8.03
CA SER G 32 52.19 3.90 7.69
C SER G 32 51.07 4.63 8.42
N GLY G 33 49.87 4.47 7.89
CA GLY G 33 48.71 5.09 8.51
C GLY G 33 47.50 4.98 7.61
N TYR G 34 46.35 5.34 8.20
CA TYR G 34 45.07 5.30 7.51
C TYR G 34 44.71 6.67 6.97
N ALA G 35 43.76 6.69 6.05
CA ALA G 35 43.29 7.94 5.45
C ALA G 35 41.91 7.71 4.87
N ALA G 36 40.89 8.33 5.45
CA ALA G 36 39.52 8.17 4.96
C ALA G 36 39.34 8.84 3.61
N ASP G 37 38.50 8.23 2.77
CA ASP G 37 38.16 8.80 1.47
C ASP G 37 36.94 9.69 1.68
N LYS G 38 37.20 11.00 1.75
CA LYS G 38 36.15 11.94 2.12
C LYS G 38 35.13 12.11 1.00
N GLU G 39 35.57 12.07 -0.26
CA GLU G 39 34.65 12.27 -1.37
C GLU G 39 33.63 11.15 -1.46
N SER G 40 34.05 9.90 -1.34
CA SER G 40 33.12 8.78 -1.39
C SER G 40 32.20 8.78 -0.17
N THR G 41 32.75 9.15 0.99
CA THR G 41 31.92 9.21 2.19
C THR G 41 30.85 10.29 2.09
N GLN G 42 31.22 11.45 1.54
CA GLN G 42 30.25 12.52 1.38
C GLN G 42 29.12 12.14 0.45
N LYS G 43 29.44 11.45 -0.66
CA LYS G 43 28.40 10.99 -1.57
C LYS G 43 27.48 9.99 -0.89
N ALA G 44 28.05 9.11 -0.05
CA ALA G 44 27.22 8.18 0.71
C ALA G 44 26.31 8.92 1.69
N PHE G 45 26.83 9.98 2.32
CA PHE G 45 26.02 10.76 3.24
C PHE G 45 24.85 11.43 2.53
N ASP G 46 25.01 11.76 1.25
CA ASP G 46 23.96 12.42 0.50
C ASP G 46 22.76 11.49 0.27
N CYS G 47 23.04 10.25 -0.13
CA CYS G 47 21.94 9.30 -0.35
C CYS G 47 21.19 9.02 0.94
N ILE G 48 21.91 8.77 2.04
CA ILE G 48 21.24 8.40 3.29
C ILE G 48 20.44 9.58 3.83
N THR G 49 20.97 10.79 3.71
CA THR G 49 20.22 11.97 4.15
C THR G 49 18.94 12.13 3.33
N ASN G 50 19.03 11.93 2.02
CA ASN G 50 17.86 12.06 1.16
C ASN G 50 16.92 10.87 1.33
N LYS G 51 17.47 9.68 1.52
CA LYS G 51 16.65 8.48 1.67
C LYS G 51 15.76 8.56 2.89
N VAL G 52 16.29 9.05 4.02
CA VAL G 52 15.50 9.20 5.23
C VAL G 52 14.49 10.32 5.07
N ASN G 53 14.90 11.44 4.48
CA ASN G 53 14.00 12.57 4.29
C ASN G 53 12.84 12.20 3.37
N SER G 54 13.10 11.41 2.33
CA SER G 54 12.03 10.94 1.47
C SER G 54 11.08 10.04 2.24
N VAL G 55 11.60 9.25 3.17
CA VAL G 55 10.76 8.35 3.97
C VAL G 55 9.76 9.15 4.80
N ILE G 56 10.22 10.23 5.43
CA ILE G 56 9.35 11.02 6.29
C ILE G 56 8.25 11.68 5.47
N GLU G 57 8.58 12.20 4.30
CA GLU G 57 7.60 12.94 3.51
C GLU G 57 6.50 12.03 2.97
N LYS G 58 6.83 10.77 2.68
CA LYS G 58 5.83 9.87 2.11
C LYS G 58 4.75 9.53 3.11
N MET G 59 5.12 9.14 4.34
CA MET G 59 4.16 8.86 5.39
C MET G 59 3.76 10.11 6.15
N ASN G 60 3.98 11.29 5.59
CA ASN G 60 3.53 12.52 6.22
C ASN G 60 2.00 12.61 6.22
N THR G 61 1.34 12.06 5.20
CA THR G 61 -0.10 12.18 5.01
C THR G 61 -0.77 10.84 5.31
N GLN G 62 -0.31 10.19 6.37
CA GLN G 62 -0.86 8.91 6.79
C GLN G 62 -2.24 9.10 7.42
N PHE G 63 -3.07 8.05 7.31
CA PHE G 63 -4.42 8.09 7.87
C PHE G 63 -4.39 8.35 9.37
N GLU G 64 -5.35 9.16 9.82
CA GLU G 64 -5.47 9.54 11.23
C GLU G 64 -6.81 9.07 11.78
N ALA G 65 -6.79 8.53 12.99
CA ALA G 65 -7.96 7.94 13.61
C ALA G 65 -8.66 8.96 14.50
N VAL G 66 -9.98 9.02 14.39
CA VAL G 66 -10.81 9.91 15.20
C VAL G 66 -11.86 9.09 15.92
N GLY G 67 -11.98 9.33 17.23
CA GLY G 67 -12.97 8.63 18.02
C GLY G 67 -14.39 9.02 17.66
N LYS G 68 -15.29 8.05 17.75
CA LYS G 68 -16.70 8.26 17.44
C LYS G 68 -17.55 7.45 18.40
N GLU G 69 -18.80 7.88 18.56
CA GLU G 69 -19.74 7.22 19.44
C GLU G 69 -20.96 6.76 18.65
N PHE G 70 -21.37 5.52 18.88
CA PHE G 70 -22.54 4.95 18.23
C PHE G 70 -23.43 4.30 19.27
N SER G 71 -24.74 4.39 19.04
CA SER G 71 -25.70 3.83 19.97
C SER G 71 -25.74 2.31 19.86
N ASN G 72 -26.58 1.69 20.69
CA ASN G 72 -26.71 0.23 20.66
C ASN G 72 -27.50 -0.25 19.45
N LEU G 73 -28.21 0.64 18.76
CA LEU G 73 -28.95 0.29 17.56
C LEU G 73 -28.16 0.57 16.29
N GLU G 74 -26.91 1.00 16.41
CA GLU G 74 -26.05 1.28 15.27
C GLU G 74 -24.85 0.35 15.24
N ARG G 75 -25.11 -0.95 15.45
CA ARG G 75 -24.04 -1.93 15.48
C ARG G 75 -23.35 -2.04 14.12
N ARG G 76 -24.14 -2.04 13.04
CA ARG G 76 -23.57 -2.13 11.70
C ARG G 76 -22.73 -0.90 11.36
N LEU G 77 -23.22 0.28 11.72
CA LEU G 77 -22.45 1.51 11.48
C LEU G 77 -21.17 1.51 12.29
N GLU G 78 -21.23 1.09 13.56
CA GLU G 78 -20.04 1.04 14.40
C GLU G 78 -19.02 0.06 13.85
N ASN G 79 -19.49 -1.09 13.35
CA ASN G 79 -18.58 -2.08 12.79
C ASN G 79 -17.88 -1.54 11.55
N LEU G 80 -18.58 -0.77 10.72
CA LEU G 80 -17.95 -0.15 9.56
C LEU G 80 -16.82 0.78 9.99
N ASN G 81 -17.07 1.63 10.98
CA ASN G 81 -16.05 2.54 11.47
C ASN G 81 -14.88 1.77 12.06
N LYS G 82 -15.16 0.70 12.81
CA LYS G 82 -14.10 -0.08 13.43
C LYS G 82 -13.24 -0.77 12.38
N LYS G 83 -13.88 -1.35 11.35
CA LYS G 83 -13.12 -2.07 10.32
C LYS G 83 -12.40 -1.12 9.39
N MET G 84 -12.93 0.09 9.20
CA MET G 84 -12.23 1.07 8.38
C MET G 84 -10.94 1.54 9.05
N GLU G 85 -11.02 1.92 10.32
CA GLU G 85 -9.85 2.41 11.04
C GLU G 85 -8.81 1.31 11.23
N ASP G 86 -9.25 0.09 11.58
CA ASP G 86 -8.31 -1.01 11.71
C ASP G 86 -7.69 -1.38 10.37
N GLY G 87 -8.48 -1.35 9.31
CA GLY G 87 -7.96 -1.69 7.99
C GLY G 87 -6.93 -0.70 7.50
N PHE G 88 -7.20 0.59 7.68
CA PHE G 88 -6.26 1.62 7.25
C PHE G 88 -4.96 1.56 8.06
N LEU G 89 -5.06 1.28 9.36
CA LEU G 89 -3.85 1.16 10.18
C LEU G 89 -3.04 -0.06 9.78
N ASP G 90 -3.71 -1.14 9.38
CA ASP G 90 -3.00 -2.33 8.92
C ASP G 90 -2.28 -2.06 7.61
N VAL G 91 -2.89 -1.29 6.72
CA VAL G 91 -2.26 -0.96 5.44
C VAL G 91 -1.01 -0.11 5.68
N TRP G 92 -1.14 0.90 6.54
CA TRP G 92 -0.02 1.82 6.76
C TRP G 92 1.06 1.19 7.62
N THR G 93 0.70 0.26 8.51
CA THR G 93 1.72 -0.49 9.24
C THR G 93 2.55 -1.35 8.31
N TYR G 94 1.89 -1.99 7.34
CA TYR G 94 2.61 -2.81 6.36
C TYR G 94 3.54 -1.96 5.52
N ASN G 95 3.09 -0.79 5.08
CA ASN G 95 3.92 0.06 4.24
C ASN G 95 5.12 0.58 5.00
N ALA G 96 4.93 0.97 6.27
CA ALA G 96 6.05 1.47 7.07
C ALA G 96 7.06 0.36 7.36
N GLU G 97 6.58 -0.83 7.71
CA GLU G 97 7.48 -1.94 7.99
C GLU G 97 8.22 -2.36 6.72
N LEU G 98 7.53 -2.45 5.60
CA LEU G 98 8.16 -2.91 4.36
C LEU G 98 9.20 -1.92 3.85
N LEU G 99 8.91 -0.61 3.98
CA LEU G 99 9.84 0.38 3.48
C LEU G 99 11.16 0.34 4.25
N VAL G 100 11.10 0.12 5.56
CA VAL G 100 12.31 0.04 6.38
C VAL G 100 13.13 -1.19 5.99
N LEU G 101 12.47 -2.32 5.80
CA LEU G 101 13.18 -3.53 5.42
C LEU G 101 13.80 -3.40 4.03
N MET G 102 13.06 -2.82 3.09
CA MET G 102 13.57 -2.66 1.73
C MET G 102 14.72 -1.67 1.69
N GLU G 103 14.63 -0.58 2.44
CA GLU G 103 15.71 0.40 2.44
C GLU G 103 16.95 -0.11 3.15
N ASN G 104 16.78 -0.95 4.19
CA ASN G 104 17.93 -1.52 4.86
C ASN G 104 18.72 -2.44 3.92
N GLU G 105 18.01 -3.22 3.11
CA GLU G 105 18.68 -4.03 2.10
C GLU G 105 19.38 -3.15 1.07
N ARG G 106 18.73 -2.07 0.67
CA ARG G 106 19.33 -1.15 -0.31
C ARG G 106 20.53 -0.43 0.29
N THR G 107 20.43 0.01 1.55
CA THR G 107 21.52 0.77 2.15
C THR G 107 22.77 -0.09 2.35
N LEU G 108 22.58 -1.31 2.86
CA LEU G 108 23.73 -2.19 3.07
C LEU G 108 24.38 -2.57 1.75
N ASP G 109 23.58 -2.80 0.71
CA ASP G 109 24.14 -3.10 -0.60
C ASP G 109 24.80 -1.89 -1.24
N PHE G 110 24.25 -0.70 -1.00
CA PHE G 110 24.86 0.52 -1.51
C PHE G 110 26.23 0.74 -0.90
N HIS G 111 26.38 0.49 0.39
CA HIS G 111 27.68 0.60 1.03
C HIS G 111 28.65 -0.46 0.52
N ASP G 112 28.14 -1.65 0.20
CA ASP G 112 28.98 -2.69 -0.38
C ASP G 112 29.51 -2.27 -1.75
N SER G 113 28.68 -1.61 -2.55
CA SER G 113 29.08 -1.22 -3.90
C SER G 113 30.20 -0.19 -3.88
N ASN G 114 30.16 0.74 -2.93
CA ASN G 114 31.13 1.84 -2.92
C ASN G 114 32.56 1.35 -2.73
N VAL G 115 32.75 0.29 -1.94
CA VAL G 115 34.10 -0.26 -1.75
C VAL G 115 34.57 -0.92 -3.04
N LYS G 116 33.70 -1.68 -3.69
CA LYS G 116 34.07 -2.31 -4.96
C LYS G 116 34.43 -1.26 -6.01
N ASN G 117 33.68 -0.17 -6.07
CA ASN G 117 34.03 0.92 -6.97
C ASN G 117 35.35 1.56 -6.57
N LEU G 118 35.56 1.76 -5.27
CA LEU G 118 36.81 2.35 -4.79
C LEU G 118 37.98 1.40 -5.03
N TYR G 119 37.77 0.11 -4.81
CA TYR G 119 38.82 -0.87 -5.09
C TYR G 119 39.15 -0.93 -6.58
N ASP G 120 38.12 -0.88 -7.42
CA ASP G 120 38.34 -0.94 -8.87
C ASP G 120 38.96 0.35 -9.38
N LYS G 121 38.63 1.48 -8.76
CA LYS G 121 39.20 2.75 -9.18
C LYS G 121 40.72 2.75 -9.02
N VAL G 122 41.21 2.21 -7.91
CA VAL G 122 42.65 2.12 -7.70
C VAL G 122 43.27 1.08 -8.62
N ARG G 123 42.59 -0.05 -8.80
CA ARG G 123 43.13 -1.12 -9.64
C ARG G 123 43.29 -0.67 -11.09
N MET G 124 42.27 0.00 -11.64
CA MET G 124 42.34 0.48 -13.02
C MET G 124 43.33 1.62 -13.19
N GLN G 125 43.81 2.20 -12.09
CA GLN G 125 44.74 3.32 -12.13
C GLN G 125 46.19 2.90 -11.97
N LEU G 126 46.44 1.78 -11.29
CA LEU G 126 47.77 1.18 -11.14
C LEU G 126 47.93 -0.05 -12.02
N ARG G 127 47.43 0.02 -13.26
CA ARG G 127 47.16 -1.14 -14.10
C ARG G 127 48.17 -2.27 -13.97
N ASP G 128 49.46 -1.95 -14.15
CA ASP G 128 50.47 -2.99 -14.25
C ASP G 128 51.60 -2.78 -13.25
N ASN G 129 51.68 -1.62 -12.60
CA ASN G 129 52.78 -1.30 -11.71
C ASN G 129 52.61 -1.88 -10.32
N VAL G 130 51.53 -2.62 -10.05
CA VAL G 130 51.27 -3.20 -8.74
C VAL G 130 50.89 -4.66 -8.90
N LYS G 131 50.94 -5.38 -7.79
CA LYS G 131 50.41 -6.73 -7.69
C LYS G 131 49.07 -6.69 -6.98
N GLU G 132 48.12 -7.47 -7.49
CA GLU G 132 46.80 -7.58 -6.88
C GLU G 132 46.81 -8.79 -5.96
N LEU G 133 47.05 -8.57 -4.66
CA LEU G 133 47.18 -9.65 -3.71
C LEU G 133 45.86 -10.38 -3.47
N GLY G 134 44.72 -9.80 -3.84
CA GLY G 134 43.44 -10.45 -3.71
C GLY G 134 42.75 -10.25 -2.37
N ASN G 135 43.39 -9.58 -1.41
CA ASN G 135 42.78 -9.31 -0.12
C ASN G 135 42.51 -7.81 0.06
N GLY G 136 42.30 -7.10 -1.04
CA GLY G 136 42.07 -5.67 -0.99
C GLY G 136 43.32 -4.82 -0.96
N CYS G 137 44.50 -5.42 -1.09
CA CYS G 137 45.76 -4.69 -1.00
C CYS G 137 46.54 -4.82 -2.30
N PHE G 138 47.31 -3.79 -2.62
CA PHE G 138 48.17 -3.76 -3.79
C PHE G 138 49.62 -3.58 -3.37
N GLU G 139 50.51 -4.37 -3.95
CA GLU G 139 51.94 -4.28 -3.68
C GLU G 139 52.64 -3.67 -4.88
N PHE G 140 53.36 -2.58 -4.67
CA PHE G 140 53.99 -1.85 -5.75
C PHE G 140 55.27 -2.53 -6.19
N TYR G 141 55.53 -2.52 -7.50
CA TYR G 141 56.79 -3.00 -8.04
C TYR G 141 57.90 -1.97 -7.97
N HIS G 142 57.59 -0.74 -7.58
CA HIS G 142 58.56 0.34 -7.49
C HIS G 142 58.52 0.94 -6.09
N LYS G 143 59.22 2.06 -5.91
CA LYS G 143 59.22 2.79 -4.65
C LYS G 143 58.18 3.89 -4.72
N CYS G 144 57.17 3.82 -3.85
CA CYS G 144 56.05 4.74 -3.83
C CYS G 144 56.06 5.47 -2.49
N ASP G 145 56.63 6.67 -2.47
CA ASP G 145 56.75 7.45 -1.24
C ASP G 145 55.41 8.12 -0.91
N ASP G 146 55.42 9.02 0.07
CA ASP G 146 54.18 9.65 0.51
C ASP G 146 53.56 10.49 -0.60
N GLU G 147 54.38 11.18 -1.39
CA GLU G 147 53.86 11.92 -2.52
C GLU G 147 53.25 10.98 -3.56
N CYS G 148 53.89 9.83 -3.77
CA CYS G 148 53.33 8.83 -4.69
C CYS G 148 52.05 8.23 -4.14
N MET G 149 52.03 7.90 -2.84
CA MET G 149 50.81 7.37 -2.23
C MET G 149 49.67 8.37 -2.29
N ASN G 150 49.96 9.65 -2.03
CA ASN G 150 48.92 10.67 -2.06
C ASN G 150 48.34 10.82 -3.47
N SER G 151 49.14 10.62 -4.50
CA SER G 151 48.62 10.65 -5.86
C SER G 151 47.65 9.51 -6.10
N VAL G 152 47.94 8.33 -5.56
CA VAL G 152 47.04 7.20 -5.71
C VAL G 152 45.72 7.47 -4.99
N LYS G 153 45.79 8.15 -3.84
CA LYS G 153 44.58 8.38 -3.04
C LYS G 153 43.64 9.36 -3.72
N ASN G 154 44.18 10.38 -4.40
CA ASN G 154 43.35 11.39 -5.05
C ASN G 154 43.27 11.20 -6.58
N GLY G 155 43.61 10.02 -7.07
CA GLY G 155 43.42 9.71 -8.48
C GLY G 155 44.27 10.51 -9.43
N THR G 156 45.56 10.65 -9.14
CA THR G 156 46.48 11.35 -10.04
C THR G 156 47.79 10.56 -10.17
N TYR G 157 47.69 9.24 -10.27
CA TYR G 157 48.87 8.41 -10.42
C TYR G 157 49.50 8.61 -11.79
N ASP G 158 50.81 8.74 -11.82
CA ASP G 158 51.56 8.95 -13.07
C ASP G 158 52.12 7.59 -13.49
N TYR G 159 51.29 6.81 -14.20
CA TYR G 159 51.71 5.49 -14.65
C TYR G 159 52.92 5.53 -15.56
N PRO G 160 53.01 6.40 -16.57
CA PRO G 160 54.22 6.43 -17.41
C PRO G 160 55.49 6.75 -16.63
N LYS G 161 55.40 7.52 -15.56
CA LYS G 161 56.59 7.87 -14.79
C LYS G 161 57.24 6.64 -14.18
N TYR G 162 56.44 5.74 -13.62
CA TYR G 162 56.94 4.51 -13.00
C TYR G 162 56.82 3.30 -13.92
N GLU G 163 56.44 3.51 -15.18
CA GLU G 163 56.23 2.38 -16.09
C GLU G 163 57.53 1.62 -16.33
N GLU G 164 58.63 2.33 -16.53
CA GLU G 164 59.89 1.67 -16.84
C GLU G 164 60.46 0.97 -15.62
N GLU G 165 60.43 1.62 -14.46
CA GLU G 165 61.00 1.03 -13.25
C GLU G 165 60.24 -0.22 -12.84
N SER G 166 58.91 -0.21 -12.97
CA SER G 166 58.10 -1.32 -12.50
C SER G 166 58.39 -2.59 -13.30
N LYS G 167 58.52 -2.47 -14.61
CA LYS G 167 58.67 -3.67 -15.45
C LYS G 167 60.03 -4.32 -15.26
N LEU G 168 61.07 -3.54 -14.96
CA LEU G 168 62.37 -4.13 -14.66
C LEU G 168 62.32 -5.00 -13.42
N ASN G 169 61.63 -4.53 -12.38
CA ASN G 169 61.49 -5.32 -11.16
C ASN G 169 60.50 -6.46 -11.35
N ARG G 170 59.45 -6.23 -12.15
CA ARG G 170 58.44 -7.28 -12.37
C ARG G 170 59.03 -8.47 -13.10
N ASN G 171 59.83 -8.22 -14.15
CA ASN G 171 60.41 -9.32 -14.92
C ASN G 171 61.37 -10.14 -14.08
N GLU G 172 62.19 -9.50 -13.26
CA GLU G 172 63.15 -10.20 -12.42
C GLU G 172 63.35 -9.47 -11.10
N GLN H 1 15.34 25.33 4.82
CA GLN H 1 14.77 25.61 6.12
C GLN H 1 15.53 24.86 7.23
N VAL H 2 16.72 25.36 7.55
CA VAL H 2 17.56 24.80 8.60
C VAL H 2 17.96 25.92 9.55
N GLN H 3 17.73 25.71 10.84
CA GLN H 3 18.05 26.70 11.85
C GLN H 3 18.80 26.04 13.00
N LEU H 4 19.70 26.79 13.62
CA LEU H 4 20.45 26.32 14.77
C LEU H 4 20.08 27.16 15.98
N VAL H 5 19.67 26.50 17.07
CA VAL H 5 19.28 27.15 18.30
C VAL H 5 20.36 26.91 19.35
N GLN H 6 20.76 27.96 20.03
CA GLN H 6 21.79 27.88 21.06
C GLN H 6 21.18 28.15 22.44
N SER H 7 22.04 28.09 23.45
CA SER H 7 21.62 28.40 24.81
C SER H 7 21.45 29.90 24.97
N GLY H 8 21.09 30.31 26.20
CA GLY H 8 20.95 31.71 26.52
C GLY H 8 22.26 32.34 26.95
N ALA H 9 22.22 33.64 27.15
CA ALA H 9 23.38 34.36 27.64
C ALA H 9 23.71 33.92 29.05
N GLU H 10 25.00 33.87 29.35
CA GLU H 10 25.48 33.40 30.65
C GLU H 10 26.52 34.36 31.21
N VAL H 11 26.57 34.44 32.53
CA VAL H 11 27.59 35.20 33.25
C VAL H 11 28.36 34.24 34.14
N LYS H 12 29.68 34.33 34.10
CA LYS H 12 30.53 33.40 34.83
C LYS H 12 31.63 34.19 35.54
N LYS H 13 32.44 33.47 36.31
CA LYS H 13 33.55 34.02 37.06
C LYS H 13 34.81 33.26 36.70
N PRO H 14 35.98 33.91 36.70
CA PRO H 14 37.22 33.21 36.39
C PRO H 14 37.42 31.98 37.26
N GLY H 15 37.84 30.89 36.63
CA GLY H 15 37.98 29.61 37.27
C GLY H 15 36.84 28.65 37.04
N SER H 16 35.72 29.13 36.49
CA SER H 16 34.56 28.30 36.21
C SER H 16 34.58 27.82 34.77
N SER H 17 33.56 27.05 34.41
CA SER H 17 33.41 26.49 33.07
C SER H 17 32.10 26.95 32.46
N VAL H 18 31.99 26.79 31.14
CA VAL H 18 30.78 27.13 30.39
C VAL H 18 30.38 25.91 29.57
N LYS H 19 29.06 25.74 29.43
CA LYS H 19 28.49 24.65 28.63
C LYS H 19 27.47 25.26 27.68
N VAL H 20 27.90 25.56 26.46
CA VAL H 20 27.04 26.15 25.44
C VAL H 20 26.57 25.04 24.51
N SER H 21 25.26 24.94 24.32
CA SER H 21 24.67 23.93 23.47
C SER H 21 24.26 24.54 22.13
N CYS H 22 24.09 23.67 21.14
CA CYS H 22 23.67 24.10 19.80
C CYS H 22 22.91 22.93 19.17
N LYS H 23 21.59 22.99 19.19
CA LYS H 23 20.75 21.94 18.63
C LYS H 23 20.36 22.32 17.21
N THR H 24 20.50 21.37 16.29
CA THR H 24 20.21 21.58 14.89
C THR H 24 18.97 20.80 14.49
N SER H 25 18.08 21.44 13.75
CA SER H 25 16.86 20.84 13.26
C SER H 25 16.97 20.57 11.76
N GLY H 26 15.89 20.08 11.18
CA GLY H 26 15.85 19.80 9.76
C GLY H 26 16.08 18.35 9.38
N GLY H 27 16.26 17.47 10.34
CA GLY H 27 16.49 16.07 10.04
C GLY H 27 16.50 15.25 11.31
N ILE H 28 16.42 13.93 11.12
CA ILE H 28 16.42 13.02 12.26
C ILE H 28 17.79 12.99 12.93
N PHE H 29 18.85 12.90 12.14
CA PHE H 29 20.21 12.80 12.66
C PHE H 29 21.08 13.85 12.01
N ARG H 30 22.09 14.30 12.74
CA ARG H 30 23.01 15.30 12.24
C ARG H 30 23.95 14.68 11.20
N SER H 31 24.02 15.29 10.03
CA SER H 31 24.88 14.83 8.95
C SER H 31 25.89 15.87 8.51
N ASN H 32 25.98 17.00 9.19
CA ASN H 32 26.94 18.05 8.87
C ASN H 32 27.78 18.37 10.09
N ALA H 33 29.07 18.56 9.87
CA ALA H 33 29.98 18.92 10.96
C ALA H 33 29.65 20.32 11.49
N ILE H 34 29.77 20.48 12.79
CA ILE H 34 29.47 21.75 13.46
C ILE H 34 30.74 22.24 14.14
N SER H 35 31.09 23.51 13.89
CA SER H 35 32.25 24.15 14.48
C SER H 35 31.79 25.29 15.37
N TRP H 36 32.74 25.82 16.15
CA TRP H 36 32.48 26.91 17.08
C TRP H 36 33.41 28.07 16.77
N VAL H 37 32.83 29.23 16.50
CA VAL H 37 33.58 30.45 16.19
C VAL H 37 33.12 31.53 17.16
N ARG H 38 34.09 32.20 17.79
CA ARG H 38 33.82 33.23 18.78
C ARG H 38 34.32 34.57 18.29
N GLN H 39 33.67 35.65 18.75
CA GLN H 39 34.06 37.02 18.44
C GLN H 39 34.10 37.82 19.74
N ALA H 40 35.31 38.15 20.18
CA ALA H 40 35.47 39.05 21.32
C ALA H 40 35.24 40.48 20.86
N PRO H 41 34.41 41.26 21.54
CA PRO H 41 34.18 42.65 21.12
C PRO H 41 35.49 43.42 21.05
N GLY H 42 35.67 44.16 19.95
CA GLY H 42 36.93 44.78 19.65
C GLY H 42 37.93 43.88 18.95
N GLN H 43 37.57 42.63 18.69
CA GLN H 43 38.46 41.68 18.02
C GLN H 43 37.67 40.94 16.96
N GLY H 44 38.40 40.26 16.07
CA GLY H 44 37.80 39.53 14.98
C GLY H 44 37.38 38.13 15.38
N LEU H 45 36.67 37.47 14.46
CA LEU H 45 36.22 36.11 14.69
C LEU H 45 37.41 35.16 14.75
N GLU H 46 37.31 34.15 15.63
CA GLU H 46 38.35 33.15 15.79
C GLU H 46 37.72 31.76 15.75
N TRP H 47 38.45 30.82 15.16
CA TRP H 47 38.01 29.43 15.08
C TRP H 47 38.51 28.67 16.30
N MET H 48 37.60 28.02 17.02
CA MET H 48 37.92 27.29 18.23
C MET H 48 38.06 25.80 17.98
N GLY H 49 37.04 25.17 17.42
CA GLY H 49 37.09 23.75 17.14
C GLY H 49 35.83 23.30 16.43
N GLY H 50 35.82 22.01 16.10
CA GLY H 50 34.65 21.42 15.45
C GLY H 50 34.62 19.93 15.65
N VAL H 51 33.48 19.33 15.33
CA VAL H 51 33.24 17.91 15.50
C VAL H 51 32.67 17.34 14.22
N VAL H 52 33.15 16.16 13.82
CA VAL H 52 32.65 15.50 12.61
C VAL H 52 31.25 14.96 12.89
N ALA H 53 30.46 14.81 11.82
CA ALA H 53 29.03 14.56 11.92
C ALA H 53 28.67 13.28 12.67
N ILE H 54 29.02 12.12 12.12
CA ILE H 54 28.61 10.84 12.66
C ILE H 54 29.70 10.22 13.53
N PHE H 55 30.95 10.30 13.09
CA PHE H 55 32.05 9.62 13.75
C PHE H 55 32.53 10.34 15.01
N GLY H 56 32.16 11.60 15.21
CA GLY H 56 32.48 12.29 16.44
C GLY H 56 33.91 12.73 16.59
N THR H 57 34.72 12.63 15.54
CA THR H 57 36.10 13.10 15.62
C THR H 57 36.13 14.62 15.82
N THR H 58 37.00 15.08 16.70
CA THR H 58 37.05 16.48 17.09
C THR H 58 38.41 17.07 16.72
N ASN H 59 38.39 18.29 16.20
CA ASN H 59 39.60 19.04 15.88
C ASN H 59 39.55 20.37 16.61
N TYR H 60 40.67 20.77 17.20
CA TYR H 60 40.75 22.00 17.97
C TYR H 60 41.89 22.87 17.45
N ALA H 61 41.71 24.18 17.56
CA ALA H 61 42.76 25.11 17.21
C ALA H 61 43.87 25.06 18.27
N GLN H 62 45.12 25.28 17.82
CA GLN H 62 46.26 25.17 18.73
C GLN H 62 46.16 26.16 19.88
N ASN H 63 45.48 27.29 19.66
CA ASN H 63 45.33 28.27 20.73
C ASN H 63 44.48 27.72 21.87
N PHE H 64 43.47 26.92 21.55
CA PHE H 64 42.50 26.46 22.53
C PHE H 64 42.63 24.98 22.87
N GLN H 65 43.74 24.34 22.48
CA GLN H 65 43.95 22.95 22.86
C GLN H 65 44.16 22.84 24.37
N GLY H 66 43.48 21.88 24.99
CA GLY H 66 43.55 21.68 26.41
C GLY H 66 42.55 22.49 27.22
N ARG H 67 41.82 23.41 26.58
CA ARG H 67 40.82 24.22 27.27
C ARG H 67 39.41 24.08 26.72
N VAL H 68 39.24 23.49 25.53
CA VAL H 68 37.95 23.35 24.88
C VAL H 68 37.67 21.87 24.69
N THR H 69 36.45 21.46 25.04
CA THR H 69 36.01 20.08 24.85
C THR H 69 34.66 20.11 24.16
N ILE H 70 34.63 19.72 22.89
CA ILE H 70 33.40 19.70 22.10
C ILE H 70 32.91 18.27 22.01
N THR H 71 31.66 18.05 22.42
CA THR H 71 31.04 16.74 22.42
C THR H 71 29.64 16.84 21.82
N ALA H 72 29.20 15.75 21.23
CA ALA H 72 27.86 15.67 20.64
C ALA H 72 27.21 14.35 21.01
N ASP H 73 25.88 14.37 21.15
CA ASP H 73 25.09 13.18 21.40
C ASP H 73 24.27 12.88 20.15
N GLU H 74 24.47 11.69 19.59
CA GLU H 74 23.77 11.32 18.36
C GLU H 74 22.27 11.17 18.60
N SER H 75 21.87 10.87 19.83
CA SER H 75 20.45 10.67 20.13
C SER H 75 19.66 11.97 19.96
N SER H 76 20.20 13.08 20.45
CA SER H 76 19.48 14.35 20.44
C SER H 76 19.95 15.30 19.35
N SER H 77 20.98 14.92 18.58
CA SER H 77 21.52 15.76 17.51
C SER H 77 21.92 17.14 18.04
N THR H 78 22.56 17.15 19.20
CA THR H 78 22.99 18.38 19.85
C THR H 78 24.50 18.39 19.98
N VAL H 79 25.10 19.58 19.89
CA VAL H 79 26.54 19.75 20.03
C VAL H 79 26.80 20.66 21.22
N TYR H 80 27.69 20.22 22.09
CA TYR H 80 28.05 20.94 23.30
C TYR H 80 29.50 21.39 23.21
N MET H 81 29.78 22.53 23.83
CA MET H 81 31.13 23.06 23.91
C MET H 81 31.42 23.45 25.34
N GLU H 82 32.54 22.96 25.87
CA GLU H 82 32.90 23.13 27.28
C GLU H 82 34.25 23.83 27.35
N LEU H 83 34.23 25.11 27.70
CA LEU H 83 35.46 25.90 27.85
C LEU H 83 35.78 26.01 29.33
N SER H 84 36.91 25.44 29.74
CA SER H 84 37.32 25.41 31.14
C SER H 84 38.44 26.41 31.38
N ARG H 85 38.71 26.62 32.68
CA ARG H 85 39.77 27.53 33.13
C ARG H 85 39.57 28.92 32.55
N LEU H 86 38.40 29.50 32.81
CA LEU H 86 38.10 30.84 32.33
C LEU H 86 39.05 31.86 32.95
N ARG H 87 39.46 32.84 32.15
CA ARG H 87 40.33 33.90 32.60
C ARG H 87 39.88 35.21 31.95
N SER H 88 40.70 36.24 32.11
CA SER H 88 40.40 37.53 31.51
C SER H 88 40.45 37.42 29.99
N GLU H 89 39.70 38.30 29.33
CA GLU H 89 39.60 38.39 27.87
C GLU H 89 38.97 37.14 27.26
N ASP H 90 38.23 36.36 28.05
CA ASP H 90 37.42 35.27 27.54
C ASP H 90 35.99 35.70 27.26
N THR H 91 35.67 36.98 27.46
CA THR H 91 34.35 37.49 27.10
C THR H 91 34.24 37.62 25.59
N ALA H 92 33.24 36.96 25.02
CA ALA H 92 33.06 36.94 23.57
C ALA H 92 31.67 36.41 23.27
N VAL H 93 31.29 36.49 21.99
CA VAL H 93 30.04 35.93 21.50
C VAL H 93 30.37 34.67 20.73
N TYR H 94 29.78 33.55 21.16
CA TYR H 94 30.08 32.24 20.59
C TYR H 94 28.98 31.82 19.62
N TYR H 95 29.37 31.51 18.39
CA TYR H 95 28.45 31.03 17.37
C TYR H 95 28.78 29.58 17.05
N CYS H 96 27.74 28.80 16.77
CA CYS H 96 27.92 27.44 16.26
C CYS H 96 27.59 27.46 14.77
N ALA H 97 28.54 27.04 13.95
CA ALA H 97 28.42 27.10 12.51
C ALA H 97 28.35 25.69 11.92
N ARG H 98 27.47 25.49 10.96
CA ARG H 98 27.25 24.20 10.33
C ARG H 98 28.03 24.15 9.02
N HIS H 99 28.85 23.11 8.86
CA HIS H 99 29.67 22.99 7.67
C HIS H 99 28.83 22.51 6.48
N SER H 100 29.38 22.70 5.28
CA SER H 100 28.71 22.27 4.06
C SER H 100 28.76 20.76 3.87
N GLY H 101 29.61 20.05 4.60
CA GLY H 101 29.71 18.62 4.47
C GLY H 101 29.75 17.93 5.81
N TYR H 102 30.06 16.62 5.80
CA TYR H 102 30.12 15.87 7.04
C TYR H 102 31.42 16.06 7.80
N HIS H 103 32.44 16.62 7.17
CA HIS H 103 33.76 16.73 7.77
C HIS H 103 34.16 18.20 7.92
N ILE H 104 35.10 18.44 8.83
CA ILE H 104 35.56 19.80 9.08
C ILE H 104 36.39 20.30 7.90
N THR H 105 37.29 19.45 7.38
CA THR H 105 38.22 19.89 6.36
C THR H 105 37.50 20.11 5.03
N ASN H 106 37.96 21.14 4.30
CA ASN H 106 37.47 21.46 2.97
C ASN H 106 35.97 21.74 2.95
N THR H 107 35.45 22.31 4.03
CA THR H 107 34.03 22.65 4.11
C THR H 107 33.89 24.05 4.70
N PHE H 108 32.87 24.76 4.23
CA PHE H 108 32.57 26.11 4.67
C PHE H 108 31.30 26.12 5.50
N PHE H 109 31.07 27.23 6.19
CA PHE H 109 29.94 27.35 7.11
C PHE H 109 28.70 27.74 6.33
N ASP H 110 27.78 26.79 6.14
CA ASP H 110 26.51 27.12 5.51
C ASP H 110 25.69 28.08 6.34
N TYR H 111 25.46 27.75 7.61
CA TYR H 111 24.58 28.50 8.49
C TYR H 111 25.29 28.76 9.80
N TRP H 112 24.84 29.80 10.50
CA TRP H 112 25.40 30.18 11.79
C TRP H 112 24.30 30.23 12.84
N GLY H 113 24.70 30.01 14.09
CA GLY H 113 23.78 30.19 15.19
C GLY H 113 23.59 31.66 15.53
N GLN H 114 22.51 31.94 16.25
CA GLN H 114 22.19 33.32 16.58
C GLN H 114 23.23 33.94 17.51
N GLY H 115 23.84 33.13 18.37
CA GLY H 115 24.95 33.60 19.18
C GLY H 115 24.67 33.68 20.67
N THR H 116 25.66 33.39 21.48
CA THR H 116 25.54 33.47 22.93
C THR H 116 26.64 34.37 23.48
N LEU H 117 26.26 35.27 24.39
CA LEU H 117 27.20 36.19 25.00
C LEU H 117 27.56 35.67 26.38
N VAL H 118 28.87 35.48 26.61
CA VAL H 118 29.38 34.95 27.88
C VAL H 118 30.36 35.96 28.45
N THR H 119 30.15 36.32 29.71
CA THR H 119 30.98 37.30 30.40
C THR H 119 31.68 36.64 31.58
N VAL H 120 32.95 36.98 31.77
CA VAL H 120 33.73 36.45 32.89
C VAL H 120 34.12 37.58 33.82
N GLU I 1 21.47 -3.69 -54.13
CA GLU I 1 20.03 -3.85 -54.15
C GLU I 1 19.65 -5.25 -54.63
N ILE I 2 19.08 -6.04 -53.74
CA ILE I 2 18.68 -7.41 -54.04
C ILE I 2 17.26 -7.40 -54.61
N VAL I 3 17.09 -7.91 -55.81
CA VAL I 3 15.78 -8.00 -56.45
C VAL I 3 15.21 -9.39 -56.22
N LEU I 4 13.96 -9.45 -55.78
CA LEU I 4 13.29 -10.70 -55.47
C LEU I 4 12.34 -11.05 -56.60
N THR I 5 12.50 -12.24 -57.16
CA THR I 5 11.68 -12.72 -58.28
C THR I 5 10.78 -13.84 -57.76
N GLN I 6 9.47 -13.67 -57.95
CA GLN I 6 8.50 -14.68 -57.55
C GLN I 6 8.03 -15.41 -58.80
N SER I 7 8.26 -16.73 -58.85
CA SER I 7 8.10 -17.45 -60.10
C SER I 7 6.65 -17.76 -60.46
N PRO I 8 5.83 -18.38 -59.59
CA PRO I 8 4.51 -18.86 -60.06
C PRO I 8 3.62 -17.78 -60.65
N GLY I 9 3.62 -16.57 -60.08
CA GLY I 9 2.82 -15.49 -60.63
C GLY I 9 1.34 -15.65 -60.38
N THR I 10 0.74 -16.65 -61.02
CA THR I 10 -0.67 -16.97 -60.84
C THR I 10 -0.79 -18.45 -60.51
N LEU I 11 -1.54 -18.78 -59.47
CA LEU I 11 -1.68 -20.17 -59.03
C LEU I 11 -3.13 -20.38 -58.62
N SER I 12 -3.93 -20.89 -59.56
CA SER I 12 -5.33 -21.19 -59.31
C SER I 12 -5.47 -22.61 -58.78
N LEU I 13 -6.15 -22.74 -57.64
CA LEU I 13 -6.31 -24.04 -56.99
C LEU I 13 -7.71 -24.13 -56.40
N SER I 14 -7.96 -25.24 -55.71
CA SER I 14 -9.21 -25.49 -55.00
C SER I 14 -8.88 -25.90 -53.58
N PRO I 15 -9.81 -25.68 -52.62
CA PRO I 15 -9.52 -26.02 -51.22
C PRO I 15 -9.11 -27.47 -51.04
N GLY I 16 -7.86 -27.68 -50.62
CA GLY I 16 -7.33 -29.03 -50.46
C GLY I 16 -6.03 -29.23 -51.20
N ASP I 17 -5.84 -28.49 -52.30
CA ASP I 17 -4.61 -28.61 -53.07
C ASP I 17 -3.43 -28.04 -52.28
N ARG I 18 -2.27 -28.67 -52.44
CA ARG I 18 -1.05 -28.16 -51.83
C ARG I 18 -0.59 -26.92 -52.58
N ALA I 19 -0.28 -25.86 -51.85
CA ALA I 19 0.18 -24.61 -52.42
C ALA I 19 1.65 -24.41 -52.08
N THR I 20 2.48 -24.26 -53.10
CA THR I 20 3.91 -24.02 -52.93
C THR I 20 4.29 -22.76 -53.67
N LEU I 21 4.74 -21.75 -52.93
CA LEU I 21 5.11 -20.46 -53.50
C LEU I 21 6.61 -20.27 -53.35
N SER I 22 7.29 -20.00 -54.46
CA SER I 22 8.74 -19.89 -54.50
C SER I 22 9.14 -18.44 -54.74
N CYS I 23 10.07 -17.95 -53.93
CA CYS I 23 10.63 -16.61 -54.08
C CYS I 23 12.13 -16.74 -54.30
N ARG I 24 12.63 -16.13 -55.37
CA ARG I 24 14.03 -16.22 -55.75
C ARG I 24 14.72 -14.86 -55.61
N ALA I 25 15.98 -14.88 -55.21
CA ALA I 25 16.75 -13.67 -54.96
C ALA I 25 17.98 -13.64 -55.86
N SER I 26 18.30 -12.46 -56.38
CA SER I 26 19.49 -12.32 -57.22
C SER I 26 20.77 -12.45 -56.41
N GLN I 27 20.70 -12.17 -55.11
CA GLN I 27 21.84 -12.28 -54.21
C GLN I 27 21.43 -13.00 -52.95
N SER I 28 22.40 -13.61 -52.28
CA SER I 28 22.13 -14.33 -51.05
C SER I 28 21.68 -13.35 -49.97
N VAL I 29 20.57 -13.67 -49.31
CA VAL I 29 20.03 -12.82 -48.25
C VAL I 29 20.77 -13.15 -46.95
N PRO I 30 21.48 -12.19 -46.35
CA PRO I 30 22.23 -12.49 -45.13
C PRO I 30 21.32 -12.90 -43.98
N SER I 31 21.80 -13.87 -43.20
CA SER I 31 21.12 -14.40 -42.02
C SER I 31 19.72 -14.94 -42.31
N SER I 32 19.40 -15.21 -43.57
CA SER I 32 18.09 -15.73 -43.96
C SER I 32 16.97 -14.81 -43.48
N TYR I 33 17.17 -13.51 -43.62
CA TYR I 33 16.17 -12.51 -43.23
C TYR I 33 15.18 -12.32 -44.37
N LEU I 34 14.17 -13.19 -44.39
CA LEU I 34 13.10 -13.11 -45.37
C LEU I 34 11.76 -13.34 -44.69
N ALA I 35 10.73 -12.64 -45.15
CA ALA I 35 9.41 -12.69 -44.55
C ALA I 35 8.34 -12.83 -45.62
N TRP I 36 7.20 -13.39 -45.24
CA TRP I 36 6.06 -13.59 -46.12
C TRP I 36 4.85 -12.87 -45.56
N TYR I 37 4.12 -12.17 -46.43
CA TYR I 37 2.95 -11.39 -46.02
C TYR I 37 1.75 -11.79 -46.87
N ARG I 38 0.58 -11.74 -46.24
CA ARG I 38 -0.69 -11.99 -46.92
C ARG I 38 -1.46 -10.68 -47.03
N HIS I 39 -1.82 -10.30 -48.25
CA HIS I 39 -2.45 -9.00 -48.52
C HIS I 39 -3.75 -9.22 -49.28
N LYS I 40 -4.84 -9.40 -48.54
CA LYS I 40 -6.15 -9.42 -49.15
C LYS I 40 -6.52 -8.00 -49.57
N PRO I 41 -7.06 -7.81 -50.77
CA PRO I 41 -7.34 -6.43 -51.24
C PRO I 41 -8.30 -5.71 -50.31
N GLY I 42 -8.03 -4.42 -50.10
CA GLY I 42 -8.82 -3.61 -49.20
C GLY I 42 -8.50 -3.76 -47.73
N GLN I 43 -7.47 -4.54 -47.38
CA GLN I 43 -7.12 -4.77 -45.99
C GLN I 43 -5.61 -4.65 -45.82
N ALA I 44 -5.20 -4.35 -44.59
CA ALA I 44 -3.78 -4.24 -44.28
C ALA I 44 -3.11 -5.60 -44.37
N PRO I 45 -1.91 -5.65 -44.95
CA PRO I 45 -1.20 -6.94 -45.05
C PRO I 45 -0.86 -7.50 -43.68
N ARG I 46 -0.80 -8.83 -43.60
CA ARG I 46 -0.57 -9.53 -42.36
C ARG I 46 0.68 -10.38 -42.47
N LEU I 47 1.46 -10.40 -41.38
CA LEU I 47 2.72 -11.15 -41.34
C LEU I 47 2.43 -12.62 -41.11
N LEU I 48 2.86 -13.46 -42.05
CA LEU I 48 2.71 -14.91 -41.92
C LEU I 48 3.96 -15.56 -41.35
N ILE I 49 5.10 -15.40 -42.02
CA ILE I 49 6.35 -16.06 -41.67
C ILE I 49 7.45 -15.01 -41.59
N TYR I 50 8.26 -15.07 -40.53
CA TYR I 50 9.44 -14.23 -40.41
C TYR I 50 10.66 -15.09 -40.17
N GLY I 51 11.78 -14.71 -40.77
CA GLY I 51 12.99 -15.49 -40.68
C GLY I 51 13.03 -16.71 -41.58
N ALA I 52 12.02 -16.88 -42.44
CA ALA I 52 11.94 -17.95 -43.43
C ALA I 52 11.69 -19.31 -42.79
N SER I 53 11.72 -19.38 -41.47
CA SER I 53 11.47 -20.65 -40.79
C SER I 53 10.65 -20.52 -39.51
N SER I 54 10.15 -19.34 -39.18
CA SER I 54 9.43 -19.11 -37.93
C SER I 54 8.04 -18.59 -38.23
N ARG I 55 7.05 -19.09 -37.49
CA ARG I 55 5.66 -18.67 -37.67
C ARG I 55 5.34 -17.49 -36.78
N ALA I 56 4.62 -16.52 -37.35
CA ALA I 56 4.16 -15.38 -36.57
C ALA I 56 3.06 -15.81 -35.61
N THR I 57 2.88 -15.02 -34.55
CA THR I 57 1.87 -15.34 -33.55
C THR I 57 0.46 -15.25 -34.16
N GLY I 58 -0.39 -16.20 -33.78
CA GLY I 58 -1.75 -16.25 -34.28
C GLY I 58 -1.91 -16.85 -35.66
N ILE I 59 -0.82 -17.23 -36.31
CA ILE I 59 -0.89 -17.78 -37.67
C ILE I 59 -1.28 -19.25 -37.58
N PRO I 60 -2.25 -19.72 -38.37
CA PRO I 60 -2.63 -21.13 -38.33
C PRO I 60 -1.48 -22.03 -38.77
N ASP I 61 -1.50 -23.26 -38.27
CA ASP I 61 -0.39 -24.18 -38.46
C ASP I 61 -0.18 -24.58 -39.93
N ARG I 62 -1.18 -24.36 -40.79
CA ARG I 62 -1.03 -24.76 -42.19
C ARG I 62 0.02 -23.91 -42.90
N PHE I 63 0.28 -22.69 -42.40
CA PHE I 63 1.27 -21.82 -43.01
C PHE I 63 2.66 -22.16 -42.50
N SER I 64 3.57 -22.44 -43.42
CA SER I 64 4.96 -22.75 -43.06
C SER I 64 5.84 -22.49 -44.28
N GLY I 65 7.12 -22.29 -44.02
CA GLY I 65 8.07 -22.04 -45.09
C GLY I 65 9.47 -22.43 -44.68
N SER I 66 10.34 -22.52 -45.69
CA SER I 66 11.73 -22.90 -45.47
C SER I 66 12.55 -22.41 -46.65
N GLY I 67 13.86 -22.36 -46.45
CA GLY I 67 14.77 -21.96 -47.49
C GLY I 67 16.04 -21.38 -46.90
N SER I 68 16.98 -21.09 -47.79
CA SER I 68 18.27 -20.50 -47.42
C SER I 68 18.93 -20.02 -48.70
N GLY I 69 19.98 -19.20 -48.53
CA GLY I 69 20.68 -18.68 -49.69
C GLY I 69 19.79 -17.80 -50.54
N THR I 70 19.72 -18.11 -51.83
CA THR I 70 18.89 -17.36 -52.76
C THR I 70 17.56 -18.03 -53.06
N ASP I 71 17.27 -19.18 -52.43
CA ASP I 71 16.05 -19.93 -52.69
C ASP I 71 15.21 -19.99 -51.41
N PHE I 72 13.97 -19.52 -51.50
CA PHE I 72 13.04 -19.57 -50.38
C PHE I 72 11.68 -20.00 -50.90
N SER I 73 10.90 -20.63 -50.03
CA SER I 73 9.61 -21.16 -50.43
C SER I 73 8.63 -21.07 -49.26
N LEU I 74 7.35 -20.91 -49.60
CA LEU I 74 6.26 -20.95 -48.64
C LEU I 74 5.29 -22.04 -49.04
N THR I 75 4.93 -22.90 -48.09
CA THR I 75 4.08 -24.05 -48.37
C THR I 75 2.81 -23.97 -47.52
N ILE I 76 1.67 -24.21 -48.16
CA ILE I 76 0.39 -24.32 -47.49
C ILE I 76 -0.13 -25.73 -47.73
N SER I 77 -0.11 -26.56 -46.69
CA SER I 77 -0.48 -27.96 -46.85
C SER I 77 -1.95 -28.09 -47.24
N ARG I 78 -2.83 -27.35 -46.59
CA ARG I 78 -4.27 -27.39 -46.86
C ARG I 78 -4.77 -25.98 -47.13
N VAL I 79 -5.41 -25.79 -48.28
CA VAL I 79 -5.92 -24.48 -48.67
C VAL I 79 -7.34 -24.32 -48.15
N GLU I 80 -7.60 -23.18 -47.52
CA GLU I 80 -8.90 -22.82 -46.98
C GLU I 80 -9.47 -21.69 -47.80
N PRO I 81 -10.77 -21.39 -47.65
CA PRO I 81 -11.37 -20.29 -48.42
C PRO I 81 -10.74 -18.94 -48.14
N GLU I 82 -10.09 -18.76 -46.98
CA GLU I 82 -9.45 -17.50 -46.64
C GLU I 82 -8.01 -17.40 -47.12
N ASP I 83 -7.51 -18.42 -47.82
CA ASP I 83 -6.13 -18.44 -48.30
C ASP I 83 -6.02 -18.03 -49.77
N PHE I 84 -6.90 -17.14 -50.22
CA PHE I 84 -6.89 -16.64 -51.59
C PHE I 84 -6.59 -15.16 -51.54
N ALA I 85 -5.33 -14.78 -51.78
CA ALA I 85 -4.89 -13.40 -51.74
C ALA I 85 -3.54 -13.33 -52.43
N VAL I 86 -2.89 -12.17 -52.32
CA VAL I 86 -1.57 -11.94 -52.91
C VAL I 86 -0.53 -12.10 -51.81
N TYR I 87 0.54 -12.84 -52.13
CA TYR I 87 1.59 -13.16 -51.17
C TYR I 87 2.91 -12.55 -51.64
N TYR I 88 3.56 -11.79 -50.76
CA TYR I 88 4.82 -11.13 -51.08
C TYR I 88 5.93 -11.69 -50.21
N CYS I 89 7.14 -11.69 -50.74
CA CYS I 89 8.34 -12.05 -50.00
C CYS I 89 9.19 -10.79 -49.81
N GLN I 90 9.51 -10.47 -48.56
CA GLN I 90 10.35 -9.33 -48.23
C GLN I 90 11.67 -9.82 -47.65
N GLN I 91 12.76 -9.22 -48.10
CA GLN I 91 14.07 -9.45 -47.48
C GLN I 91 14.42 -8.23 -46.63
N TYR I 92 14.80 -8.48 -45.39
CA TYR I 92 15.18 -7.40 -44.46
C TYR I 92 16.60 -7.59 -43.95
N GLY I 93 17.46 -8.17 -44.77
CA GLY I 93 18.87 -8.31 -44.43
C GLY I 93 19.74 -7.30 -45.16
N SER I 94 19.14 -6.53 -46.08
CA SER I 94 19.86 -5.55 -46.86
C SER I 94 19.22 -4.18 -46.69
N SER I 95 20.01 -3.15 -46.95
CA SER I 95 19.57 -1.78 -46.68
C SER I 95 18.33 -1.36 -47.48
N PRO I 96 18.23 -1.59 -48.79
CA PRO I 96 17.07 -1.05 -49.52
C PRO I 96 15.73 -1.61 -49.08
N TYR I 97 15.69 -2.79 -48.45
CA TYR I 97 14.44 -3.42 -48.01
C TYR I 97 13.49 -3.62 -49.20
N THR I 98 13.93 -4.45 -50.15
CA THR I 98 13.16 -4.69 -51.35
C THR I 98 12.00 -5.65 -51.07
N PHE I 99 11.06 -5.70 -52.02
CA PHE I 99 9.84 -6.47 -51.87
C PHE I 99 9.65 -7.40 -53.06
N GLY I 100 8.93 -8.49 -52.83
CA GLY I 100 8.60 -9.40 -53.90
C GLY I 100 7.49 -8.87 -54.79
N ARG I 101 7.36 -9.47 -55.97
CA ARG I 101 6.35 -9.02 -56.91
C ARG I 101 4.94 -9.36 -56.45
N GLY I 102 4.74 -10.57 -55.96
CA GLY I 102 3.45 -11.00 -55.48
C GLY I 102 2.76 -11.97 -56.43
N THR I 103 2.08 -12.95 -55.86
CA THR I 103 1.36 -13.96 -56.63
C THR I 103 -0.08 -14.04 -56.14
N LYS I 104 -1.03 -13.89 -57.05
CA LYS I 104 -2.43 -14.01 -56.72
C LYS I 104 -2.90 -15.44 -56.91
N LEU I 105 -3.68 -15.93 -55.94
CA LEU I 105 -4.25 -17.28 -56.00
C LEU I 105 -5.70 -17.19 -56.43
N ASP I 106 -6.05 -17.88 -57.50
CA ASP I 106 -7.40 -17.86 -58.06
C ASP I 106 -8.17 -19.10 -57.63
N ILE I 107 -9.48 -19.05 -57.86
CA ILE I 107 -10.38 -20.15 -57.55
C ILE I 107 -10.65 -20.91 -58.85
N LYS I 108 -10.41 -22.22 -58.83
CA LYS I 108 -10.65 -23.04 -60.01
C LYS I 108 -12.14 -23.23 -60.27
N ASP J 16 45.95 1.14 -33.04
CA ASP J 16 44.52 0.82 -33.09
C ASP J 16 43.94 0.81 -31.69
N GLN J 17 42.69 1.26 -31.57
CA GLN J 17 42.04 1.42 -30.28
C GLN J 17 40.54 1.26 -30.43
N ILE J 18 39.90 0.70 -29.40
CA ILE J 18 38.45 0.57 -29.35
C ILE J 18 37.99 0.97 -27.96
N CYS J 19 36.81 1.58 -27.88
CA CYS J 19 36.29 2.13 -26.63
C CYS J 19 34.85 1.69 -26.42
N ILE J 20 34.40 1.78 -25.18
CA ILE J 20 33.01 1.50 -24.81
C ILE J 20 32.41 2.77 -24.23
N GLY J 21 31.23 3.15 -24.71
CA GLY J 21 30.62 4.38 -24.30
C GLY J 21 29.11 4.28 -24.32
N TYR J 22 28.47 5.39 -23.98
CA TYR J 22 27.03 5.43 -23.80
C TYR J 22 26.46 6.74 -24.34
N HIS J 23 25.18 6.70 -24.69
CA HIS J 23 24.54 7.78 -25.43
C HIS J 23 24.30 9.00 -24.56
N ALA J 24 24.48 10.18 -25.15
CA ALA J 24 24.20 11.44 -24.48
C ALA J 24 23.59 12.41 -25.48
N ASN J 25 22.83 13.37 -24.98
CA ASN J 25 22.16 14.35 -25.83
C ASN J 25 22.07 15.67 -25.08
N ASN J 26 21.26 16.59 -25.61
CA ASN J 26 21.07 17.91 -25.03
C ASN J 26 19.80 17.97 -24.17
N SER J 27 19.43 16.87 -23.55
CA SER J 27 18.22 16.81 -22.75
C SER J 27 18.38 17.57 -21.44
N THR J 28 17.25 17.98 -20.87
CA THR J 28 17.22 18.64 -19.58
C THR J 28 16.13 18.11 -18.66
N GLU J 29 15.43 17.04 -19.05
CA GLU J 29 14.42 16.46 -18.18
C GLU J 29 15.06 15.92 -16.92
N LYS J 30 14.42 16.17 -15.78
CA LYS J 30 14.95 15.78 -14.48
C LYS J 30 13.94 14.90 -13.77
N VAL J 31 14.46 13.83 -13.15
CA VAL J 31 13.64 12.86 -12.44
C VAL J 31 14.20 12.68 -11.04
N ASP J 32 13.34 12.22 -10.14
CA ASP J 32 13.68 12.02 -8.74
C ASP J 32 13.82 10.54 -8.44
N THR J 33 14.86 10.20 -7.67
CA THR J 33 15.08 8.83 -7.22
C THR J 33 15.20 8.80 -5.70
N ILE J 34 15.62 7.66 -5.15
CA ILE J 34 15.71 7.54 -3.70
C ILE J 34 16.92 8.32 -3.17
N CYS J 35 18.11 8.05 -3.71
CA CYS J 35 19.30 8.74 -3.22
C CYS J 35 19.38 10.18 -3.67
N GLU J 36 19.05 10.48 -4.92
CA GLU J 36 19.31 11.79 -5.49
C GLU J 36 18.05 12.38 -6.08
N ARG J 37 17.96 13.71 -6.05
CA ARG J 37 16.84 14.45 -6.61
C ARG J 37 17.34 15.32 -7.75
N ASN J 38 16.44 15.58 -8.71
CA ASN J 38 16.74 16.38 -9.89
C ASN J 38 17.92 15.78 -10.67
N VAL J 39 17.70 14.56 -11.16
CA VAL J 39 18.70 13.82 -11.93
C VAL J 39 18.37 13.98 -13.41
N THR J 40 19.30 14.58 -14.16
CA THR J 40 19.08 14.78 -15.58
C THR J 40 19.17 13.46 -16.33
N VAL J 41 18.18 13.20 -17.20
CA VAL J 41 18.14 11.98 -17.99
C VAL J 41 17.99 12.35 -19.46
N THR J 42 18.45 11.44 -20.31
CA THR J 42 18.38 11.67 -21.75
C THR J 42 16.93 11.71 -22.23
N HIS J 43 16.09 10.81 -21.71
CA HIS J 43 14.69 10.77 -22.10
C HIS J 43 13.84 10.45 -20.87
N ALA J 44 12.67 11.07 -20.80
CA ALA J 44 11.76 10.85 -19.69
C ALA J 44 10.33 11.03 -20.16
N LYS J 45 9.40 10.42 -19.44
CA LYS J 45 7.99 10.49 -19.77
C LYS J 45 7.19 10.89 -18.54
N ASP J 46 6.29 11.86 -18.71
CA ASP J 46 5.41 12.29 -17.63
C ASP J 46 4.08 11.54 -17.76
N ILE J 47 3.68 10.85 -16.70
CA ILE J 47 2.47 10.05 -16.71
C ILE J 47 1.36 10.68 -15.87
N LEU J 48 1.40 11.99 -15.67
CA LEU J 48 0.39 12.71 -14.91
C LEU J 48 -0.23 13.78 -15.79
N GLU J 49 -1.56 13.83 -15.84
CA GLU J 49 -2.27 14.81 -16.63
C GLU J 49 -2.75 15.94 -15.73
N LYS J 50 -2.39 17.18 -16.10
CA LYS J 50 -2.70 18.33 -15.27
C LYS J 50 -3.48 19.41 -16.02
N THR J 51 -4.02 19.11 -17.20
CA THR J 51 -4.64 20.12 -18.06
C THR J 51 -6.10 19.77 -18.29
N HIS J 52 -6.97 20.76 -18.13
CA HIS J 52 -8.39 20.63 -18.42
C HIS J 52 -8.86 21.85 -19.20
N ASN J 53 -9.76 21.65 -20.16
CA ASN J 53 -10.24 22.75 -20.98
C ASN J 53 -11.04 23.78 -20.18
N GLY J 54 -11.55 23.41 -19.01
CA GLY J 54 -12.24 24.35 -18.17
C GLY J 54 -13.70 24.57 -18.50
N LYS J 55 -14.29 23.75 -19.37
CA LYS J 55 -15.69 23.91 -19.75
C LYS J 55 -16.42 22.60 -19.57
N LEU J 56 -17.72 22.70 -19.31
CA LEU J 56 -18.58 21.54 -19.08
C LEU J 56 -19.12 21.07 -20.42
N CYS J 57 -18.55 19.99 -20.95
CA CYS J 57 -18.91 19.45 -22.25
C CYS J 57 -20.01 18.41 -22.09
N LYS J 58 -20.38 17.81 -23.23
CA LYS J 58 -21.32 16.69 -23.25
C LYS J 58 -20.55 15.39 -23.16
N LEU J 59 -21.11 14.42 -22.44
CA LEU J 59 -20.46 13.13 -22.23
C LEU J 59 -20.98 12.12 -23.24
N ASN J 60 -20.06 11.61 -24.07
CA ASN J 60 -20.38 10.60 -25.08
C ASN J 60 -21.47 11.07 -26.04
N GLY J 61 -21.55 12.37 -26.26
CA GLY J 61 -22.53 12.93 -27.17
C GLY J 61 -23.91 13.13 -26.57
N ILE J 62 -24.11 12.79 -25.30
CA ILE J 62 -25.40 12.96 -24.64
C ILE J 62 -25.30 14.20 -23.75
N PRO J 63 -26.08 15.24 -23.99
CA PRO J 63 -25.95 16.45 -23.18
C PRO J 63 -26.36 16.17 -21.74
N PRO J 64 -25.76 16.88 -20.78
CA PRO J 64 -26.17 16.71 -19.39
C PRO J 64 -27.50 17.39 -19.09
N LEU J 65 -28.03 17.19 -17.89
CA LEU J 65 -29.25 17.84 -17.45
C LEU J 65 -28.88 19.06 -16.63
N GLU J 66 -29.12 20.24 -17.18
CA GLU J 66 -28.74 21.50 -16.53
C GLU J 66 -29.97 22.06 -15.82
N LEU J 67 -30.00 21.90 -14.49
CA LEU J 67 -31.09 22.46 -13.71
C LEU J 67 -30.96 23.97 -13.52
N GLY J 68 -29.73 24.48 -13.47
CA GLY J 68 -29.55 25.90 -13.23
C GLY J 68 -29.88 26.25 -11.79
N ASP J 69 -30.71 27.27 -11.61
CA ASP J 69 -31.12 27.69 -10.28
C ASP J 69 -32.10 26.73 -9.64
N CYS J 70 -32.65 25.77 -10.39
CA CYS J 70 -33.63 24.84 -9.87
C CYS J 70 -32.94 23.66 -9.19
N SER J 71 -33.55 23.13 -8.14
CA SER J 71 -33.01 22.01 -7.41
C SER J 71 -33.70 20.71 -7.80
N ILE J 72 -33.21 19.60 -7.26
CA ILE J 72 -33.79 18.30 -7.54
C ILE J 72 -35.24 18.24 -7.05
N ALA J 73 -35.48 18.75 -5.85
CA ALA J 73 -36.84 18.76 -5.32
C ALA J 73 -37.71 19.73 -6.10
N GLY J 74 -37.14 20.84 -6.58
CA GLY J 74 -37.91 21.77 -7.38
C GLY J 74 -38.31 21.19 -8.72
N TRP J 75 -37.40 20.46 -9.37
CA TRP J 75 -37.73 19.79 -10.62
C TRP J 75 -38.75 18.67 -10.42
N LEU J 76 -38.49 17.76 -9.47
CA LEU J 76 -39.38 16.62 -9.31
C LEU J 76 -40.78 17.06 -8.86
N LEU J 77 -40.85 18.01 -7.94
CA LEU J 77 -42.15 18.47 -7.47
C LEU J 77 -42.87 19.31 -8.52
N GLY J 78 -42.13 19.94 -9.43
CA GLY J 78 -42.75 20.75 -10.45
C GLY J 78 -42.87 22.21 -10.05
N ASN J 79 -41.75 22.81 -9.67
CA ASN J 79 -41.76 24.20 -9.23
C ASN J 79 -42.23 25.11 -10.36
N PRO J 80 -43.09 26.09 -10.09
CA PRO J 80 -43.53 27.00 -11.15
C PRO J 80 -42.39 27.74 -11.85
N GLU J 81 -41.30 28.03 -11.15
CA GLU J 81 -40.17 28.74 -11.75
C GLU J 81 -39.28 27.82 -12.57
N CYS J 82 -39.53 26.52 -12.57
CA CYS J 82 -38.75 25.54 -13.34
C CYS J 82 -39.57 24.97 -14.48
N ASP J 83 -40.35 25.82 -15.16
CA ASP J 83 -41.23 25.35 -16.23
C ASP J 83 -40.44 24.76 -17.39
N ARG J 84 -39.26 25.31 -17.68
CA ARG J 84 -38.45 24.82 -18.78
C ARG J 84 -37.98 23.39 -18.59
N LEU J 85 -38.01 22.88 -17.37
CA LEU J 85 -37.60 21.51 -17.08
C LEU J 85 -38.78 20.54 -16.96
N LEU J 86 -39.99 20.96 -17.34
CA LEU J 86 -41.15 20.08 -17.23
C LEU J 86 -41.02 18.84 -18.10
N SER J 87 -40.23 18.90 -19.16
CA SER J 87 -39.97 17.72 -19.99
C SER J 87 -38.51 17.76 -20.42
N VAL J 88 -37.77 16.70 -20.12
CA VAL J 88 -36.34 16.65 -20.42
C VAL J 88 -36.02 15.37 -21.18
N PRO J 89 -35.03 15.40 -22.07
CA PRO J 89 -34.61 14.16 -22.74
C PRO J 89 -33.57 13.40 -21.93
N GLU J 90 -33.05 12.32 -22.51
CA GLU J 90 -32.02 11.54 -21.82
C GLU J 90 -30.80 12.39 -21.53
N TRP J 91 -30.19 12.16 -20.38
CA TRP J 91 -29.02 12.91 -19.94
C TRP J 91 -27.92 11.96 -19.52
N SER J 92 -26.68 12.46 -19.59
CA SER J 92 -25.53 11.70 -19.14
C SER J 92 -25.20 11.94 -17.68
N TYR J 93 -25.41 13.16 -17.19
CA TYR J 93 -25.23 13.48 -15.78
C TYR J 93 -26.03 14.74 -15.46
N ILE J 94 -26.22 14.98 -14.16
CA ILE J 94 -27.02 16.09 -13.67
C ILE J 94 -26.09 17.17 -13.13
N MET J 95 -26.34 18.41 -13.51
CA MET J 95 -25.57 19.55 -13.04
C MET J 95 -26.40 20.36 -12.06
N GLU J 96 -25.86 20.57 -10.86
CA GLU J 96 -26.58 21.25 -9.80
C GLU J 96 -25.64 22.23 -9.12
N LYS J 97 -26.24 23.26 -8.50
CA LYS J 97 -25.49 24.26 -7.76
C LYS J 97 -25.36 23.84 -6.30
N GLU J 98 -24.34 24.40 -5.63
CA GLU J 98 -24.14 24.11 -4.22
C GLU J 98 -25.32 24.58 -3.39
N ASN J 99 -25.85 25.76 -3.69
CA ASN J 99 -27.00 26.33 -2.98
C ASN J 99 -28.02 26.79 -4.03
N PRO J 100 -28.81 25.88 -4.57
CA PRO J 100 -29.81 26.26 -5.57
C PRO J 100 -30.81 27.26 -5.00
N ARG J 101 -31.15 28.26 -5.81
CA ARG J 101 -32.09 29.29 -5.37
C ARG J 101 -33.53 28.79 -5.42
N ASP J 102 -33.85 27.94 -6.40
CA ASP J 102 -35.23 27.49 -6.62
C ASP J 102 -35.35 26.05 -6.16
N GLY J 103 -35.79 25.88 -4.91
CA GLY J 103 -36.03 24.56 -4.36
C GLY J 103 -37.49 24.34 -4.06
N LEU J 104 -37.84 24.29 -2.78
CA LEU J 104 -39.24 24.24 -2.36
C LEU J 104 -39.73 25.67 -2.21
N CYS J 105 -40.54 26.12 -3.17
CA CYS J 105 -41.12 27.45 -3.08
C CYS J 105 -42.00 27.59 -1.84
N TYR J 106 -42.81 26.58 -1.56
CA TYR J 106 -43.53 26.53 -0.29
C TYR J 106 -42.61 25.95 0.78
N PRO J 107 -42.47 26.60 1.93
CA PRO J 107 -41.56 26.09 2.96
C PRO J 107 -41.96 24.69 3.40
N GLY J 108 -40.95 23.87 3.67
CA GLY J 108 -41.20 22.50 4.08
C GLY J 108 -39.93 21.67 3.97
N SER J 109 -40.13 20.36 4.10
CA SER J 109 -39.02 19.41 4.07
C SER J 109 -39.34 18.28 3.11
N PHE J 110 -38.31 17.52 2.78
CA PHE J 110 -38.41 16.39 1.85
C PHE J 110 -37.82 15.17 2.53
N ASN J 111 -38.66 14.20 2.88
CA ASN J 111 -38.20 13.02 3.60
C ASN J 111 -37.30 12.16 2.71
N ASP J 112 -36.19 11.70 3.29
CA ASP J 112 -35.21 10.88 2.57
C ASP J 112 -34.75 11.58 1.29
N TYR J 113 -34.50 12.88 1.39
CA TYR J 113 -34.08 13.65 0.23
C TYR J 113 -32.72 13.18 -0.28
N GLU J 114 -31.79 12.89 0.63
CA GLU J 114 -30.47 12.44 0.22
C GLU J 114 -30.52 11.07 -0.43
N GLU J 115 -31.42 10.20 0.05
CA GLU J 115 -31.58 8.89 -0.57
C GLU J 115 -32.12 9.02 -1.99
N LEU J 116 -33.03 9.97 -2.21
CA LEU J 116 -33.57 10.19 -3.55
C LEU J 116 -32.50 10.66 -4.51
N LYS J 117 -31.60 11.53 -4.05
CA LYS J 117 -30.53 12.01 -4.92
C LYS J 117 -29.53 10.90 -5.22
N HIS J 118 -29.41 9.93 -4.33
CA HIS J 118 -28.53 8.79 -4.61
C HIS J 118 -29.14 7.88 -5.67
N LEU J 119 -30.47 7.76 -5.67
CA LEU J 119 -31.13 6.93 -6.67
C LEU J 119 -30.95 7.49 -8.07
N LEU J 120 -30.96 8.82 -8.20
CA LEU J 120 -30.82 9.44 -9.51
C LEU J 120 -29.41 9.30 -10.07
N SER J 121 -28.43 8.93 -9.25
CA SER J 121 -27.08 8.73 -9.73
C SER J 121 -26.94 7.50 -10.63
N SER J 122 -27.96 6.64 -10.68
CA SER J 122 -27.95 5.46 -11.54
C SER J 122 -29.13 5.46 -12.50
N VAL J 123 -29.80 6.60 -12.67
CA VAL J 123 -30.98 6.72 -13.51
C VAL J 123 -30.73 7.80 -14.55
N LYS J 124 -30.98 7.48 -15.82
CA LYS J 124 -30.64 8.37 -16.92
C LYS J 124 -31.83 9.07 -17.55
N HIS J 125 -33.06 8.60 -17.33
CA HIS J 125 -34.19 9.21 -18.01
C HIS J 125 -35.48 8.89 -17.27
N PHE J 126 -36.37 9.88 -17.24
CA PHE J 126 -37.74 9.74 -16.74
C PHE J 126 -38.74 9.94 -17.87
N GLU J 127 -39.76 9.09 -17.90
CA GLU J 127 -40.90 9.25 -18.80
C GLU J 127 -42.11 9.49 -17.91
N LYS J 128 -42.52 10.76 -17.79
CA LYS J 128 -43.60 11.12 -16.89
C LYS J 128 -44.91 10.46 -17.31
N VAL J 129 -45.61 9.90 -16.33
CA VAL J 129 -46.88 9.22 -16.56
C VAL J 129 -47.93 9.89 -15.68
N LYS J 130 -49.05 10.27 -16.29
CA LYS J 130 -50.17 10.84 -15.54
C LYS J 130 -50.94 9.71 -14.86
N ILE J 131 -50.72 9.54 -13.56
CA ILE J 131 -51.32 8.44 -12.81
C ILE J 131 -52.63 8.84 -12.16
N LEU J 132 -52.74 10.08 -11.69
CA LEU J 132 -53.92 10.59 -11.02
C LEU J 132 -54.30 11.94 -11.65
N PRO J 133 -55.07 11.92 -12.73
CA PRO J 133 -55.43 13.18 -13.39
C PRO J 133 -56.20 14.11 -12.48
N LYS J 134 -56.00 15.42 -12.68
CA LYS J 134 -56.58 16.42 -11.80
C LYS J 134 -58.10 16.49 -11.90
N ASP J 135 -58.67 16.02 -13.02
CA ASP J 135 -60.12 16.13 -13.19
C ASP J 135 -60.88 15.05 -12.42
N ARG J 136 -60.18 14.06 -11.86
CA ARG J 136 -60.87 13.00 -11.13
C ARG J 136 -61.35 13.49 -9.76
N TRP J 137 -60.69 14.52 -9.20
CA TRP J 137 -61.04 15.03 -7.88
C TRP J 137 -62.27 15.95 -7.97
N THR J 138 -63.38 15.36 -8.44
CA THR J 138 -64.60 16.13 -8.65
C THR J 138 -65.29 16.50 -7.35
N GLN J 139 -64.94 15.85 -6.24
CA GLN J 139 -65.54 16.13 -4.95
C GLN J 139 -64.74 17.13 -4.13
N HIS J 140 -63.64 17.66 -4.67
CA HIS J 140 -62.75 18.52 -3.91
C HIS J 140 -62.29 19.68 -4.80
N THR J 141 -61.85 20.76 -4.16
CA THR J 141 -61.31 21.89 -4.88
C THR J 141 -59.82 21.68 -5.14
N THR J 142 -59.43 21.84 -6.41
CA THR J 142 -58.05 21.62 -6.82
C THR J 142 -57.35 22.89 -7.28
N THR J 143 -57.97 24.06 -7.12
CA THR J 143 -57.40 25.32 -7.58
C THR J 143 -56.61 26.04 -6.51
N GLY J 144 -56.44 25.43 -5.33
CA GLY J 144 -55.71 26.06 -4.25
C GLY J 144 -54.29 26.44 -4.58
N GLY J 145 -53.90 27.66 -4.23
CA GLY J 145 -52.56 28.14 -4.47
C GLY J 145 -52.06 28.98 -3.31
N SER J 146 -50.79 29.37 -3.39
CA SER J 146 -50.14 30.12 -2.33
C SER J 146 -49.37 31.29 -2.92
N ARG J 147 -49.22 32.34 -2.11
CA ARG J 147 -48.40 33.48 -2.53
C ARG J 147 -46.94 33.10 -2.65
N ALA J 148 -46.49 32.10 -1.89
CA ALA J 148 -45.11 31.64 -2.00
C ALA J 148 -44.82 31.01 -3.35
N CYS J 149 -45.86 30.58 -4.07
CA CYS J 149 -45.71 30.00 -5.40
C CYS J 149 -46.21 30.97 -6.47
N ALA J 150 -46.07 32.27 -6.26
CA ALA J 150 -46.70 33.26 -7.12
C ALA J 150 -46.13 33.20 -8.53
N VAL J 151 -47.03 33.33 -9.52
CA VAL J 151 -46.66 33.44 -10.93
C VAL J 151 -47.41 34.62 -11.51
N SER J 152 -46.68 35.57 -12.08
CA SER J 152 -47.25 36.79 -12.67
C SER J 152 -48.11 37.54 -11.67
N GLY J 153 -47.69 37.57 -10.40
CA GLY J 153 -48.46 38.27 -9.39
C GLY J 153 -49.75 37.59 -8.97
N ASN J 154 -49.89 36.30 -9.26
CA ASN J 154 -51.08 35.54 -8.91
C ASN J 154 -50.69 34.27 -8.17
N PRO J 155 -51.52 33.82 -7.23
CA PRO J 155 -51.21 32.58 -6.52
C PRO J 155 -51.18 31.39 -7.47
N SER J 156 -50.26 30.47 -7.21
CA SER J 156 -50.13 29.26 -8.00
C SER J 156 -49.63 28.14 -7.09
N PHE J 157 -49.19 27.04 -7.69
CA PHE J 157 -48.75 25.89 -6.92
C PHE J 157 -47.86 25.04 -7.82
N PHE J 158 -47.34 23.96 -7.24
CA PHE J 158 -46.50 23.03 -7.99
C PHE J 158 -47.28 22.45 -9.16
N ARG J 159 -46.58 22.25 -10.29
CA ARG J 159 -47.24 21.76 -11.49
C ARG J 159 -47.59 20.29 -11.40
N ASN J 160 -46.76 19.49 -10.72
CA ASN J 160 -46.96 18.05 -10.64
C ASN J 160 -47.77 17.61 -9.42
N MET J 161 -48.25 18.55 -8.61
CA MET J 161 -48.94 18.23 -7.37
C MET J 161 -50.28 18.94 -7.32
N VAL J 162 -51.21 18.34 -6.59
CA VAL J 162 -52.57 18.85 -6.43
C VAL J 162 -52.82 19.16 -4.97
N TRP J 163 -53.28 20.37 -4.69
CA TRP J 163 -53.59 20.81 -3.32
C TRP J 163 -55.09 20.66 -3.13
N LEU J 164 -55.50 19.52 -2.59
CA LEU J 164 -56.92 19.27 -2.35
C LEU J 164 -57.43 20.17 -1.22
N THR J 165 -58.62 20.72 -1.42
CA THR J 165 -59.21 21.66 -0.48
C THR J 165 -60.71 21.39 -0.43
N LYS J 166 -61.33 21.78 0.69
CA LYS J 166 -62.76 21.56 0.86
C LYS J 166 -63.56 22.24 -0.24
N LYS J 167 -64.61 21.56 -0.70
CA LYS J 167 -65.49 22.05 -1.75
C LYS J 167 -66.89 22.22 -1.19
N GLY J 168 -67.39 23.45 -1.20
CA GLY J 168 -68.70 23.73 -0.65
C GLY J 168 -68.82 23.43 0.83
N SER J 169 -67.82 23.81 1.62
CA SER J 169 -67.77 23.56 3.06
C SER J 169 -67.89 22.07 3.37
N ASN J 170 -67.31 21.22 2.51
CA ASN J 170 -67.34 19.78 2.70
C ASN J 170 -66.03 19.19 2.17
N TYR J 171 -65.47 18.26 2.94
CA TYR J 171 -64.25 17.55 2.56
C TYR J 171 -64.49 16.06 2.69
N PRO J 172 -65.03 15.42 1.64
CA PRO J 172 -65.17 13.97 1.66
C PRO J 172 -63.81 13.30 1.63
N VAL J 173 -63.78 12.04 2.07
CA VAL J 173 -62.54 11.27 2.10
C VAL J 173 -61.96 11.19 0.70
N ALA J 174 -60.65 11.40 0.59
CA ALA J 174 -59.99 11.40 -0.71
C ALA J 174 -59.51 9.99 -1.05
N GLN J 175 -60.18 9.37 -2.03
CA GLN J 175 -59.82 8.03 -2.49
C GLN J 175 -59.05 8.15 -3.79
N GLY J 176 -57.86 7.57 -3.84
CA GLY J 176 -57.06 7.58 -5.04
C GLY J 176 -56.09 6.42 -5.11
N SER J 177 -56.11 5.68 -6.21
CA SER J 177 -55.26 4.51 -6.36
C SER J 177 -54.75 4.43 -7.78
N TYR J 178 -53.65 3.70 -7.95
CA TYR J 178 -53.08 3.50 -9.28
C TYR J 178 -52.39 2.14 -9.31
N ASN J 179 -52.48 1.46 -10.43
CA ASN J 179 -51.84 0.17 -10.63
C ASN J 179 -50.69 0.34 -11.62
N ASN J 180 -49.50 -0.10 -11.23
CA ASN J 180 -48.30 0.10 -12.04
C ASN J 180 -48.37 -0.80 -13.27
N THR J 181 -48.78 -0.23 -14.40
CA THR J 181 -48.82 -0.93 -15.67
C THR J 181 -47.93 -0.27 -16.71
N SER J 182 -46.97 0.55 -16.28
CA SER J 182 -46.06 1.23 -17.19
C SER J 182 -44.87 0.37 -17.59
N GLY J 183 -44.75 -0.83 -17.03
CA GLY J 183 -43.72 -1.76 -17.44
C GLY J 183 -42.39 -1.63 -16.74
N GLU J 184 -42.22 -0.65 -15.85
CA GLU J 184 -40.98 -0.54 -15.10
C GLU J 184 -41.25 0.32 -13.87
N GLN J 185 -40.31 0.28 -12.92
CA GLN J 185 -40.50 0.93 -11.63
C GLN J 185 -40.78 2.42 -11.78
N MET J 186 -41.68 2.93 -10.94
CA MET J 186 -42.15 4.30 -11.01
C MET J 186 -41.87 5.00 -9.69
N LEU J 187 -41.54 6.29 -9.78
CA LEU J 187 -41.27 7.12 -8.61
C LEU J 187 -42.49 7.99 -8.34
N ILE J 188 -43.03 7.88 -7.12
CA ILE J 188 -44.25 8.56 -6.73
C ILE J 188 -43.97 9.43 -5.51
N ILE J 189 -44.45 10.67 -5.55
CA ILE J 189 -44.23 11.64 -4.47
C ILE J 189 -45.58 12.16 -3.99
N TRP J 190 -45.76 12.20 -2.67
CA TRP J 190 -46.92 12.82 -2.06
C TRP J 190 -46.46 13.67 -0.89
N GLY J 191 -47.35 14.53 -0.41
CA GLY J 191 -46.98 15.46 0.64
C GLY J 191 -48.14 15.73 1.59
N VAL J 192 -47.78 16.20 2.78
CA VAL J 192 -48.73 16.53 3.84
C VAL J 192 -48.54 17.99 4.22
N HIS J 193 -49.65 18.70 4.38
CA HIS J 193 -49.63 20.11 4.74
C HIS J 193 -49.82 20.28 6.23
N HIS J 194 -48.95 21.08 6.84
CA HIS J 194 -49.01 21.38 8.27
C HIS J 194 -49.46 22.81 8.48
N PRO J 195 -50.73 23.05 8.83
CA PRO J 195 -51.20 24.43 8.99
C PRO J 195 -50.54 25.11 10.18
N ASN J 196 -50.52 26.45 10.13
CA ASN J 196 -49.90 27.22 11.20
C ASN J 196 -50.75 27.20 12.48
N ASP J 197 -52.07 27.40 12.33
CA ASP J 197 -52.95 27.44 13.48
C ASP J 197 -54.24 26.71 13.16
N GLU J 198 -54.99 26.36 14.21
CA GLU J 198 -56.23 25.60 14.04
C GLU J 198 -57.26 26.39 13.24
N THR J 199 -57.18 27.71 13.25
CA THR J 199 -58.08 28.51 12.42
C THR J 199 -57.84 28.24 10.94
N GLU J 200 -56.58 28.08 10.55
CA GLU J 200 -56.27 27.74 9.17
C GLU J 200 -56.80 26.36 8.81
N GLN J 201 -56.90 25.47 9.80
CA GLN J 201 -57.42 24.13 9.55
C GLN J 201 -58.89 24.18 9.10
N ARG J 202 -59.68 25.03 9.77
CA ARG J 202 -61.11 25.09 9.44
C ARG J 202 -61.33 25.65 8.05
N THR J 203 -60.68 26.77 7.72
CA THR J 203 -60.91 27.46 6.46
C THR J 203 -60.31 26.74 5.27
N LEU J 204 -59.50 25.70 5.49
CA LEU J 204 -58.85 24.98 4.41
C LEU J 204 -59.29 23.54 4.27
N TYR J 205 -59.62 22.87 5.37
CA TYR J 205 -60.05 21.47 5.33
C TYR J 205 -61.30 21.17 6.15
N GLN J 206 -61.65 22.01 7.12
CA GLN J 206 -62.88 21.95 7.92
C GLN J 206 -62.89 20.76 8.87
N ASN J 207 -61.91 19.86 8.79
CA ASN J 207 -61.88 18.67 9.64
C ASN J 207 -60.65 18.72 10.54
N VAL J 208 -60.80 18.18 11.74
CA VAL J 208 -59.75 18.18 12.74
C VAL J 208 -59.28 16.75 12.97
N GLY J 209 -57.99 16.61 13.24
CA GLY J 209 -57.42 15.28 13.42
C GLY J 209 -57.41 14.47 12.14
N THR J 210 -57.14 15.12 11.01
CA THR J 210 -57.09 14.43 9.74
C THR J 210 -55.84 13.57 9.63
N TYR J 211 -55.84 12.67 8.65
CA TYR J 211 -54.72 11.77 8.43
C TYR J 211 -54.43 11.70 6.94
N VAL J 212 -53.19 11.35 6.61
CA VAL J 212 -52.78 11.08 5.23
C VAL J 212 -52.10 9.73 5.23
N SER J 213 -52.77 8.71 4.68
CA SER J 213 -52.30 7.34 4.70
C SER J 213 -51.97 6.89 3.29
N VAL J 214 -50.80 6.26 3.12
CA VAL J 214 -50.35 5.72 1.85
C VAL J 214 -49.94 4.28 2.07
N GLY J 215 -50.42 3.39 1.22
CA GLY J 215 -50.12 1.97 1.36
C GLY J 215 -49.87 1.29 0.03
N THR J 216 -48.80 0.49 -0.01
CA THR J 216 -48.53 -0.38 -1.14
C THR J 216 -48.34 -1.81 -0.65
N SER J 217 -47.89 -2.71 -1.53
CA SER J 217 -47.65 -4.08 -1.12
C SER J 217 -46.48 -4.21 -0.16
N THR J 218 -45.60 -3.21 -0.10
CA THR J 218 -44.46 -3.25 0.79
C THR J 218 -44.31 -1.99 1.64
N LEU J 219 -45.20 -1.02 1.50
CA LEU J 219 -45.13 0.24 2.23
C LEU J 219 -46.45 0.48 2.96
N ASN J 220 -46.35 0.94 4.20
CA ASN J 220 -47.52 1.27 5.01
C ASN J 220 -47.17 2.49 5.85
N LYS J 221 -47.79 3.63 5.53
CA LYS J 221 -47.52 4.86 6.24
C LYS J 221 -48.81 5.62 6.49
N ARG J 222 -48.98 6.11 7.71
CA ARG J 222 -50.05 7.02 8.07
C ARG J 222 -49.44 8.24 8.74
N SER J 223 -49.83 9.42 8.27
CA SER J 223 -49.27 10.66 8.76
C SER J 223 -50.39 11.61 9.17
N THR J 224 -50.08 12.53 10.07
CA THR J 224 -51.05 13.49 10.55
C THR J 224 -50.43 14.89 10.55
N PRO J 225 -51.23 15.92 10.31
CA PRO J 225 -50.71 17.28 10.38
C PRO J 225 -50.26 17.66 11.78
N GLU J 226 -49.24 18.52 11.85
CA GLU J 226 -48.70 19.03 13.11
C GLU J 226 -48.87 20.55 13.11
N ILE J 227 -49.94 21.01 13.74
CA ILE J 227 -50.22 22.44 13.81
C ILE J 227 -49.37 23.07 14.91
N ALA J 228 -48.58 24.07 14.55
CA ALA J 228 -47.71 24.75 15.50
C ALA J 228 -47.35 26.11 14.95
N THR J 229 -46.83 26.96 15.82
CA THR J 229 -46.39 28.30 15.44
C THR J 229 -44.92 28.26 15.04
N ARG J 230 -44.63 28.65 13.80
CA ARG J 230 -43.29 28.61 13.24
C ARG J 230 -42.96 29.97 12.64
N PRO J 231 -41.67 30.31 12.59
CA PRO J 231 -41.27 31.55 11.90
C PRO J 231 -41.67 31.52 10.43
N LYS J 232 -42.04 32.67 9.92
CA LYS J 232 -42.51 32.78 8.54
C LYS J 232 -41.33 32.67 7.58
N VAL J 233 -41.36 31.67 6.71
CA VAL J 233 -40.39 31.50 5.63
C VAL J 233 -41.16 31.68 4.32
N ASN J 234 -40.64 32.55 3.45
CA ASN J 234 -41.33 32.96 2.23
C ASN J 234 -42.69 33.57 2.54
N GLY J 235 -42.83 34.15 3.73
CA GLY J 235 -44.08 34.75 4.14
C GLY J 235 -45.14 33.78 4.61
N GLN J 236 -44.82 32.49 4.71
CA GLN J 236 -45.78 31.46 5.07
C GLN J 236 -45.34 30.79 6.36
N GLY J 237 -46.26 30.65 7.31
CA GLY J 237 -45.97 29.99 8.57
C GLY J 237 -46.17 28.49 8.51
N GLY J 238 -46.90 28.02 7.50
CA GLY J 238 -47.12 26.60 7.34
C GLY J 238 -45.94 25.89 6.71
N ARG J 239 -46.03 24.57 6.67
CA ARG J 239 -45.01 23.73 6.07
C ARG J 239 -45.68 22.58 5.32
N MET J 240 -44.99 22.08 4.29
CA MET J 240 -45.41 20.87 3.59
C MET J 240 -44.28 19.87 3.64
N GLU J 241 -44.56 18.68 4.17
CA GLU J 241 -43.60 17.59 4.23
C GLU J 241 -43.89 16.61 3.10
N PHE J 242 -42.89 16.40 2.24
CA PHE J 242 -43.07 15.60 1.03
C PHE J 242 -42.34 14.28 1.18
N SER J 243 -43.04 13.19 0.88
CA SER J 243 -42.51 11.84 0.98
C SER J 243 -42.60 11.16 -0.38
N TRP J 244 -41.77 10.13 -0.56
CA TRP J 244 -41.67 9.46 -1.85
C TRP J 244 -41.53 7.95 -1.64
N THR J 245 -41.78 7.22 -2.72
CA THR J 245 -41.63 5.76 -2.70
C THR J 245 -41.42 5.29 -4.13
N LEU J 246 -40.93 4.05 -4.26
CA LEU J 246 -40.76 3.40 -5.54
C LEU J 246 -41.80 2.30 -5.67
N LEU J 247 -42.61 2.37 -6.72
CA LEU J 247 -43.68 1.41 -6.95
C LEU J 247 -43.17 0.32 -7.90
N ASP J 248 -43.23 -0.92 -7.45
CA ASP J 248 -42.63 -2.02 -8.20
C ASP J 248 -43.51 -2.43 -9.39
N MET J 249 -43.07 -3.51 -10.04
CA MET J 249 -43.80 -4.03 -11.20
C MET J 249 -45.18 -4.54 -10.78
N TRP J 250 -46.20 -4.11 -11.50
CA TRP J 250 -47.58 -4.56 -11.34
C TRP J 250 -48.11 -4.36 -9.93
N ASP J 251 -47.64 -3.36 -9.21
CA ASP J 251 -48.07 -3.09 -7.85
C ASP J 251 -49.09 -1.96 -7.81
N THR J 252 -49.85 -1.91 -6.73
CA THR J 252 -50.88 -0.91 -6.53
C THR J 252 -50.51 -0.01 -5.36
N ILE J 253 -50.80 1.28 -5.50
CA ILE J 253 -50.58 2.26 -4.44
C ILE J 253 -51.89 2.99 -4.17
N ASN J 254 -52.28 3.06 -2.90
CA ASN J 254 -53.56 3.63 -2.51
C ASN J 254 -53.35 4.86 -1.65
N PHE J 255 -53.99 5.96 -2.04
CA PHE J 255 -53.94 7.22 -1.30
C PHE J 255 -55.28 7.45 -0.64
N GLU J 256 -55.28 7.62 0.67
CA GLU J 256 -56.49 7.90 1.43
C GLU J 256 -56.18 8.98 2.46
N SER J 257 -57.05 9.96 2.55
CA SER J 257 -56.83 11.06 3.49
C SER J 257 -58.15 11.80 3.72
N THR J 258 -58.35 12.25 4.96
CA THR J 258 -59.46 13.12 5.29
C THR J 258 -59.07 14.59 5.26
N GLY J 259 -57.84 14.91 4.88
CA GLY J 259 -57.38 16.28 4.79
C GLY J 259 -55.88 16.36 4.76
N ASN J 260 -55.39 17.54 4.38
CA ASN J 260 -53.96 17.87 4.39
C ASN J 260 -53.14 17.00 3.46
N LEU J 261 -53.72 16.52 2.36
CA LEU J 261 -53.01 15.70 1.39
C LEU J 261 -52.71 16.54 0.15
N ILE J 262 -51.44 16.59 -0.23
CA ILE J 262 -51.01 17.19 -1.49
C ILE J 262 -50.83 16.03 -2.46
N ALA J 263 -51.93 15.63 -3.10
CA ALA J 263 -51.91 14.46 -3.96
C ALA J 263 -51.13 14.75 -5.25
N PRO J 264 -50.41 13.76 -5.77
CA PRO J 264 -49.67 13.96 -7.01
C PRO J 264 -50.55 13.85 -8.24
N GLU J 265 -50.03 14.35 -9.34
CA GLU J 265 -50.67 14.21 -10.64
C GLU J 265 -49.87 13.37 -11.62
N TYR J 266 -48.56 13.29 -11.45
CA TYR J 266 -47.70 12.58 -12.37
C TYR J 266 -46.78 11.64 -11.59
N GLY J 267 -46.49 10.50 -12.19
CA GLY J 267 -45.48 9.60 -11.68
C GLY J 267 -44.27 9.61 -12.59
N PHE J 268 -43.08 9.43 -12.02
CA PHE J 268 -41.83 9.55 -12.77
C PHE J 268 -41.32 8.14 -13.05
N LYS J 269 -41.76 7.57 -14.18
CA LYS J 269 -41.30 6.26 -14.57
C LYS J 269 -39.84 6.30 -14.98
N ILE J 270 -39.06 5.34 -14.48
CA ILE J 270 -37.67 5.17 -14.89
C ILE J 270 -37.67 4.44 -16.22
N SER J 271 -36.91 4.94 -17.18
CA SER J 271 -36.81 4.33 -18.50
C SER J 271 -35.42 3.78 -18.79
N LYS J 272 -34.39 4.60 -18.60
CA LYS J 272 -33.02 4.21 -18.85
C LYS J 272 -32.23 4.20 -17.55
N ARG J 273 -31.45 3.14 -17.33
CA ARG J 273 -30.58 3.01 -16.18
C ARG J 273 -29.13 2.88 -16.64
N GLY J 274 -28.23 3.39 -15.82
CA GLY J 274 -26.82 3.30 -16.16
C GLY J 274 -26.00 4.22 -15.27
N SER J 275 -24.70 4.19 -15.51
CA SER J 275 -23.78 5.02 -14.73
C SER J 275 -24.01 6.49 -15.01
N SER J 276 -24.19 7.26 -13.94
CA SER J 276 -24.42 8.70 -14.05
C SER J 276 -23.88 9.35 -12.78
N GLY J 277 -24.27 10.59 -12.54
CA GLY J 277 -23.86 11.27 -11.33
C GLY J 277 -24.46 12.66 -11.28
N ILE J 278 -24.25 13.31 -10.14
CA ILE J 278 -24.71 14.69 -9.92
C ILE J 278 -23.48 15.57 -9.76
N MET J 279 -23.36 16.57 -10.62
CA MET J 279 -22.22 17.48 -10.63
C MET J 279 -22.57 18.72 -9.82
N LYS J 280 -21.72 19.06 -8.86
CA LYS J 280 -21.88 20.26 -8.05
C LYS J 280 -20.97 21.33 -8.65
N THR J 281 -21.54 22.15 -9.54
CA THR J 281 -20.76 23.17 -10.23
C THR J 281 -21.63 24.38 -10.51
N GLU J 282 -20.99 25.53 -10.67
CA GLU J 282 -21.66 26.78 -10.98
C GLU J 282 -21.60 27.12 -12.47
N GLY J 283 -21.03 26.25 -13.30
CA GLY J 283 -20.81 26.54 -14.69
C GLY J 283 -22.07 26.34 -15.53
N THR J 284 -21.89 26.51 -16.84
CA THR J 284 -22.97 26.41 -17.80
C THR J 284 -22.54 25.49 -18.93
N LEU J 285 -23.49 24.72 -19.46
CA LEU J 285 -23.20 23.83 -20.57
C LEU J 285 -22.81 24.61 -21.81
N GLU J 286 -21.79 24.12 -22.50
CA GLU J 286 -21.30 24.75 -23.73
C GLU J 286 -21.07 23.69 -24.78
N ASN J 287 -21.09 24.12 -26.04
CA ASN J 287 -20.92 23.19 -27.16
C ASN J 287 -19.53 22.58 -27.15
N CYS J 288 -19.45 21.31 -26.78
CA CYS J 288 -18.17 20.62 -26.60
C CYS J 288 -18.45 19.13 -26.41
N GLU J 289 -17.47 18.31 -26.74
CA GLU J 289 -17.58 16.86 -26.63
C GLU J 289 -16.42 16.34 -25.80
N THR J 290 -16.70 15.38 -24.93
CA THR J 290 -15.66 14.83 -24.06
C THR J 290 -16.04 13.41 -23.65
N LYS J 291 -15.06 12.70 -23.13
CA LYS J 291 -15.24 11.35 -22.61
C LYS J 291 -15.05 11.29 -21.09
N CYS J 292 -14.48 12.34 -20.50
CA CYS J 292 -14.26 12.39 -19.05
C CYS J 292 -14.56 13.80 -18.58
N GLN J 293 -15.44 13.93 -17.59
CA GLN J 293 -15.89 15.23 -17.11
C GLN J 293 -15.59 15.39 -15.63
N THR J 294 -15.05 16.55 -15.28
CA THR J 294 -14.74 16.94 -13.92
C THR J 294 -15.45 18.26 -13.63
N PRO J 295 -15.66 18.58 -12.35
CA PRO J 295 -16.30 19.88 -12.05
C PRO J 295 -15.52 21.08 -12.57
N LEU J 296 -14.19 20.98 -12.61
CA LEU J 296 -13.39 22.08 -13.15
C LEU J 296 -13.46 22.13 -14.67
N GLY J 297 -13.50 20.98 -15.32
CA GLY J 297 -13.54 20.95 -16.77
C GLY J 297 -13.44 19.52 -17.28
N ALA J 298 -13.24 19.40 -18.58
CA ALA J 298 -13.10 18.10 -19.24
C ALA J 298 -11.64 17.71 -19.31
N ILE J 299 -11.39 16.41 -19.35
CA ILE J 299 -10.04 15.86 -19.42
C ILE J 299 -9.89 15.13 -20.74
N ASN J 300 -8.86 15.49 -21.50
CA ASN J 300 -8.55 14.88 -22.79
C ASN J 300 -7.10 14.44 -22.75
N THR J 301 -6.87 13.17 -22.44
CA THR J 301 -5.51 12.66 -22.31
C THR J 301 -5.51 11.15 -22.47
N THR J 302 -4.32 10.61 -22.70
CA THR J 302 -4.08 9.17 -22.73
C THR J 302 -3.25 8.69 -21.55
N LEU J 303 -2.79 9.60 -20.69
CA LEU J 303 -1.98 9.23 -19.55
C LEU J 303 -2.83 8.49 -18.52
N PRO J 304 -2.21 7.61 -17.72
CA PRO J 304 -2.97 6.82 -16.74
C PRO J 304 -3.29 7.54 -15.44
N PHE J 305 -2.71 8.71 -15.18
CA PHE J 305 -2.94 9.44 -13.94
C PHE J 305 -3.37 10.86 -14.26
N HIS J 306 -4.07 11.46 -13.29
CA HIS J 306 -4.44 12.87 -13.38
C HIS J 306 -4.61 13.41 -11.97
N ASN J 307 -4.54 14.74 -11.85
CA ASN J 307 -4.72 15.38 -10.56
C ASN J 307 -5.62 16.61 -10.67
N VAL J 308 -6.66 16.54 -11.51
CA VAL J 308 -7.54 17.68 -11.70
C VAL J 308 -8.58 17.76 -10.60
N HIS J 309 -9.37 16.71 -10.43
CA HIS J 309 -10.42 16.71 -9.42
C HIS J 309 -10.76 15.27 -9.06
N PRO J 310 -10.94 14.95 -7.77
CA PRO J 310 -11.26 13.57 -7.40
C PRO J 310 -12.56 13.06 -7.99
N LEU J 311 -13.56 13.93 -8.14
CA LEU J 311 -14.87 13.51 -8.63
C LEU J 311 -14.88 13.56 -10.15
N THR J 312 -15.09 12.41 -10.78
CA THR J 312 -15.06 12.30 -12.24
C THR J 312 -16.22 11.44 -12.70
N ILE J 313 -16.66 11.67 -13.94
CA ILE J 313 -17.71 10.89 -14.57
C ILE J 313 -17.22 10.44 -15.94
N GLY J 314 -17.38 9.17 -16.25
CA GLY J 314 -16.97 8.63 -17.53
C GLY J 314 -15.68 7.85 -17.44
N GLU J 315 -15.15 7.51 -18.62
CA GLU J 315 -13.87 6.81 -18.71
C GLU J 315 -12.77 7.80 -18.40
N CYS J 316 -12.26 7.76 -17.17
CA CYS J 316 -11.30 8.72 -16.67
C CYS J 316 -10.07 8.00 -16.15
N PRO J 317 -8.92 8.67 -16.14
CA PRO J 317 -7.73 8.09 -15.51
C PRO J 317 -7.84 8.20 -14.00
N LYS J 318 -6.91 7.54 -13.30
CA LYS J 318 -6.95 7.47 -11.85
C LYS J 318 -6.37 8.74 -11.23
N TYR J 319 -7.04 9.22 -10.19
CA TYR J 319 -6.69 10.50 -9.57
C TYR J 319 -5.69 10.28 -8.45
N VAL J 320 -4.64 11.10 -8.41
CA VAL J 320 -3.67 11.11 -7.33
C VAL J 320 -3.40 12.54 -6.95
N LYS J 321 -2.94 12.73 -5.71
CA LYS J 321 -2.63 14.05 -5.19
C LYS J 321 -1.22 14.51 -5.50
N SER J 322 -0.42 13.68 -6.19
CA SER J 322 0.95 14.05 -6.49
C SER J 322 1.00 15.21 -7.49
N GLU J 323 2.02 16.05 -7.32
CA GLU J 323 2.22 17.18 -8.23
C GLU J 323 2.82 16.73 -9.56
N LYS J 324 3.67 15.71 -9.55
CA LYS J 324 4.32 15.23 -10.76
C LYS J 324 4.64 13.75 -10.62
N LEU J 325 4.65 13.06 -11.76
CA LEU J 325 5.01 11.64 -11.81
C LEU J 325 5.75 11.42 -13.13
N VAL J 326 7.07 11.50 -13.08
CA VAL J 326 7.90 11.42 -14.28
C VAL J 326 8.74 10.15 -14.21
N LEU J 327 8.61 9.30 -15.22
CA LEU J 327 9.41 8.10 -15.34
C LEU J 327 10.61 8.37 -16.23
N ALA J 328 11.73 7.72 -15.92
CA ALA J 328 12.94 7.83 -16.72
C ALA J 328 12.97 6.67 -17.70
N THR J 329 12.83 6.96 -18.99
CA THR J 329 12.90 5.94 -20.02
C THR J 329 14.33 5.73 -20.52
N GLY J 330 15.17 6.76 -20.44
CA GLY J 330 16.54 6.67 -20.88
C GLY J 330 17.53 6.70 -19.74
N LEU J 331 18.81 6.59 -20.10
CA LEU J 331 19.89 6.57 -19.14
C LEU J 331 20.23 7.99 -18.69
N ARG J 332 21.16 8.08 -17.74
CA ARG J 332 21.52 9.38 -17.18
C ARG J 332 22.25 10.23 -18.21
N ASN J 333 22.04 11.54 -18.14
CA ASN J 333 22.66 12.48 -19.06
C ASN J 333 23.93 13.03 -18.43
N VAL J 334 25.07 12.65 -18.97
CA VAL J 334 26.38 13.10 -18.49
C VAL J 334 27.02 13.91 -19.60
N PRO J 335 27.50 15.13 -19.32
CA PRO J 335 28.04 15.97 -20.39
C PRO J 335 29.28 15.36 -21.04
N GLN J 336 29.46 15.67 -22.32
CA GLN J 336 30.64 15.22 -23.06
C GLN J 336 31.90 15.78 -22.42
N ILE J 337 32.97 14.99 -22.45
CA ILE J 337 34.26 15.42 -21.94
C ILE J 337 34.77 16.62 -22.72
N GLY K 1 26.10 5.88 -9.48
CA GLY K 1 26.70 4.78 -10.20
C GLY K 1 26.89 3.55 -9.34
N LEU K 2 25.87 2.68 -9.32
CA LEU K 2 25.94 1.48 -8.50
C LEU K 2 26.90 0.44 -9.09
N PHE K 3 27.07 0.44 -10.41
CA PHE K 3 27.97 -0.50 -11.05
C PHE K 3 29.25 0.15 -11.58
N GLY K 4 29.41 1.46 -11.40
CA GLY K 4 30.66 2.12 -11.68
C GLY K 4 30.96 2.34 -13.14
N ALA K 5 30.00 2.15 -14.05
CA ALA K 5 30.25 2.35 -15.47
C ALA K 5 29.90 3.77 -15.91
N ILE K 6 28.65 4.17 -15.71
CA ILE K 6 28.22 5.52 -16.04
C ILE K 6 28.71 6.47 -14.97
N ALA K 7 29.41 7.53 -15.40
CA ALA K 7 30.04 8.51 -14.51
C ALA K 7 31.07 7.86 -13.58
N GLY K 8 31.56 6.67 -13.94
CA GLY K 8 32.60 6.01 -13.17
C GLY K 8 33.92 6.07 -13.89
N PHE K 9 34.43 4.91 -14.35
CA PHE K 9 35.63 4.93 -15.17
C PHE K 9 35.34 5.36 -16.60
N ILE K 10 34.06 5.46 -16.98
CA ILE K 10 33.66 6.13 -18.21
C ILE K 10 32.97 7.42 -17.80
N GLU K 11 33.73 8.51 -17.73
CA GLU K 11 33.27 9.72 -17.07
C GLU K 11 32.41 10.61 -17.97
N GLY K 12 32.33 10.33 -19.27
CA GLY K 12 31.57 11.17 -20.16
C GLY K 12 30.80 10.36 -21.18
N GLY K 13 29.62 10.87 -21.52
CA GLY K 13 28.81 10.29 -22.58
C GLY K 13 29.28 10.73 -23.94
N TRP K 14 28.66 10.15 -24.96
CA TRP K 14 29.02 10.42 -26.35
C TRP K 14 27.85 11.07 -27.06
N GLN K 15 28.09 12.22 -27.68
CA GLN K 15 27.07 12.89 -28.47
C GLN K 15 26.95 12.29 -29.86
N GLY K 16 27.97 11.57 -30.33
CA GLY K 16 27.92 10.93 -31.62
C GLY K 16 27.18 9.61 -31.65
N MET K 17 26.81 9.07 -30.50
CA MET K 17 26.01 7.85 -30.42
C MET K 17 24.55 8.23 -30.54
N VAL K 18 24.05 8.23 -31.78
CA VAL K 18 22.71 8.73 -32.07
C VAL K 18 21.71 7.64 -32.39
N ASP K 19 22.13 6.38 -32.48
CA ASP K 19 21.24 5.29 -32.85
C ASP K 19 21.33 4.12 -31.87
N GLY K 20 21.47 4.43 -30.59
CA GLY K 20 21.49 3.38 -29.58
C GLY K 20 21.96 3.85 -28.21
N TRP K 21 21.51 3.15 -27.16
CA TRP K 21 21.95 3.49 -25.81
C TRP K 21 23.45 3.26 -25.64
N TYR K 22 23.97 2.16 -26.19
CA TYR K 22 25.32 1.72 -25.91
C TYR K 22 26.00 1.47 -27.24
N GLY K 23 27.33 1.53 -27.25
CA GLY K 23 28.04 1.29 -28.49
C GLY K 23 29.53 1.38 -28.35
N TYR K 24 30.19 1.39 -29.50
CA TYR K 24 31.64 1.30 -29.61
C TYR K 24 32.17 2.50 -30.37
N HIS K 25 33.44 2.82 -30.13
CA HIS K 25 34.18 3.79 -30.94
C HIS K 25 35.54 3.19 -31.25
N HIS K 26 35.90 3.15 -32.53
CA HIS K 26 37.14 2.56 -32.97
C HIS K 26 37.94 3.57 -33.77
N SER K 27 39.26 3.41 -33.77
CA SER K 27 40.14 4.31 -34.49
C SER K 27 41.38 3.53 -34.93
N ASN K 28 41.55 3.39 -36.25
CA ASN K 28 42.68 2.66 -36.80
C ASN K 28 43.15 3.40 -38.04
N ASP K 29 43.99 2.73 -38.84
CA ASP K 29 44.56 3.37 -40.03
C ASP K 29 43.48 3.74 -41.03
N GLN K 30 42.51 2.86 -41.24
CA GLN K 30 41.47 3.13 -42.23
C GLN K 30 40.63 4.33 -41.86
N GLY K 31 40.26 4.45 -40.59
CA GLY K 31 39.45 5.57 -40.16
C GLY K 31 38.92 5.37 -38.75
N SER K 32 37.93 6.19 -38.40
CA SER K 32 37.34 6.13 -37.08
C SER K 32 35.86 6.47 -37.18
N GLY K 33 35.10 6.04 -36.17
CA GLY K 33 33.68 6.31 -36.15
C GLY K 33 33.01 5.58 -35.01
N TYR K 34 31.73 5.91 -34.82
CA TYR K 34 30.91 5.33 -33.77
C TYR K 34 30.05 4.21 -34.35
N ALA K 35 29.56 3.35 -33.45
CA ALA K 35 28.71 2.24 -33.85
C ALA K 35 27.92 1.79 -32.63
N ALA K 36 26.59 1.88 -32.69
CA ALA K 36 25.75 1.52 -31.57
C ALA K 36 25.62 0.01 -31.44
N ASP K 37 25.40 -0.44 -30.20
CA ASP K 37 25.18 -1.85 -29.92
C ASP K 37 23.67 -2.08 -29.92
N LYS K 38 23.17 -2.66 -31.01
CA LYS K 38 21.73 -2.78 -31.20
C LYS K 38 21.15 -3.90 -30.34
N GLU K 39 21.93 -4.95 -30.09
CA GLU K 39 21.43 -6.06 -29.29
C GLU K 39 21.20 -5.66 -27.85
N SER K 40 22.19 -5.00 -27.23
CA SER K 40 22.03 -4.57 -25.85
C SER K 40 20.97 -3.49 -25.72
N THR K 41 20.89 -2.59 -26.70
CA THR K 41 19.86 -1.56 -26.67
C THR K 41 18.47 -2.18 -26.77
N GLN K 42 18.31 -3.19 -27.62
CA GLN K 42 17.00 -3.84 -27.76
C GLN K 42 16.57 -4.51 -26.46
N LYS K 43 17.50 -5.14 -25.76
CA LYS K 43 17.17 -5.76 -24.48
C LYS K 43 16.73 -4.72 -23.47
N ALA K 44 17.40 -3.56 -23.44
CA ALA K 44 17.00 -2.49 -22.55
C ALA K 44 15.60 -1.97 -22.89
N PHE K 45 15.29 -1.89 -24.19
CA PHE K 45 13.96 -1.45 -24.60
C PHE K 45 12.89 -2.43 -24.14
N ASP K 46 13.22 -3.72 -24.01
CA ASP K 46 12.25 -4.71 -23.58
C ASP K 46 11.88 -4.54 -22.11
N CYS K 47 12.88 -4.32 -21.25
CA CYS K 47 12.59 -4.12 -19.83
C CYS K 47 11.75 -2.86 -19.62
N ILE K 48 12.11 -1.75 -20.28
CA ILE K 48 11.40 -0.50 -20.06
C ILE K 48 9.97 -0.60 -20.55
N THR K 49 9.76 -1.28 -21.68
CA THR K 49 8.40 -1.46 -22.19
C THR K 49 7.56 -2.28 -21.22
N ASN K 50 8.13 -3.34 -20.66
CA ASN K 50 7.40 -4.16 -19.70
C ASN K 50 7.26 -3.45 -18.37
N LYS K 51 8.29 -2.71 -17.96
CA LYS K 51 8.25 -2.01 -16.67
C LYS K 51 7.14 -0.97 -16.65
N VAL K 52 6.98 -0.23 -17.75
CA VAL K 52 5.91 0.77 -17.83
C VAL K 52 4.55 0.10 -17.92
N ASN K 53 4.44 -0.93 -18.77
CA ASN K 53 3.17 -1.65 -18.89
C ASN K 53 2.78 -2.31 -17.57
N SER K 54 3.77 -2.67 -16.76
CA SER K 54 3.48 -3.17 -15.42
C SER K 54 2.87 -2.08 -14.54
N VAL K 55 3.38 -0.85 -14.65
CA VAL K 55 2.88 0.24 -13.82
C VAL K 55 1.41 0.52 -14.13
N ILE K 56 1.06 0.52 -15.41
CA ILE K 56 -0.30 0.86 -15.81
C ILE K 56 -1.29 -0.19 -15.27
N GLU K 57 -0.94 -1.47 -15.43
CA GLU K 57 -1.88 -2.53 -15.09
C GLU K 57 -2.18 -2.57 -13.60
N LYS K 58 -1.17 -2.35 -12.75
CA LYS K 58 -1.37 -2.50 -11.31
C LYS K 58 -2.35 -1.47 -10.75
N MET K 59 -2.20 -0.20 -11.12
CA MET K 59 -3.13 0.84 -10.69
C MET K 59 -4.34 0.99 -11.59
N ASN K 60 -4.56 0.05 -12.51
CA ASN K 60 -5.79 0.05 -13.30
C ASN K 60 -7.02 -0.17 -12.42
N THR K 61 -6.87 -0.87 -11.30
CA THR K 61 -7.98 -1.18 -10.40
C THR K 61 -7.89 -0.31 -9.14
N GLN K 62 -7.60 0.97 -9.33
CA GLN K 62 -7.46 1.91 -8.22
C GLN K 62 -8.83 2.38 -7.74
N PHE K 63 -8.90 2.74 -6.46
CA PHE K 63 -10.13 3.22 -5.86
C PHE K 63 -10.66 4.46 -6.57
N GLU K 64 -11.98 4.52 -6.72
CA GLU K 64 -12.66 5.62 -7.40
C GLU K 64 -13.64 6.28 -6.43
N ALA K 65 -13.67 7.61 -6.46
CA ALA K 65 -14.47 8.40 -5.53
C ALA K 65 -15.82 8.74 -6.13
N VAL K 66 -16.88 8.59 -5.34
CA VAL K 66 -18.23 8.91 -5.74
C VAL K 66 -18.82 9.90 -4.74
N GLY K 67 -19.42 10.95 -5.27
CA GLY K 67 -20.01 11.98 -4.43
C GLY K 67 -21.32 11.51 -3.79
N LYS K 68 -21.51 11.89 -2.53
CA LYS K 68 -22.71 11.55 -1.78
C LYS K 68 -23.17 12.77 -1.01
N GLU K 69 -24.45 12.76 -0.65
CA GLU K 69 -25.06 13.84 0.12
C GLU K 69 -25.59 13.28 1.44
N PHE K 70 -25.35 14.02 2.51
CA PHE K 70 -25.81 13.66 3.84
C PHE K 70 -26.46 14.86 4.50
N SER K 71 -27.50 14.60 5.30
CA SER K 71 -28.22 15.68 5.96
C SER K 71 -27.41 16.24 7.13
N ASN K 72 -27.97 17.27 7.77
CA ASN K 72 -27.28 17.89 8.90
C ASN K 72 -27.29 17.00 10.14
N LEU K 73 -28.15 15.98 10.18
CA LEU K 73 -28.21 15.05 11.29
C LEU K 73 -27.37 13.79 11.05
N GLU K 74 -26.61 13.76 9.97
CA GLU K 74 -25.75 12.63 9.63
C GLU K 74 -24.29 13.05 9.56
N ARG K 75 -23.85 13.82 10.56
CA ARG K 75 -22.47 14.29 10.58
C ARG K 75 -21.49 13.14 10.73
N ARG K 76 -21.81 12.17 11.59
CA ARG K 76 -20.92 11.03 11.78
C ARG K 76 -20.80 10.21 10.49
N LEU K 77 -21.92 10.00 9.80
CA LEU K 77 -21.87 9.28 8.53
C LEU K 77 -21.12 10.07 7.48
N GLU K 78 -21.34 11.39 7.42
CA GLU K 78 -20.63 12.22 6.45
C GLU K 78 -19.13 12.26 6.73
N ASN K 79 -18.76 12.42 8.00
CA ASN K 79 -17.34 12.41 8.36
C ASN K 79 -16.72 11.04 8.08
N LEU K 80 -17.45 9.97 8.36
CA LEU K 80 -16.95 8.63 8.10
C LEU K 80 -16.72 8.41 6.60
N ASN K 81 -17.66 8.87 5.78
CA ASN K 81 -17.48 8.75 4.33
C ASN K 81 -16.32 9.60 3.84
N LYS K 82 -16.15 10.80 4.42
CA LYS K 82 -15.05 11.67 4.01
C LYS K 82 -13.70 11.05 4.32
N LYS K 83 -13.54 10.47 5.52
CA LYS K 83 -12.26 9.88 5.89
C LYS K 83 -11.95 8.63 5.09
N MET K 84 -12.98 7.90 4.64
CA MET K 84 -12.75 6.74 3.81
C MET K 84 -12.13 7.14 2.47
N GLU K 85 -12.74 8.13 1.80
CA GLU K 85 -12.22 8.56 0.51
C GLU K 85 -10.86 9.21 0.64
N ASP K 86 -10.68 10.08 1.64
CA ASP K 86 -9.38 10.72 1.84
C ASP K 86 -8.31 9.68 2.17
N GLY K 87 -8.65 8.69 2.99
CA GLY K 87 -7.68 7.66 3.33
C GLY K 87 -7.25 6.83 2.14
N PHE K 88 -8.21 6.45 1.29
CA PHE K 88 -7.89 5.66 0.11
C PHE K 88 -7.07 6.46 -0.89
N LEU K 89 -7.39 7.73 -1.08
CA LEU K 89 -6.62 8.57 -1.99
C LEU K 89 -5.21 8.81 -1.46
N ASP K 90 -5.03 8.78 -0.14
CA ASP K 90 -3.70 8.91 0.42
C ASP K 90 -2.87 7.64 0.23
N VAL K 91 -3.51 6.47 0.33
CA VAL K 91 -2.81 5.21 0.14
C VAL K 91 -2.35 5.07 -1.31
N TRP K 92 -3.23 5.39 -2.26
CA TRP K 92 -2.89 5.21 -3.66
C TRP K 92 -1.94 6.30 -4.16
N THR K 93 -2.01 7.50 -3.59
CA THR K 93 -1.01 8.52 -3.91
C THR K 93 0.37 8.10 -3.44
N TYR K 94 0.45 7.51 -2.25
CA TYR K 94 1.73 7.02 -1.76
C TYR K 94 2.29 5.92 -2.66
N ASN K 95 1.42 5.01 -3.11
CA ASN K 95 1.87 3.92 -3.97
C ASN K 95 2.36 4.44 -5.32
N ALA K 96 1.66 5.42 -5.88
CA ALA K 96 2.06 5.94 -7.19
C ALA K 96 3.39 6.69 -7.10
N GLU K 97 3.57 7.52 -6.07
CA GLU K 97 4.82 8.25 -5.91
C GLU K 97 5.97 7.30 -5.62
N LEU K 98 5.75 6.31 -4.75
CA LEU K 98 6.83 5.40 -4.37
C LEU K 98 7.25 4.51 -5.53
N LEU K 99 6.28 4.06 -6.34
CA LEU K 99 6.63 3.20 -7.46
C LEU K 99 7.49 3.92 -8.48
N VAL K 100 7.19 5.20 -8.73
CA VAL K 100 7.97 5.98 -9.69
C VAL K 100 9.38 6.21 -9.16
N LEU K 101 9.50 6.53 -7.88
CA LEU K 101 10.83 6.73 -7.28
C LEU K 101 11.64 5.44 -7.31
N MET K 102 10.99 4.32 -7.00
CA MET K 102 11.70 3.04 -6.95
C MET K 102 12.10 2.57 -8.35
N GLU K 103 11.23 2.77 -9.34
CA GLU K 103 11.55 2.31 -10.68
C GLU K 103 12.60 3.20 -11.34
N ASN K 104 12.61 4.50 -11.02
CA ASN K 104 13.65 5.38 -11.56
C ASN K 104 15.03 4.97 -11.06
N GLU K 105 15.12 4.59 -9.78
CA GLU K 105 16.39 4.09 -9.25
C GLU K 105 16.80 2.81 -9.95
N ARG K 106 15.84 1.92 -10.21
CA ARG K 106 16.15 0.68 -10.92
C ARG K 106 16.56 0.94 -12.36
N THR K 107 15.82 1.81 -13.06
CA THR K 107 16.10 2.05 -14.47
C THR K 107 17.48 2.67 -14.67
N LEU K 108 17.84 3.66 -13.85
CA LEU K 108 19.17 4.24 -13.95
C LEU K 108 20.26 3.24 -13.62
N ASP K 109 20.02 2.39 -12.61
CA ASP K 109 21.00 1.37 -12.25
C ASP K 109 21.06 0.26 -13.30
N PHE K 110 19.92 -0.04 -13.93
CA PHE K 110 19.91 -1.05 -14.98
C PHE K 110 20.77 -0.63 -16.17
N HIS K 111 20.70 0.66 -16.54
CA HIS K 111 21.54 1.16 -17.62
C HIS K 111 23.02 1.12 -17.24
N ASP K 112 23.31 1.38 -15.97
CA ASP K 112 24.70 1.32 -15.49
C ASP K 112 25.25 -0.09 -15.61
N SER K 113 24.41 -1.10 -15.36
CA SER K 113 24.88 -2.48 -15.43
C SER K 113 25.18 -2.89 -16.88
N ASN K 114 24.43 -2.35 -17.84
CA ASN K 114 24.61 -2.75 -19.23
C ASN K 114 25.98 -2.36 -19.76
N VAL K 115 26.48 -1.19 -19.39
CA VAL K 115 27.79 -0.75 -19.87
C VAL K 115 28.89 -1.58 -19.22
N LYS K 116 28.78 -1.83 -17.92
CA LYS K 116 29.77 -2.67 -17.25
C LYS K 116 29.80 -4.06 -17.85
N ASN K 117 28.64 -4.63 -18.15
CA ASN K 117 28.59 -5.92 -18.82
C ASN K 117 29.20 -5.83 -20.21
N LEU K 118 28.89 -4.77 -20.95
CA LEU K 118 29.42 -4.60 -22.30
C LEU K 118 30.92 -4.34 -22.26
N TYR K 119 31.39 -3.61 -21.25
CA TYR K 119 32.83 -3.42 -21.09
C TYR K 119 33.52 -4.73 -20.74
N ASP K 120 32.91 -5.53 -19.86
CA ASP K 120 33.51 -6.79 -19.48
C ASP K 120 33.47 -7.79 -20.62
N LYS K 121 32.42 -7.75 -21.45
CA LYS K 121 32.33 -8.66 -22.58
C LYS K 121 33.50 -8.48 -23.54
N VAL K 122 33.88 -7.23 -23.81
CA VAL K 122 35.03 -6.98 -24.67
C VAL K 122 36.33 -7.38 -23.96
N ARG K 123 36.44 -7.07 -22.67
CA ARG K 123 37.67 -7.35 -21.95
C ARG K 123 37.96 -8.84 -21.88
N MET K 124 36.95 -9.65 -21.56
CA MET K 124 37.14 -11.10 -21.44
C MET K 124 37.34 -11.77 -22.79
N GLN K 125 37.08 -11.06 -23.88
CA GLN K 125 37.31 -11.60 -25.22
C GLN K 125 38.65 -11.16 -25.81
N LEU K 126 39.18 -10.02 -25.37
CA LEU K 126 40.48 -9.52 -25.78
C LEU K 126 41.52 -9.73 -24.69
N ARG K 127 41.46 -10.89 -24.02
CA ARG K 127 42.15 -11.13 -22.75
C ARG K 127 43.54 -10.51 -22.67
N ASP K 128 44.39 -10.80 -23.65
CA ASP K 128 45.80 -10.42 -23.57
C ASP K 128 46.26 -9.63 -24.79
N ASN K 129 45.56 -9.72 -25.91
CA ASN K 129 46.00 -9.07 -27.14
C ASN K 129 45.80 -7.56 -27.13
N VAL K 130 45.16 -7.01 -26.11
CA VAL K 130 44.98 -5.57 -26.00
C VAL K 130 45.55 -5.10 -24.66
N LYS K 131 45.64 -3.78 -24.54
CA LYS K 131 46.07 -3.13 -23.31
C LYS K 131 44.92 -2.29 -22.77
N GLU K 132 44.60 -2.47 -21.48
CA GLU K 132 43.48 -1.80 -20.85
C GLU K 132 43.94 -0.44 -20.34
N LEU K 133 43.40 0.64 -20.92
CA LEU K 133 43.80 1.99 -20.52
C LEU K 133 43.10 2.46 -19.26
N GLY K 134 42.04 1.79 -18.83
CA GLY K 134 41.35 2.16 -17.61
C GLY K 134 40.31 3.24 -17.75
N ASN K 135 40.11 3.81 -18.94
CA ASN K 135 39.09 4.83 -19.17
C ASN K 135 38.01 4.32 -20.11
N GLY K 136 37.74 3.02 -20.08
CA GLY K 136 36.76 2.42 -20.96
C GLY K 136 37.26 2.09 -22.35
N CYS K 137 38.55 2.21 -22.61
CA CYS K 137 39.12 2.00 -23.92
C CYS K 137 40.18 0.90 -23.88
N PHE K 138 40.30 0.17 -24.99
CA PHE K 138 41.29 -0.88 -25.14
C PHE K 138 42.21 -0.52 -26.30
N GLU K 139 43.51 -0.72 -26.10
CA GLU K 139 44.51 -0.44 -27.12
C GLU K 139 45.13 -1.75 -27.57
N PHE K 140 45.10 -2.01 -28.88
CA PHE K 140 45.55 -3.28 -29.42
C PHE K 140 47.07 -3.33 -29.50
N TYR K 141 47.63 -4.51 -29.24
CA TYR K 141 49.05 -4.75 -29.42
C TYR K 141 49.40 -5.21 -30.83
N HIS K 142 48.40 -5.40 -31.69
CA HIS K 142 48.58 -5.80 -33.07
C HIS K 142 47.82 -4.83 -33.98
N LYS K 143 47.73 -5.19 -35.26
CA LYS K 143 46.97 -4.39 -36.22
C LYS K 143 45.57 -4.96 -36.35
N CYS K 144 44.58 -4.13 -36.04
CA CYS K 144 43.17 -4.54 -36.03
C CYS K 144 42.42 -3.66 -37.02
N ASP K 145 42.21 -4.17 -38.23
CA ASP K 145 41.54 -3.42 -39.28
C ASP K 145 40.03 -3.44 -39.06
N ASP K 146 39.29 -2.96 -40.06
CA ASP K 146 37.83 -2.87 -39.93
C ASP K 146 37.20 -4.26 -39.77
N GLU K 147 37.73 -5.25 -40.47
CA GLU K 147 37.24 -6.61 -40.31
C GLU K 147 37.54 -7.13 -38.90
N CYS K 148 38.69 -6.75 -38.35
CA CYS K 148 39.03 -7.15 -36.98
C CYS K 148 38.18 -6.39 -35.97
N MET K 149 37.96 -5.09 -36.20
CA MET K 149 37.12 -4.32 -35.29
C MET K 149 35.69 -4.84 -35.29
N ASN K 150 35.16 -5.20 -36.46
CA ASN K 150 33.79 -5.68 -36.54
C ASN K 150 33.63 -7.01 -35.79
N SER K 151 34.69 -7.82 -35.76
CA SER K 151 34.62 -9.07 -35.01
C SER K 151 34.46 -8.84 -33.52
N VAL K 152 35.14 -7.82 -33.00
CA VAL K 152 35.02 -7.48 -31.58
C VAL K 152 33.61 -6.99 -31.27
N LYS K 153 33.01 -6.23 -32.20
CA LYS K 153 31.71 -5.65 -31.95
C LYS K 153 30.61 -6.71 -31.86
N ASN K 154 30.71 -7.77 -32.66
CA ASN K 154 29.70 -8.82 -32.68
C ASN K 154 30.16 -10.10 -31.99
N GLY K 155 31.19 -10.01 -31.14
CA GLY K 155 31.61 -11.14 -30.33
C GLY K 155 32.12 -12.35 -31.08
N THR K 156 33.00 -12.13 -32.06
CA THR K 156 33.63 -13.22 -32.81
C THR K 156 35.13 -12.97 -32.96
N TYR K 157 35.76 -12.46 -31.91
CA TYR K 157 37.20 -12.19 -31.97
C TYR K 157 37.99 -13.50 -32.01
N ASP K 158 38.99 -13.55 -32.88
CA ASP K 158 39.84 -14.73 -33.05
C ASP K 158 41.13 -14.48 -32.28
N TYR K 159 41.12 -14.81 -30.99
CA TYR K 159 42.31 -14.62 -30.15
C TYR K 159 43.51 -15.42 -30.64
N PRO K 160 43.41 -16.71 -30.97
CA PRO K 160 44.60 -17.43 -31.44
C PRO K 160 45.22 -16.85 -32.70
N LYS K 161 44.42 -16.20 -33.55
CA LYS K 161 44.96 -15.65 -34.79
C LYS K 161 45.99 -14.56 -34.50
N TYR K 162 45.70 -13.67 -33.55
CA TYR K 162 46.60 -12.58 -33.20
C TYR K 162 47.41 -12.87 -31.94
N GLU K 163 47.34 -14.09 -31.41
CA GLU K 163 48.05 -14.41 -30.17
C GLU K 163 49.55 -14.28 -30.34
N GLU K 164 50.08 -14.81 -31.45
CA GLU K 164 51.53 -14.78 -31.66
C GLU K 164 52.02 -13.35 -31.90
N GLU K 165 51.32 -12.60 -32.75
CA GLU K 165 51.75 -11.25 -33.08
C GLU K 165 51.71 -10.33 -31.87
N SER K 166 50.66 -10.45 -31.05
CA SER K 166 50.48 -9.53 -29.93
C SER K 166 51.61 -9.64 -28.92
N LYS K 167 52.05 -10.86 -28.62
CA LYS K 167 53.07 -11.04 -27.58
C LYS K 167 54.43 -10.55 -28.03
N LEU K 168 54.70 -10.56 -29.33
CA LEU K 168 55.98 -10.02 -29.82
C LEU K 168 56.08 -8.53 -29.56
N ASN K 169 55.01 -7.78 -29.81
CA ASN K 169 55.03 -6.34 -29.53
C ASN K 169 54.88 -6.05 -28.05
N ARG K 170 54.12 -6.89 -27.32
CA ARG K 170 53.94 -6.65 -25.89
C ARG K 170 55.26 -6.79 -25.13
N ASN K 171 56.05 -7.82 -25.47
CA ASN K 171 57.32 -8.02 -24.78
C ASN K 171 58.29 -6.87 -25.05
N GLU K 172 58.36 -6.41 -26.29
CA GLU K 172 59.25 -5.32 -26.65
C GLU K 172 58.64 -4.44 -27.73
N GLN L 1 -2.66 -6.80 -29.09
CA GLN L 1 -3.64 -5.76 -29.42
C GLN L 1 -2.93 -4.44 -29.73
N VAL L 2 -2.36 -4.36 -30.93
CA VAL L 2 -1.68 -3.16 -31.41
C VAL L 2 -2.27 -2.79 -32.76
N GLN L 3 -2.71 -1.54 -32.90
CA GLN L 3 -3.31 -1.06 -34.14
C GLN L 3 -2.70 0.28 -34.49
N LEU L 4 -2.51 0.50 -35.79
CA LEU L 4 -2.00 1.76 -36.32
C LEU L 4 -3.09 2.44 -37.14
N VAL L 5 -3.40 3.67 -36.80
CA VAL L 5 -4.43 4.45 -37.49
C VAL L 5 -3.74 5.55 -38.30
N GLN L 6 -4.15 5.69 -39.55
CA GLN L 6 -3.59 6.68 -40.46
C GLN L 6 -4.61 7.77 -40.74
N SER L 7 -4.20 8.73 -41.57
CA SER L 7 -5.09 9.79 -41.99
C SER L 7 -6.07 9.27 -43.04
N GLY L 8 -6.91 10.16 -43.55
CA GLY L 8 -7.85 9.82 -44.59
C GLY L 8 -7.26 9.95 -45.98
N ALA L 9 -8.08 9.60 -46.96
CA ALA L 9 -7.66 9.74 -48.35
C ALA L 9 -7.54 11.22 -48.72
N GLU L 10 -6.59 11.51 -49.61
CA GLU L 10 -6.30 12.88 -50.00
C GLU L 10 -6.21 12.98 -51.52
N VAL L 11 -6.58 14.15 -52.03
CA VAL L 11 -6.42 14.49 -53.44
C VAL L 11 -5.51 15.71 -53.53
N LYS L 12 -4.54 15.65 -54.43
CA LYS L 12 -3.55 16.70 -54.57
C LYS L 12 -3.31 17.01 -56.03
N LYS L 13 -2.49 18.02 -56.27
CA LYS L 13 -2.11 18.47 -57.60
C LYS L 13 -0.59 18.53 -57.69
N PRO L 14 -0.01 18.25 -58.86
CA PRO L 14 1.45 18.31 -58.99
C PRO L 14 2.00 19.65 -58.53
N GLY L 15 3.10 19.59 -57.80
CA GLY L 15 3.71 20.76 -57.21
C GLY L 15 3.39 20.99 -55.75
N SER L 16 2.43 20.25 -55.20
CA SER L 16 2.04 20.38 -53.80
C SER L 16 2.72 19.29 -52.96
N SER L 17 2.45 19.33 -51.66
CA SER L 17 2.98 18.37 -50.71
C SER L 17 1.84 17.57 -50.09
N VAL L 18 2.21 16.48 -49.41
CA VAL L 18 1.25 15.61 -48.74
C VAL L 18 1.76 15.33 -47.32
N LYS L 19 0.81 15.28 -46.38
CA LYS L 19 1.10 15.05 -44.97
C LYS L 19 0.28 13.86 -44.49
N VAL L 20 0.91 12.70 -44.38
CA VAL L 20 0.25 11.48 -43.93
C VAL L 20 0.77 11.14 -42.55
N SER L 21 -0.14 10.97 -41.61
CA SER L 21 0.21 10.63 -40.23
C SER L 21 -0.08 9.17 -39.94
N CYS L 22 0.47 8.69 -38.83
CA CYS L 22 0.26 7.31 -38.40
C CYS L 22 0.43 7.26 -36.88
N LYS L 23 -0.68 7.16 -36.16
CA LYS L 23 -0.66 7.11 -34.70
C LYS L 23 -0.64 5.65 -34.26
N THR L 24 0.27 5.34 -33.34
CA THR L 24 0.43 3.99 -32.81
C THR L 24 -0.07 3.95 -31.37
N SER L 25 -0.88 2.95 -31.06
CA SER L 25 -1.42 2.75 -29.73
C SER L 25 -0.77 1.52 -29.10
N GLY L 26 -1.24 1.16 -27.90
CA GLY L 26 -0.72 0.02 -27.17
C GLY L 26 0.33 0.34 -26.14
N GLY L 27 0.63 1.61 -25.92
CA GLY L 27 1.63 1.99 -24.93
C GLY L 27 1.71 3.49 -24.81
N ILE L 28 2.39 3.93 -23.75
CA ILE L 28 2.54 5.36 -23.51
C ILE L 28 3.45 5.97 -24.56
N PHE L 29 4.59 5.34 -24.83
CA PHE L 29 5.57 5.88 -25.76
C PHE L 29 5.92 4.84 -26.80
N ARG L 30 6.29 5.32 -27.99
CA ARG L 30 6.62 4.43 -29.09
C ARG L 30 7.94 3.72 -28.82
N SER L 31 7.94 2.39 -29.00
CA SER L 31 9.11 1.58 -28.76
C SER L 31 9.62 0.87 -30.00
N ASN L 32 8.90 0.92 -31.12
CA ASN L 32 9.31 0.25 -32.35
C ASN L 32 9.44 1.26 -33.48
N ALA L 33 10.41 1.02 -34.34
CA ALA L 33 10.60 1.87 -35.51
C ALA L 33 9.42 1.72 -36.46
N ILE L 34 9.07 2.81 -37.12
CA ILE L 34 7.95 2.84 -38.07
C ILE L 34 8.49 3.26 -39.43
N SER L 35 8.14 2.49 -40.46
CA SER L 35 8.56 2.74 -41.83
C SER L 35 7.35 3.01 -42.71
N TRP L 36 7.62 3.51 -43.91
CA TRP L 36 6.57 3.86 -44.86
C TRP L 36 6.85 3.13 -46.17
N VAL L 37 5.84 2.42 -46.68
CA VAL L 37 5.92 1.71 -47.94
C VAL L 37 4.67 2.02 -48.75
N ARG L 38 4.84 2.15 -50.06
CA ARG L 38 3.76 2.56 -50.94
C ARG L 38 3.56 1.52 -52.04
N GLN L 39 2.34 1.44 -52.57
CA GLN L 39 1.99 0.55 -53.66
C GLN L 39 1.23 1.34 -54.71
N ALA L 40 1.87 1.61 -55.84
CA ALA L 40 1.19 2.21 -56.98
C ALA L 40 0.39 1.13 -57.71
N PRO L 41 -0.88 1.37 -58.03
CA PRO L 41 -1.67 0.34 -58.71
C PRO L 41 -1.00 -0.11 -60.00
N GLY L 42 -0.93 -1.43 -60.18
CA GLY L 42 -0.18 -2.02 -61.26
C GLY L 42 1.30 -2.20 -60.98
N GLN L 43 1.78 -1.79 -59.81
CA GLN L 43 3.17 -1.90 -59.42
C GLN L 43 3.25 -2.50 -58.02
N GLY L 44 4.42 -3.04 -57.68
CA GLY L 44 4.63 -3.67 -56.40
C GLY L 44 4.95 -2.68 -55.29
N LEU L 45 5.02 -3.22 -54.07
CA LEU L 45 5.34 -2.41 -52.91
C LEU L 45 6.77 -1.90 -52.99
N GLU L 46 6.97 -0.64 -52.59
CA GLU L 46 8.29 -0.02 -52.58
C GLU L 46 8.54 0.57 -51.19
N TRP L 47 9.77 0.44 -50.72
CA TRP L 47 10.15 1.00 -49.42
C TRP L 47 10.59 2.45 -49.56
N MET L 48 10.05 3.31 -48.71
CA MET L 48 10.35 4.73 -48.75
C MET L 48 11.34 5.15 -47.68
N GLY L 49 11.06 4.88 -46.42
CA GLY L 49 11.97 5.23 -45.35
C GLY L 49 11.38 4.86 -44.01
N GLY L 50 12.15 5.13 -42.95
CA GLY L 50 11.71 4.82 -41.61
C GLY L 50 12.44 5.67 -40.59
N VAL L 51 11.94 5.62 -39.35
CA VAL L 51 12.47 6.42 -38.26
C VAL L 51 12.66 5.52 -37.03
N VAL L 52 13.81 5.68 -36.36
CA VAL L 52 14.09 4.91 -35.15
C VAL L 52 13.16 5.37 -34.03
N ALA L 53 12.93 4.48 -33.05
CA ALA L 53 11.85 4.68 -32.08
C ALA L 53 12.06 5.94 -31.24
N ILE L 54 13.09 5.95 -30.39
CA ILE L 54 13.30 7.06 -29.47
C ILE L 54 14.29 8.08 -30.01
N PHE L 55 15.39 7.65 -30.60
CA PHE L 55 16.44 8.56 -31.03
C PHE L 55 16.08 9.37 -32.27
N GLY L 56 15.05 8.97 -33.01
CA GLY L 56 14.58 9.75 -34.13
C GLY L 56 15.44 9.72 -35.36
N THR L 57 16.46 8.87 -35.41
CA THR L 57 17.28 8.74 -36.61
C THR L 57 16.43 8.20 -37.76
N THR L 58 16.60 8.80 -38.93
CA THR L 58 15.79 8.47 -40.10
C THR L 58 16.67 7.98 -41.23
N ASN L 59 16.19 6.95 -41.93
CA ASN L 59 16.85 6.41 -43.11
C ASN L 59 15.87 6.45 -44.27
N TYR L 60 16.36 6.84 -45.44
CA TYR L 60 15.53 6.97 -46.64
C TYR L 60 16.14 6.16 -47.77
N ALA L 61 15.27 5.66 -48.65
CA ALA L 61 15.72 4.95 -49.83
C ALA L 61 16.34 5.92 -50.83
N GLN L 62 17.36 5.47 -51.55
CA GLN L 62 18.08 6.33 -52.47
C GLN L 62 17.17 6.89 -53.56
N ASN L 63 16.10 6.17 -53.91
CA ASN L 63 15.18 6.68 -54.92
C ASN L 63 14.47 7.94 -54.45
N PHE L 64 14.11 8.01 -53.18
CA PHE L 64 13.28 9.07 -52.65
C PHE L 64 14.05 10.06 -51.77
N GLN L 65 15.37 10.02 -51.78
CA GLN L 65 16.14 10.99 -51.01
C GLN L 65 15.95 12.39 -51.58
N GLY L 66 15.74 13.35 -50.68
CA GLY L 66 15.48 14.72 -51.07
C GLY L 66 14.02 15.05 -51.32
N ARG L 67 13.13 14.06 -51.28
CA ARG L 67 11.71 14.29 -51.50
C ARG L 67 10.83 13.85 -50.34
N VAL L 68 11.30 12.94 -49.49
CA VAL L 68 10.50 12.42 -48.38
C VAL L 68 11.17 12.85 -47.08
N THR L 69 10.35 13.24 -46.10
CA THR L 69 10.82 13.68 -44.79
C THR L 69 9.94 13.07 -43.72
N ILE L 70 10.48 12.10 -42.98
CA ILE L 70 9.75 11.41 -41.93
C ILE L 70 10.15 12.02 -40.59
N THR L 71 9.16 12.46 -39.83
CA THR L 71 9.37 13.06 -38.52
C THR L 71 8.38 12.46 -37.53
N ALA L 72 8.77 12.44 -36.26
CA ALA L 72 7.92 11.92 -35.21
C ALA L 72 8.01 12.83 -34.00
N ASP L 73 6.91 12.91 -33.25
CA ASP L 73 6.85 13.65 -31.98
C ASP L 73 6.71 12.65 -30.85
N GLU L 74 7.65 12.69 -29.91
CA GLU L 74 7.63 11.73 -28.80
C GLU L 74 6.44 11.96 -27.89
N SER L 75 5.91 13.19 -27.86
CA SER L 75 4.79 13.50 -26.97
C SER L 75 3.52 12.74 -27.36
N SER L 76 3.22 12.70 -28.66
CA SER L 76 1.98 12.11 -29.14
C SER L 76 2.16 10.73 -29.78
N SER L 77 3.40 10.24 -29.87
CA SER L 77 3.68 8.93 -30.48
C SER L 77 3.12 8.83 -31.89
N THR L 78 3.28 9.90 -32.66
CA THR L 78 2.80 9.98 -34.02
C THR L 78 3.97 10.11 -34.99
N VAL L 79 3.85 9.47 -36.15
CA VAL L 79 4.86 9.53 -37.19
C VAL L 79 4.23 10.17 -38.43
N TYR L 80 4.89 11.16 -38.98
CA TYR L 80 4.42 11.88 -40.16
C TYR L 80 5.36 11.67 -41.32
N MET L 81 4.82 11.77 -42.53
CA MET L 81 5.58 11.68 -43.76
C MET L 81 5.26 12.88 -44.63
N GLU L 82 6.29 13.47 -45.23
CA GLU L 82 6.14 14.68 -46.05
C GLU L 82 6.80 14.44 -47.41
N LEU L 83 6.01 14.02 -48.38
CA LEU L 83 6.49 13.84 -49.74
C LEU L 83 6.17 15.10 -50.53
N SER L 84 7.21 15.81 -50.96
CA SER L 84 7.07 17.09 -51.66
C SER L 84 7.41 16.92 -53.13
N ARG L 85 7.15 17.98 -53.89
CA ARG L 85 7.37 18.01 -55.34
C ARG L 85 6.64 16.85 -56.02
N LEU L 86 5.33 16.80 -55.80
CA LEU L 86 4.51 15.75 -56.39
C LEU L 86 4.52 15.86 -57.92
N ARG L 87 4.59 14.71 -58.58
CA ARG L 87 4.60 14.64 -60.03
C ARG L 87 3.73 13.47 -60.46
N SER L 88 3.80 13.14 -61.74
CA SER L 88 3.05 12.00 -62.26
C SER L 88 3.60 10.70 -61.69
N GLU L 89 2.73 9.69 -61.62
CA GLU L 89 3.04 8.36 -61.09
C GLU L 89 3.35 8.39 -59.60
N ASP L 90 2.93 9.44 -58.88
CA ASP L 90 3.00 9.45 -57.44
C ASP L 90 1.71 9.00 -56.78
N THR L 91 0.73 8.58 -57.57
CA THR L 91 -0.51 8.03 -57.03
C THR L 91 -0.26 6.62 -56.53
N ALA L 92 -0.50 6.39 -55.25
CA ALA L 92 -0.25 5.09 -54.63
C ALA L 92 -0.94 5.05 -53.28
N VAL L 93 -0.95 3.86 -52.68
CA VAL L 93 -1.49 3.66 -51.34
C VAL L 93 -0.31 3.55 -50.38
N TYR L 94 -0.29 4.41 -49.37
CA TYR L 94 0.81 4.51 -48.43
C TYR L 94 0.43 3.82 -47.11
N TYR L 95 1.28 2.91 -46.66
CA TYR L 95 1.09 2.21 -45.40
C TYR L 95 2.21 2.58 -44.44
N CYS L 96 1.89 2.59 -43.15
CA CYS L 96 2.88 2.72 -42.10
C CYS L 96 3.05 1.37 -41.42
N ALA L 97 4.27 0.85 -41.45
CA ALA L 97 4.55 -0.48 -40.93
C ALA L 97 5.41 -0.37 -39.67
N ARG L 98 5.07 -1.16 -38.66
CA ARG L 98 5.78 -1.14 -37.39
C ARG L 98 6.80 -2.27 -37.36
N HIS L 99 8.05 -1.92 -37.08
CA HIS L 99 9.12 -2.89 -37.07
C HIS L 99 9.05 -3.76 -35.81
N SER L 100 9.75 -4.91 -35.87
CA SER L 100 9.80 -5.81 -34.74
C SER L 100 10.70 -5.30 -33.62
N GLY L 101 11.52 -4.29 -33.88
CA GLY L 101 12.41 -3.75 -32.87
C GLY L 101 12.46 -2.23 -32.90
N TYR L 102 13.36 -1.65 -32.13
CA TYR L 102 13.47 -0.19 -32.07
C TYR L 102 14.18 0.39 -33.28
N HIS L 103 14.90 -0.42 -34.04
CA HIS L 103 15.71 0.06 -35.15
C HIS L 103 15.19 -0.48 -36.48
N ILE L 104 15.53 0.22 -37.55
CA ILE L 104 15.10 -0.18 -38.88
C ILE L 104 15.82 -1.45 -39.31
N THR L 105 17.13 -1.52 -39.06
CA THR L 105 17.92 -2.62 -39.58
C THR L 105 17.58 -3.92 -38.88
N ASN L 106 17.59 -5.01 -39.66
CA ASN L 106 17.39 -6.37 -39.15
C ASN L 106 16.05 -6.53 -38.44
N THR L 107 15.03 -5.81 -38.89
CA THR L 107 13.71 -5.90 -38.29
C THR L 107 12.67 -6.03 -39.39
N PHE L 108 11.61 -6.78 -39.10
CA PHE L 108 10.51 -7.02 -40.02
C PHE L 108 9.27 -6.28 -39.54
N PHE L 109 8.30 -6.15 -40.45
CA PHE L 109 7.09 -5.38 -40.18
C PHE L 109 6.08 -6.26 -39.44
N ASP L 110 5.91 -6.02 -38.14
CA ASP L 110 4.91 -6.76 -37.38
C ASP L 110 3.50 -6.43 -37.83
N TYR L 111 3.17 -5.14 -37.90
CA TYR L 111 1.81 -4.69 -38.17
C TYR L 111 1.83 -3.61 -39.23
N TRP L 112 0.71 -3.51 -39.95
CA TRP L 112 0.58 -2.56 -41.05
C TRP L 112 -0.65 -1.70 -40.83
N GLY L 113 -0.58 -0.46 -41.29
CA GLY L 113 -1.75 0.39 -41.30
C GLY L 113 -2.70 0.03 -42.43
N GLN L 114 -3.95 0.50 -42.28
CA GLN L 114 -4.96 0.17 -43.28
C GLN L 114 -4.62 0.77 -44.64
N GLY L 115 -3.92 1.90 -44.65
CA GLY L 115 -3.49 2.51 -45.89
C GLY L 115 -4.24 3.77 -46.25
N THR L 116 -3.57 4.68 -46.96
CA THR L 116 -4.17 5.92 -47.42
C THR L 116 -3.94 6.05 -48.92
N LEU L 117 -4.99 6.42 -49.64
CA LEU L 117 -4.92 6.58 -51.08
C LEU L 117 -4.70 8.05 -51.39
N VAL L 118 -3.60 8.35 -52.07
CA VAL L 118 -3.23 9.72 -52.44
C VAL L 118 -3.09 9.78 -53.96
N THR L 119 -3.79 10.72 -54.58
CA THR L 119 -3.78 10.89 -56.02
C THR L 119 -3.33 12.29 -56.39
N VAL L 120 -2.68 12.41 -57.53
CA VAL L 120 -2.21 13.71 -58.02
C VAL L 120 -2.84 14.02 -59.38
#